data_5B5J
# 
_entry.id   5B5J 
# 
_audit_conform.dict_name       mmcif_pdbx.dic 
_audit_conform.dict_version    5.397 
_audit_conform.dict_location   http://mmcif.pdb.org/dictionaries/ascii/mmcif_pdbx.dic 
# 
loop_
_database_2.database_id 
_database_2.database_code 
_database_2.pdbx_database_accession 
_database_2.pdbx_DOI 
PDB   5B5J         pdb_00005b5j 10.2210/pdb5b5j/pdb 
WWPDB D_1300000565 ?            ?                   
# 
loop_
_pdbx_audit_revision_history.ordinal 
_pdbx_audit_revision_history.data_content_type 
_pdbx_audit_revision_history.major_revision 
_pdbx_audit_revision_history.minor_revision 
_pdbx_audit_revision_history.revision_date 
1 'Structure model' 1 0 2017-06-28 
2 'Structure model' 1 1 2024-10-16 
# 
_pdbx_audit_revision_details.ordinal             1 
_pdbx_audit_revision_details.revision_ordinal    1 
_pdbx_audit_revision_details.data_content_type   'Structure model' 
_pdbx_audit_revision_details.provider            repository 
_pdbx_audit_revision_details.type                'Initial release' 
_pdbx_audit_revision_details.description         ? 
_pdbx_audit_revision_details.details             ? 
# 
loop_
_pdbx_audit_revision_group.ordinal 
_pdbx_audit_revision_group.revision_ordinal 
_pdbx_audit_revision_group.data_content_type 
_pdbx_audit_revision_group.group 
1 2 'Structure model' 'Data collection'      
2 2 'Structure model' 'Database references'  
3 2 'Structure model' 'Derived calculations' 
4 2 'Structure model' 'Structure summary'    
# 
loop_
_pdbx_audit_revision_category.ordinal 
_pdbx_audit_revision_category.revision_ordinal 
_pdbx_audit_revision_category.data_content_type 
_pdbx_audit_revision_category.category 
1 2 'Structure model' chem_comp_atom            
2 2 'Structure model' chem_comp_bond            
3 2 'Structure model' database_2                
4 2 'Structure model' pdbx_entry_details        
5 2 'Structure model' pdbx_modification_feature 
6 2 'Structure model' pdbx_struct_conn_angle    
7 2 'Structure model' struct_conn               
# 
loop_
_pdbx_audit_revision_item.ordinal 
_pdbx_audit_revision_item.revision_ordinal 
_pdbx_audit_revision_item.data_content_type 
_pdbx_audit_revision_item.item 
1  2 'Structure model' '_database_2.pdbx_DOI'                      
2  2 'Structure model' '_database_2.pdbx_database_accession'       
3  2 'Structure model' '_pdbx_struct_conn_angle.ptnr1_auth_seq_id' 
4  2 'Structure model' '_pdbx_struct_conn_angle.ptnr1_symmetry'    
5  2 'Structure model' '_pdbx_struct_conn_angle.ptnr3_auth_seq_id' 
6  2 'Structure model' '_pdbx_struct_conn_angle.ptnr3_symmetry'    
7  2 'Structure model' '_pdbx_struct_conn_angle.value'             
8  2 'Structure model' '_struct_conn.pdbx_dist_value'              
9  2 'Structure model' '_struct_conn.ptnr2_auth_seq_id'            
10 2 'Structure model' '_struct_conn.ptnr2_symmetry'               
# 
loop_
_database_PDB_caveat.id 
_database_PDB_caveat.text 
1 'UTX A 201 HAS WRONG CHIRALITY AT ATOM C3' 
2 'UTX A 201 HAS WRONG CHIRALITY AT ATOM C2' 
3 'UTX A 202 HAS WRONG CHIRALITY AT ATOM C3' 
4 'UTX A 202 HAS WRONG CHIRALITY AT ATOM C2' 
# 
_pdbx_database_status.status_code                     REL 
_pdbx_database_status.status_code_sf                  REL 
_pdbx_database_status.status_code_mr                  ? 
_pdbx_database_status.entry_id                        5B5J 
_pdbx_database_status.recvd_initial_deposition_date   2016-05-11 
_pdbx_database_status.SG_entry                        N 
_pdbx_database_status.deposit_site                    PDBJ 
_pdbx_database_status.process_site                    PDBJ 
_pdbx_database_status.status_code_cs                  ? 
_pdbx_database_status.methods_development_category    ? 
_pdbx_database_status.pdb_format_compatible           Y 
_pdbx_database_status.status_code_nmr_data            ? 
# 
_audit_author.name           'Morimoto, Y.' 
_audit_author.pdbx_ordinal   1 
# 
_citation.abstract                  ? 
_citation.abstract_id_CAS           ? 
_citation.book_id_ISBN              ? 
_citation.book_publisher            ? 
_citation.book_publisher_city       ? 
_citation.book_title                ? 
_citation.coordinate_linkage        ? 
_citation.country                   US 
_citation.database_id_Medline       ? 
_citation.details                   ? 
_citation.id                        primary 
_citation.journal_abbrev            'J Pharm Sci' 
_citation.journal_id_ASTM           JPMSAE 
_citation.journal_id_CSD            0083 
_citation.journal_id_ISSN           1520-6017 
_citation.journal_full              ? 
_citation.journal_issue             ? 
_citation.journal_volume            105 
_citation.language                  ? 
_citation.page_first                2298 
_citation.page_last                 2301 
_citation.title                     
;Structural Insight Into Protein Binding of Boron Tracedrug UTX-97 Revealed by the Co-Crystal Structure With Lysozyme at 1.26 angstrom Resolution.
;
_citation.year                      2016 
_citation.database_id_CSD           ? 
_citation.pdbx_database_id_DOI      10.1016/j.xphs.2016.06.005 
_citation.pdbx_database_id_PubMed   27422088 
_citation.unpublished_flag          ? 
# 
loop_
_citation_author.citation_id 
_citation_author.name 
_citation_author.ordinal 
_citation_author.identifier_ORCID 
primary 'Morimoto, Y.' 1 ? 
primary 'Nagasawa, H.' 2 ? 
primary 'Uto, Y.'      3 ? 
primary 'Chatake, T.'  4 ? 
primary 'Hori, H.'     5 ? 
# 
loop_
_entity.id 
_entity.type 
_entity.src_method 
_entity.pdbx_description 
_entity.formula_weight 
_entity.pdbx_number_of_molecules 
_entity.pdbx_ec 
_entity.pdbx_mutation 
_entity.pdbx_fragment 
_entity.details 
1 polymer     nat 'Lysozyme C' 14331.160 1   3.2.1.17 ? ? ? 
2 non-polymer syn 
'2-cyano-3-((6-(((2-((2-cyanoethyl)(borocaptate-10B)sulfonio)acetyl)carbamoyl)oxy)hexyl)amino)quinoxaline 1,4-dioxide' 607.289   2 
?        ? ? ? 
3 non-polymer syn 'SODIUM ION' 22.990    2   ?        ? ? ? 
4 water       nat water 18.015    222 ?        ? ? ? 
# 
_entity_name_com.entity_id   1 
_entity_name_com.name        '1,4-beta-N-acetylmuramidase C,Allergen Gal d IV' 
# 
_entity_poly.entity_id                      1 
_entity_poly.type                           'polypeptide(L)' 
_entity_poly.nstd_linkage                   no 
_entity_poly.nstd_monomer                   no 
_entity_poly.pdbx_seq_one_letter_code       
;KVFGRCELAAAMKRHGLDNYRGYSLGNWVCAAKFESNFNTQATNRNTDGSTDYGILQINSRWWCNDGRTPGSRNLCNIPC
SALLSSDITASVNCAKKIVSDGNGMNAWVAWRNRCKGTDVQAWIRGCRL
;
_entity_poly.pdbx_seq_one_letter_code_can   
;KVFGRCELAAAMKRHGLDNYRGYSLGNWVCAAKFESNFNTQATNRNTDGSTDYGILQINSRWWCNDGRTPGSRNLCNIPC
SALLSSDITASVNCAKKIVSDGNGMNAWVAWRNRCKGTDVQAWIRGCRL
;
_entity_poly.pdbx_strand_id                 A 
_entity_poly.pdbx_target_identifier         ? 
# 
loop_
_pdbx_entity_nonpoly.entity_id 
_pdbx_entity_nonpoly.name 
_pdbx_entity_nonpoly.comp_id 
2 '2-cyano-3-((6-(((2-((2-cyanoethyl)(borocaptate-10B)sulfonio)acetyl)carbamoyl)oxy)hexyl)amino)quinoxaline 1,4-dioxide' UTX 
3 'SODIUM ION'                                                                                                           NA  
4 water                                                                                                                  HOH 
# 
loop_
_entity_poly_seq.entity_id 
_entity_poly_seq.num 
_entity_poly_seq.mon_id 
_entity_poly_seq.hetero 
1 1   LYS n 
1 2   VAL n 
1 3   PHE n 
1 4   GLY n 
1 5   ARG n 
1 6   CYS n 
1 7   GLU n 
1 8   LEU n 
1 9   ALA n 
1 10  ALA n 
1 11  ALA n 
1 12  MET n 
1 13  LYS n 
1 14  ARG n 
1 15  HIS n 
1 16  GLY n 
1 17  LEU n 
1 18  ASP n 
1 19  ASN n 
1 20  TYR n 
1 21  ARG n 
1 22  GLY n 
1 23  TYR n 
1 24  SER n 
1 25  LEU n 
1 26  GLY n 
1 27  ASN n 
1 28  TRP n 
1 29  VAL n 
1 30  CYS n 
1 31  ALA n 
1 32  ALA n 
1 33  LYS n 
1 34  PHE n 
1 35  GLU n 
1 36  SER n 
1 37  ASN n 
1 38  PHE n 
1 39  ASN n 
1 40  THR n 
1 41  GLN n 
1 42  ALA n 
1 43  THR n 
1 44  ASN n 
1 45  ARG n 
1 46  ASN n 
1 47  THR n 
1 48  ASP n 
1 49  GLY n 
1 50  SER n 
1 51  THR n 
1 52  ASP n 
1 53  TYR n 
1 54  GLY n 
1 55  ILE n 
1 56  LEU n 
1 57  GLN n 
1 58  ILE n 
1 59  ASN n 
1 60  SER n 
1 61  ARG n 
1 62  TRP n 
1 63  TRP n 
1 64  CYS n 
1 65  ASN n 
1 66  ASP n 
1 67  GLY n 
1 68  ARG n 
1 69  THR n 
1 70  PRO n 
1 71  GLY n 
1 72  SER n 
1 73  ARG n 
1 74  ASN n 
1 75  LEU n 
1 76  CYS n 
1 77  ASN n 
1 78  ILE n 
1 79  PRO n 
1 80  CYS n 
1 81  SER n 
1 82  ALA n 
1 83  LEU n 
1 84  LEU n 
1 85  SER n 
1 86  SER n 
1 87  ASP n 
1 88  ILE n 
1 89  THR n 
1 90  ALA n 
1 91  SER n 
1 92  VAL n 
1 93  ASN n 
1 94  CYS n 
1 95  ALA n 
1 96  LYS n 
1 97  LYS n 
1 98  ILE n 
1 99  VAL n 
1 100 SER n 
1 101 ASP n 
1 102 GLY n 
1 103 ASN n 
1 104 GLY n 
1 105 MET n 
1 106 ASN n 
1 107 ALA n 
1 108 TRP n 
1 109 VAL n 
1 110 ALA n 
1 111 TRP n 
1 112 ARG n 
1 113 ASN n 
1 114 ARG n 
1 115 CYS n 
1 116 LYS n 
1 117 GLY n 
1 118 THR n 
1 119 ASP n 
1 120 VAL n 
1 121 GLN n 
1 122 ALA n 
1 123 TRP n 
1 124 ILE n 
1 125 ARG n 
1 126 GLY n 
1 127 CYS n 
1 128 ARG n 
1 129 LEU n 
# 
_entity_src_nat.entity_id                  1 
_entity_src_nat.pdbx_src_id                1 
_entity_src_nat.pdbx_alt_source_flag       sample 
_entity_src_nat.pdbx_beg_seq_num           1 
_entity_src_nat.pdbx_end_seq_num           129 
_entity_src_nat.common_name                Chicken 
_entity_src_nat.pdbx_organism_scientific   'Gallus gallus' 
_entity_src_nat.pdbx_ncbi_taxonomy_id      9031 
_entity_src_nat.genus                      ? 
_entity_src_nat.species                    ? 
_entity_src_nat.strain                     ? 
_entity_src_nat.tissue                     ? 
_entity_src_nat.tissue_fraction            ? 
_entity_src_nat.pdbx_secretion             ? 
_entity_src_nat.pdbx_fragment              ? 
_entity_src_nat.pdbx_variant               ? 
_entity_src_nat.pdbx_cell_line             ? 
_entity_src_nat.pdbx_atcc                  ? 
_entity_src_nat.pdbx_cellular_location     ? 
_entity_src_nat.pdbx_organ                 ? 
_entity_src_nat.pdbx_organelle             ? 
_entity_src_nat.pdbx_cell                  ? 
_entity_src_nat.pdbx_plasmid_name          ? 
_entity_src_nat.pdbx_plasmid_details       ? 
_entity_src_nat.details                    ? 
# 
loop_
_chem_comp.id 
_chem_comp.type 
_chem_comp.mon_nstd_flag 
_chem_comp.name 
_chem_comp.pdbx_synonyms 
_chem_comp.formula 
_chem_comp.formula_weight 
ALA 'L-peptide linking' y ALANINE ?      'C3 H7 N O2'          89.093  
ARG 'L-peptide linking' y ARGININE ?      'C6 H15 N4 O2 1'      175.209 
ASN 'L-peptide linking' y ASPARAGINE ?      'C4 H8 N2 O3'         132.118 
ASP 'L-peptide linking' y 'ASPARTIC ACID' ?      'C4 H7 N O4'          133.103 
CYS 'L-peptide linking' y CYSTEINE ?      'C3 H7 N O2 S'        121.158 
GLN 'L-peptide linking' y GLUTAMINE ?      'C5 H10 N2 O3'        146.144 
GLU 'L-peptide linking' y 'GLUTAMIC ACID' ?      'C5 H9 N O4'          147.129 
GLY 'peptide linking'   y GLYCINE ?      'C2 H5 N O2'          75.067  
HIS 'L-peptide linking' y HISTIDINE ?      'C6 H10 N3 O2 1'      156.162 
HOH non-polymer         . WATER ?      'H2 O'                18.015  
ILE 'L-peptide linking' y ISOLEUCINE ?      'C6 H13 N O2'         131.173 
LEU 'L-peptide linking' y LEUCINE ?      'C6 H13 N O2'         131.173 
LYS 'L-peptide linking' y LYSINE ?      'C6 H15 N2 O2 1'      147.195 
MET 'L-peptide linking' y METHIONINE ?      'C5 H11 N O2 S'       149.211 
NA  non-polymer         . 'SODIUM ION' ?      'Na 1'                22.990  
PHE 'L-peptide linking' y PHENYLALANINE ?      'C9 H11 N O2'         165.189 
PRO 'L-peptide linking' y PROLINE ?      'C5 H9 N O2'          115.130 
SER 'L-peptide linking' y SERINE ?      'C3 H7 N O3'          105.093 
THR 'L-peptide linking' y THREONINE ?      'C4 H9 N O3'          119.119 
TRP 'L-peptide linking' y TRYPTOPHAN ?      'C11 H12 N2 O2'       204.225 
TYR 'L-peptide linking' y TYROSINE ?      'C9 H11 N O3'         181.189 
UTX non-polymer         . 
'2-cyano-3-((6-(((2-((2-cyanoethyl)(borocaptate-10B)sulfonio)acetyl)carbamoyl)oxy)hexyl)amino)quinoxaline 1,4-dioxide' UTX-97 
'C21 H29 B12 N6 O5 S' 607.289 
VAL 'L-peptide linking' y VALINE ?      'C5 H11 N O2'         117.146 
# 
loop_
_pdbx_poly_seq_scheme.asym_id 
_pdbx_poly_seq_scheme.entity_id 
_pdbx_poly_seq_scheme.seq_id 
_pdbx_poly_seq_scheme.mon_id 
_pdbx_poly_seq_scheme.ndb_seq_num 
_pdbx_poly_seq_scheme.pdb_seq_num 
_pdbx_poly_seq_scheme.auth_seq_num 
_pdbx_poly_seq_scheme.pdb_mon_id 
_pdbx_poly_seq_scheme.auth_mon_id 
_pdbx_poly_seq_scheme.pdb_strand_id 
_pdbx_poly_seq_scheme.pdb_ins_code 
_pdbx_poly_seq_scheme.hetero 
A 1 1   LYS 1   1   1   LYS LYS A . n 
A 1 2   VAL 2   2   2   VAL VAL A . n 
A 1 3   PHE 3   3   3   PHE PHE A . n 
A 1 4   GLY 4   4   4   GLY GLY A . n 
A 1 5   ARG 5   5   5   ARG ARG A . n 
A 1 6   CYS 6   6   6   CYS CYS A . n 
A 1 7   GLU 7   7   7   GLU GLU A . n 
A 1 8   LEU 8   8   8   LEU LEU A . n 
A 1 9   ALA 9   9   9   ALA ALA A . n 
A 1 10  ALA 10  10  10  ALA ALA A . n 
A 1 11  ALA 11  11  11  ALA ALA A . n 
A 1 12  MET 12  12  12  MET MET A . n 
A 1 13  LYS 13  13  13  LYS LYS A . n 
A 1 14  ARG 14  14  14  ARG ARG A . n 
A 1 15  HIS 15  15  15  HIS HIS A . n 
A 1 16  GLY 16  16  16  GLY GLY A . n 
A 1 17  LEU 17  17  17  LEU LEU A . n 
A 1 18  ASP 18  18  18  ASP ASP A . n 
A 1 19  ASN 19  19  19  ASN ASN A . n 
A 1 20  TYR 20  20  20  TYR TYR A . n 
A 1 21  ARG 21  21  21  ARG ARG A . n 
A 1 22  GLY 22  22  22  GLY GLY A . n 
A 1 23  TYR 23  23  23  TYR TYR A . n 
A 1 24  SER 24  24  24  SER SER A . n 
A 1 25  LEU 25  25  25  LEU LEU A . n 
A 1 26  GLY 26  26  26  GLY GLY A . n 
A 1 27  ASN 27  27  27  ASN ASN A . n 
A 1 28  TRP 28  28  28  TRP TRP A . n 
A 1 29  VAL 29  29  29  VAL VAL A . n 
A 1 30  CYS 30  30  30  CYS CYS A . n 
A 1 31  ALA 31  31  31  ALA ALA A . n 
A 1 32  ALA 32  32  32  ALA ALA A . n 
A 1 33  LYS 33  33  33  LYS LYS A . n 
A 1 34  PHE 34  34  34  PHE PHE A . n 
A 1 35  GLU 35  35  35  GLU GLU A . n 
A 1 36  SER 36  36  36  SER SER A . n 
A 1 37  ASN 37  37  37  ASN ASN A . n 
A 1 38  PHE 38  38  38  PHE PHE A . n 
A 1 39  ASN 39  39  39  ASN ASN A . n 
A 1 40  THR 40  40  40  THR THR A . n 
A 1 41  GLN 41  41  41  GLN GLN A . n 
A 1 42  ALA 42  42  42  ALA ALA A . n 
A 1 43  THR 43  43  43  THR THR A . n 
A 1 44  ASN 44  44  44  ASN ASN A . n 
A 1 45  ARG 45  45  45  ARG ARG A . n 
A 1 46  ASN 46  46  46  ASN ASN A . n 
A 1 47  THR 47  47  47  THR THR A . n 
A 1 48  ASP 48  48  48  ASP ASP A . n 
A 1 49  GLY 49  49  49  GLY GLY A . n 
A 1 50  SER 50  50  50  SER SER A . n 
A 1 51  THR 51  51  51  THR THR A . n 
A 1 52  ASP 52  52  52  ASP ASP A . n 
A 1 53  TYR 53  53  53  TYR TYR A . n 
A 1 54  GLY 54  54  54  GLY GLY A . n 
A 1 55  ILE 55  55  55  ILE ILE A . n 
A 1 56  LEU 56  56  56  LEU LEU A . n 
A 1 57  GLN 57  57  57  GLN GLN A . n 
A 1 58  ILE 58  58  58  ILE ILE A . n 
A 1 59  ASN 59  59  59  ASN ASN A . n 
A 1 60  SER 60  60  60  SER SER A . n 
A 1 61  ARG 61  61  61  ARG ARG A . n 
A 1 62  TRP 62  62  62  TRP TRP A . n 
A 1 63  TRP 63  63  63  TRP TRP A . n 
A 1 64  CYS 64  64  64  CYS CYS A . n 
A 1 65  ASN 65  65  65  ASN ASN A . n 
A 1 66  ASP 66  66  66  ASP ASP A . n 
A 1 67  GLY 67  67  67  GLY GLY A . n 
A 1 68  ARG 68  68  68  ARG ARG A . n 
A 1 69  THR 69  69  69  THR THR A . n 
A 1 70  PRO 70  70  70  PRO PRO A . n 
A 1 71  GLY 71  71  71  GLY GLY A . n 
A 1 72  SER 72  72  72  SER SER A . n 
A 1 73  ARG 73  73  73  ARG ARG A . n 
A 1 74  ASN 74  74  74  ASN ASN A . n 
A 1 75  LEU 75  75  75  LEU LEU A . n 
A 1 76  CYS 76  76  76  CYS CYS A . n 
A 1 77  ASN 77  77  77  ASN ASN A . n 
A 1 78  ILE 78  78  78  ILE ILE A . n 
A 1 79  PRO 79  79  79  PRO PRO A . n 
A 1 80  CYS 80  80  80  CYS CYS A . n 
A 1 81  SER 81  81  81  SER SER A . n 
A 1 82  ALA 82  82  82  ALA ALA A . n 
A 1 83  LEU 83  83  83  LEU LEU A . n 
A 1 84  LEU 84  84  84  LEU LEU A . n 
A 1 85  SER 85  85  85  SER SER A . n 
A 1 86  SER 86  86  86  SER SER A . n 
A 1 87  ASP 87  87  87  ASP ASP A . n 
A 1 88  ILE 88  88  88  ILE ILE A . n 
A 1 89  THR 89  89  89  THR THR A . n 
A 1 90  ALA 90  90  90  ALA ALA A . n 
A 1 91  SER 91  91  91  SER SER A . n 
A 1 92  VAL 92  92  92  VAL VAL A . n 
A 1 93  ASN 93  93  93  ASN ASN A . n 
A 1 94  CYS 94  94  94  CYS CYS A . n 
A 1 95  ALA 95  95  95  ALA ALA A . n 
A 1 96  LYS 96  96  96  LYS LYS A . n 
A 1 97  LYS 97  97  97  LYS LYS A . n 
A 1 98  ILE 98  98  98  ILE ILE A . n 
A 1 99  VAL 99  99  99  VAL VAL A . n 
A 1 100 SER 100 100 100 SER SER A . n 
A 1 101 ASP 101 101 101 ASP ASP A . n 
A 1 102 GLY 102 102 102 GLY GLY A . n 
A 1 103 ASN 103 103 103 ASN ASN A . n 
A 1 104 GLY 104 104 104 GLY GLY A . n 
A 1 105 MET 105 105 105 MET MET A . n 
A 1 106 ASN 106 106 106 ASN ASN A . n 
A 1 107 ALA 107 107 107 ALA ALA A . n 
A 1 108 TRP 108 108 108 TRP TRP A . n 
A 1 109 VAL 109 109 109 VAL VAL A . n 
A 1 110 ALA 110 110 110 ALA ALA A . n 
A 1 111 TRP 111 111 111 TRP TRP A . n 
A 1 112 ARG 112 112 112 ARG ARG A . n 
A 1 113 ASN 113 113 113 ASN ASN A . n 
A 1 114 ARG 114 114 114 ARG ARG A . n 
A 1 115 CYS 115 115 115 CYS CYS A . n 
A 1 116 LYS 116 116 116 LYS LYS A . n 
A 1 117 GLY 117 117 117 GLY GLY A . n 
A 1 118 THR 118 118 118 THR THR A . n 
A 1 119 ASP 119 119 119 ASP ASP A . n 
A 1 120 VAL 120 120 120 VAL VAL A . n 
A 1 121 GLN 121 121 121 GLN GLN A . n 
A 1 122 ALA 122 122 122 ALA ALA A . n 
A 1 123 TRP 123 123 123 TRP TRP A . n 
A 1 124 ILE 124 124 124 ILE ILE A . n 
A 1 125 ARG 125 125 125 ARG ARG A . n 
A 1 126 GLY 126 126 126 GLY GLY A . n 
A 1 127 CYS 127 127 127 CYS CYS A . n 
A 1 128 ARG 128 128 128 ARG ARG A . n 
A 1 129 LEU 129 129 129 LEU LEU A . n 
# 
loop_
_pdbx_nonpoly_scheme.asym_id 
_pdbx_nonpoly_scheme.entity_id 
_pdbx_nonpoly_scheme.mon_id 
_pdbx_nonpoly_scheme.ndb_seq_num 
_pdbx_nonpoly_scheme.pdb_seq_num 
_pdbx_nonpoly_scheme.auth_seq_num 
_pdbx_nonpoly_scheme.pdb_mon_id 
_pdbx_nonpoly_scheme.auth_mon_id 
_pdbx_nonpoly_scheme.pdb_strand_id 
_pdbx_nonpoly_scheme.pdb_ins_code 
B 2 UTX 1   201 1   UTX UTX A . 
C 2 UTX 1   202 2   UTX UTX A . 
D 3 NA  1   203 1   NA  NA  A . 
E 3 NA  1   204 2   NA  NA  A . 
F 4 HOH 1   301 140 HOH HOH A . 
F 4 HOH 2   302 136 HOH HOH A . 
F 4 HOH 3   303 51  HOH HOH A . 
F 4 HOH 4   304 83  HOH HOH A . 
F 4 HOH 5   305 200 HOH HOH A . 
F 4 HOH 6   307 184 HOH HOH A . 
F 4 HOH 7   308 79  HOH HOH A . 
F 4 HOH 8   309 76  HOH HOH A . 
F 4 HOH 9   310 225 HOH HOH A . 
F 4 HOH 10  311 56  HOH HOH A . 
F 4 HOH 11  312 137 HOH HOH A . 
F 4 HOH 12  313 88  HOH HOH A . 
F 4 HOH 13  314 161 HOH HOH A . 
F 4 HOH 14  315 111 HOH HOH A . 
F 4 HOH 15  316 21  HOH HOH A . 
F 4 HOH 16  317 239 HOH HOH A . 
F 4 HOH 17  318 34  HOH HOH A . 
F 4 HOH 18  319 180 HOH HOH A . 
F 4 HOH 19  320 168 HOH HOH A . 
F 4 HOH 20  321 8   HOH HOH A . 
F 4 HOH 21  322 19  HOH HOH A . 
F 4 HOH 22  323 14  HOH HOH A . 
F 4 HOH 23  324 3   HOH HOH A . 
F 4 HOH 24  325 71  HOH HOH A . 
F 4 HOH 25  326 186 HOH HOH A . 
F 4 HOH 26  327 89  HOH HOH A . 
F 4 HOH 27  328 9   HOH HOH A . 
F 4 HOH 28  329 171 HOH HOH A . 
F 4 HOH 29  330 64  HOH HOH A . 
F 4 HOH 30  331 134 HOH HOH A . 
F 4 HOH 31  332 78  HOH HOH A . 
F 4 HOH 32  333 31  HOH HOH A . 
F 4 HOH 33  334 185 HOH HOH A . 
F 4 HOH 34  335 85  HOH HOH A . 
F 4 HOH 35  336 106 HOH HOH A . 
F 4 HOH 36  337 142 HOH HOH A . 
F 4 HOH 37  338 39  HOH HOH A . 
F 4 HOH 38  339 97  HOH HOH A . 
F 4 HOH 39  340 6   HOH HOH A . 
F 4 HOH 40  341 133 HOH HOH A . 
F 4 HOH 41  342 84  HOH HOH A . 
F 4 HOH 42  343 66  HOH HOH A . 
F 4 HOH 43  344 55  HOH HOH A . 
F 4 HOH 44  345 213 HOH HOH A . 
F 4 HOH 45  346 248 HOH HOH A . 
F 4 HOH 46  347 5   HOH HOH A . 
F 4 HOH 47  348 13  HOH HOH A . 
F 4 HOH 48  349 117 HOH HOH A . 
F 4 HOH 49  350 181 HOH HOH A . 
F 4 HOH 50  351 30  HOH HOH A . 
F 4 HOH 51  352 139 HOH HOH A . 
F 4 HOH 52  353 57  HOH HOH A . 
F 4 HOH 53  354 251 HOH HOH A . 
F 4 HOH 54  355 90  HOH HOH A . 
F 4 HOH 55  356 174 HOH HOH A . 
F 4 HOH 56  357 44  HOH HOH A . 
F 4 HOH 57  358 43  HOH HOH A . 
F 4 HOH 58  359 26  HOH HOH A . 
F 4 HOH 59  360 116 HOH HOH A . 
F 4 HOH 60  361 25  HOH HOH A . 
F 4 HOH 61  362 244 HOH HOH A . 
F 4 HOH 62  363 163 HOH HOH A . 
F 4 HOH 63  364 33  HOH HOH A . 
F 4 HOH 64  365 65  HOH HOH A . 
F 4 HOH 65  366 45  HOH HOH A . 
F 4 HOH 66  367 53  HOH HOH A . 
F 4 HOH 67  368 80  HOH HOH A . 
F 4 HOH 68  369 32  HOH HOH A . 
F 4 HOH 69  370 77  HOH HOH A . 
F 4 HOH 70  371 160 HOH HOH A . 
F 4 HOH 71  372 158 HOH HOH A . 
F 4 HOH 72  373 24  HOH HOH A . 
F 4 HOH 73  374 42  HOH HOH A . 
F 4 HOH 74  375 17  HOH HOH A . 
F 4 HOH 75  376 7   HOH HOH A . 
F 4 HOH 76  377 23  HOH HOH A . 
F 4 HOH 77  378 103 HOH HOH A . 
F 4 HOH 78  379 155 HOH HOH A . 
F 4 HOH 79  380 4   HOH HOH A . 
F 4 HOH 80  381 194 HOH HOH A . 
F 4 HOH 81  382 92  HOH HOH A . 
F 4 HOH 82  383 192 HOH HOH A . 
F 4 HOH 83  384 250 HOH HOH A . 
F 4 HOH 84  385 28  HOH HOH A . 
F 4 HOH 85  386 48  HOH HOH A . 
F 4 HOH 86  387 101 HOH HOH A . 
F 4 HOH 87  388 73  HOH HOH A . 
F 4 HOH 88  389 41  HOH HOH A . 
F 4 HOH 89  390 20  HOH HOH A . 
F 4 HOH 90  391 169 HOH HOH A . 
F 4 HOH 91  392 91  HOH HOH A . 
F 4 HOH 92  393 193 HOH HOH A . 
F 4 HOH 93  394 12  HOH HOH A . 
F 4 HOH 94  395 54  HOH HOH A . 
F 4 HOH 95  396 29  HOH HOH A . 
F 4 HOH 96  397 15  HOH HOH A . 
F 4 HOH 97  398 18  HOH HOH A . 
F 4 HOH 98  399 209 HOH HOH A . 
F 4 HOH 99  400 75  HOH HOH A . 
F 4 HOH 100 401 234 HOH HOH A . 
F 4 HOH 101 402 187 HOH HOH A . 
F 4 HOH 102 403 93  HOH HOH A . 
F 4 HOH 103 404 47  HOH HOH A . 
F 4 HOH 104 405 146 HOH HOH A . 
F 4 HOH 105 406 16  HOH HOH A . 
F 4 HOH 106 407 159 HOH HOH A . 
F 4 HOH 107 408 100 HOH HOH A . 
F 4 HOH 108 409 69  HOH HOH A . 
F 4 HOH 109 410 164 HOH HOH A . 
F 4 HOH 110 411 40  HOH HOH A . 
F 4 HOH 111 412 125 HOH HOH A . 
F 4 HOH 112 413 177 HOH HOH A . 
F 4 HOH 113 414 52  HOH HOH A . 
F 4 HOH 114 415 130 HOH HOH A . 
F 4 HOH 115 416 49  HOH HOH A . 
F 4 HOH 116 417 120 HOH HOH A . 
F 4 HOH 117 418 198 HOH HOH A . 
F 4 HOH 118 419 243 HOH HOH A . 
F 4 HOH 119 420 118 HOH HOH A . 
F 4 HOH 120 421 165 HOH HOH A . 
F 4 HOH 121 422 238 HOH HOH A . 
F 4 HOH 122 423 22  HOH HOH A . 
F 4 HOH 123 424 252 HOH HOH A . 
F 4 HOH 124 425 67  HOH HOH A . 
F 4 HOH 125 426 1   HOH HOH A . 
F 4 HOH 126 427 50  HOH HOH A . 
F 4 HOH 127 428 138 HOH HOH A . 
F 4 HOH 128 429 59  HOH HOH A . 
F 4 HOH 129 430 129 HOH HOH A . 
F 4 HOH 130 431 157 HOH HOH A . 
F 4 HOH 131 432 110 HOH HOH A . 
F 4 HOH 132 433 115 HOH HOH A . 
F 4 HOH 133 434 126 HOH HOH A . 
F 4 HOH 134 435 96  HOH HOH A . 
F 4 HOH 135 436 10  HOH HOH A . 
F 4 HOH 136 437 109 HOH HOH A . 
F 4 HOH 137 438 119 HOH HOH A . 
F 4 HOH 138 439 188 HOH HOH A . 
F 4 HOH 139 440 214 HOH HOH A . 
F 4 HOH 140 441 60  HOH HOH A . 
F 4 HOH 141 442 35  HOH HOH A . 
F 4 HOH 142 443 215 HOH HOH A . 
F 4 HOH 143 444 107 HOH HOH A . 
F 4 HOH 144 445 61  HOH HOH A . 
F 4 HOH 145 446 166 HOH HOH A . 
F 4 HOH 146 447 156 HOH HOH A . 
F 4 HOH 147 448 219 HOH HOH A . 
F 4 HOH 148 449 216 HOH HOH A . 
F 4 HOH 149 450 150 HOH HOH A . 
F 4 HOH 150 451 172 HOH HOH A . 
F 4 HOH 151 452 179 HOH HOH A . 
F 4 HOH 152 454 46  HOH HOH A . 
F 4 HOH 153 455 11  HOH HOH A . 
F 4 HOH 154 456 74  HOH HOH A . 
F 4 HOH 155 457 131 HOH HOH A . 
F 4 HOH 156 458 128 HOH HOH A . 
F 4 HOH 157 459 58  HOH HOH A . 
F 4 HOH 158 460 195 HOH HOH A . 
F 4 HOH 159 461 27  HOH HOH A . 
F 4 HOH 160 462 222 HOH HOH A . 
F 4 HOH 161 463 240 HOH HOH A . 
F 4 HOH 162 464 212 HOH HOH A . 
F 4 HOH 163 465 246 HOH HOH A . 
F 4 HOH 164 466 94  HOH HOH A . 
F 4 HOH 165 467 204 HOH HOH A . 
F 4 HOH 166 468 241 HOH HOH A . 
F 4 HOH 167 469 38  HOH HOH A . 
F 4 HOH 168 470 170 HOH HOH A . 
F 4 HOH 169 471 112 HOH HOH A . 
F 4 HOH 170 472 145 HOH HOH A . 
F 4 HOH 171 473 81  HOH HOH A . 
F 4 HOH 172 474 108 HOH HOH A . 
F 4 HOH 173 475 154 HOH HOH A . 
F 4 HOH 174 476 124 HOH HOH A . 
F 4 HOH 175 477 224 HOH HOH A . 
F 4 HOH 176 478 196 HOH HOH A . 
F 4 HOH 177 479 70  HOH HOH A . 
F 4 HOH 178 480 148 HOH HOH A . 
F 4 HOH 179 481 230 HOH HOH A . 
F 4 HOH 180 482 121 HOH HOH A . 
F 4 HOH 181 483 37  HOH HOH A . 
F 4 HOH 182 484 151 HOH HOH A . 
F 4 HOH 183 485 190 HOH HOH A . 
F 4 HOH 184 486 191 HOH HOH A . 
F 4 HOH 185 487 237 HOH HOH A . 
F 4 HOH 186 488 82  HOH HOH A . 
F 4 HOH 187 489 36  HOH HOH A . 
F 4 HOH 188 490 249 HOH HOH A . 
F 4 HOH 189 491 122 HOH HOH A . 
F 4 HOH 190 492 144 HOH HOH A . 
F 4 HOH 191 493 114 HOH HOH A . 
F 4 HOH 192 494 167 HOH HOH A . 
F 4 HOH 193 495 245 HOH HOH A . 
F 4 HOH 194 496 86  HOH HOH A . 
F 4 HOH 195 497 127 HOH HOH A . 
F 4 HOH 196 498 183 HOH HOH A . 
F 4 HOH 197 499 62  HOH HOH A . 
F 4 HOH 198 500 217 HOH HOH A . 
F 4 HOH 199 501 102 HOH HOH A . 
F 4 HOH 200 502 132 HOH HOH A . 
F 4 HOH 201 503 178 HOH HOH A . 
F 4 HOH 202 504 242 HOH HOH A . 
F 4 HOH 203 505 162 HOH HOH A . 
F 4 HOH 204 506 147 HOH HOH A . 
F 4 HOH 205 507 141 HOH HOH A . 
F 4 HOH 206 508 176 HOH HOH A . 
F 4 HOH 207 509 173 HOH HOH A . 
F 4 HOH 208 510 152 HOH HOH A . 
F 4 HOH 209 511 99  HOH HOH A . 
F 4 HOH 210 512 149 HOH HOH A . 
F 4 HOH 211 513 104 HOH HOH A . 
F 4 HOH 212 514 98  HOH HOH A . 
F 4 HOH 213 515 247 HOH HOH A . 
F 4 HOH 214 516 218 HOH HOH A . 
F 4 HOH 215 517 68  HOH HOH A . 
F 4 HOH 216 518 113 HOH HOH A . 
F 4 HOH 217 519 231 HOH HOH A . 
F 4 HOH 218 520 95  HOH HOH A . 
F 4 HOH 219 521 87  HOH HOH A . 
F 4 HOH 220 522 227 HOH HOH A . 
F 4 HOH 221 523 233 HOH HOH A . 
F 4 HOH 222 524 182 HOH HOH A . 
# 
loop_
_pdbx_unobs_or_zero_occ_atoms.id 
_pdbx_unobs_or_zero_occ_atoms.PDB_model_num 
_pdbx_unobs_or_zero_occ_atoms.polymer_flag 
_pdbx_unobs_or_zero_occ_atoms.occupancy_flag 
_pdbx_unobs_or_zero_occ_atoms.auth_asym_id 
_pdbx_unobs_or_zero_occ_atoms.auth_comp_id 
_pdbx_unobs_or_zero_occ_atoms.auth_seq_id 
_pdbx_unobs_or_zero_occ_atoms.PDB_ins_code 
_pdbx_unobs_or_zero_occ_atoms.auth_atom_id 
_pdbx_unobs_or_zero_occ_atoms.label_alt_id 
_pdbx_unobs_or_zero_occ_atoms.label_asym_id 
_pdbx_unobs_or_zero_occ_atoms.label_comp_id 
_pdbx_unobs_or_zero_occ_atoms.label_seq_id 
_pdbx_unobs_or_zero_occ_atoms.label_atom_id 
1 1 N 1 A UTX 202 ? N3C ? C UTX 1 N3C 
2 1 N 1 A UTX 202 ? C3C ? C UTX 1 C3C 
3 1 N 1 A UTX 202 ? C2C ? C UTX 1 C2C 
4 1 N 1 A UTX 202 ? C1C ? C UTX 1 C1C 
# 
loop_
_software.citation_id 
_software.classification 
_software.compiler_name 
_software.compiler_version 
_software.contact_author 
_software.contact_author_email 
_software.date 
_software.description 
_software.dependencies 
_software.hardware 
_software.language 
_software.location 
_software.mods 
_software.name 
_software.os 
_software.os_version 
_software.type 
_software.version 
_software.pdbx_ordinal 
? refinement       ? ? ? ? ? ? ? ? ? ? ? REFMAC    ? ? ? 5.7.0032 1 
? 'data reduction' ? ? ? ? ? ? ? ? ? ? ? HKL-2000  ? ? ? .        2 
? 'data scaling'   ? ? ? ? ? ? ? ? ? ? ? SCALEPACK ? ? ? .        3 
? phasing          ? ? ? ? ? ? ? ? ? ? ? MOLREP    ? ? ? .        4 
# 
_cell.angle_alpha                  90.00 
_cell.angle_alpha_esd              ? 
_cell.angle_beta                   90.00 
_cell.angle_beta_esd               ? 
_cell.angle_gamma                  90.00 
_cell.angle_gamma_esd              ? 
_cell.entry_id                     5B5J 
_cell.details                      ? 
_cell.formula_units_Z              ? 
_cell.length_a                     78.440 
_cell.length_a_esd                 ? 
_cell.length_b                     78.440 
_cell.length_b_esd                 ? 
_cell.length_c                     37.353 
_cell.length_c_esd                 ? 
_cell.volume                       ? 
_cell.volume_esd                   ? 
_cell.Z_PDB                        8 
_cell.reciprocal_angle_alpha       ? 
_cell.reciprocal_angle_beta        ? 
_cell.reciprocal_angle_gamma       ? 
_cell.reciprocal_angle_alpha_esd   ? 
_cell.reciprocal_angle_beta_esd    ? 
_cell.reciprocal_angle_gamma_esd   ? 
_cell.reciprocal_length_a          ? 
_cell.reciprocal_length_b          ? 
_cell.reciprocal_length_c          ? 
_cell.reciprocal_length_a_esd      ? 
_cell.reciprocal_length_b_esd      ? 
_cell.reciprocal_length_c_esd      ? 
_cell.pdbx_unique_axis             ? 
# 
_symmetry.entry_id                         5B5J 
_symmetry.cell_setting                     ? 
_symmetry.Int_Tables_number                96 
_symmetry.space_group_name_Hall            ? 
_symmetry.space_group_name_H-M             'P 43 21 2' 
_symmetry.pdbx_full_space_group_name_H-M   ? 
# 
_exptl.absorpt_coefficient_mu     ? 
_exptl.absorpt_correction_T_max   ? 
_exptl.absorpt_correction_T_min   ? 
_exptl.absorpt_correction_type    ? 
_exptl.absorpt_process_details    ? 
_exptl.entry_id                   5B5J 
_exptl.crystals_number            1 
_exptl.details                    ? 
_exptl.method                     'X-RAY DIFFRACTION' 
_exptl.method_details             ? 
# 
_exptl_crystal.colour                      ? 
_exptl_crystal.density_diffrn              ? 
_exptl_crystal.density_Matthews            2.00 
_exptl_crystal.density_method              ? 
_exptl_crystal.density_percent_sol         38.64 
_exptl_crystal.description                 ? 
_exptl_crystal.F_000                       ? 
_exptl_crystal.id                          1 
_exptl_crystal.preparation                 ? 
_exptl_crystal.size_max                    ? 
_exptl_crystal.size_mid                    ? 
_exptl_crystal.size_min                    ? 
_exptl_crystal.size_rad                    ? 
_exptl_crystal.colour_lustre               ? 
_exptl_crystal.colour_modifier             ? 
_exptl_crystal.colour_primary              ? 
_exptl_crystal.density_meas                ? 
_exptl_crystal.density_meas_esd            ? 
_exptl_crystal.density_meas_gt             ? 
_exptl_crystal.density_meas_lt             ? 
_exptl_crystal.density_meas_temp           ? 
_exptl_crystal.density_meas_temp_esd       ? 
_exptl_crystal.density_meas_temp_gt        ? 
_exptl_crystal.density_meas_temp_lt        ? 
_exptl_crystal.pdbx_crystal_image_url      ? 
_exptl_crystal.pdbx_crystal_image_format   ? 
_exptl_crystal.pdbx_mosaicity              ? 
_exptl_crystal.pdbx_mosaicity_esd          ? 
# 
_exptl_crystal_grow.apparatus       ? 
_exptl_crystal_grow.atmosphere      ? 
_exptl_crystal_grow.crystal_id      1 
_exptl_crystal_grow.details         ? 
_exptl_crystal_grow.method          'VAPOR DIFFUSION, SITTING DROP' 
_exptl_crystal_grow.method_ref      ? 
_exptl_crystal_grow.pH              4.7 
_exptl_crystal_grow.pressure        ? 
_exptl_crystal_grow.pressure_esd    ? 
_exptl_crystal_grow.seeding         ? 
_exptl_crystal_grow.seeding_ref     ? 
_exptl_crystal_grow.temp            283 
_exptl_crystal_grow.temp_details    ? 
_exptl_crystal_grow.temp_esd        ? 
_exptl_crystal_grow.time            ? 
_exptl_crystal_grow.pdbx_details    '0.1 M sodium acetatebuffer (pH4.7), 0.4M NaCl' 
_exptl_crystal_grow.pdbx_pH_range   ? 
# 
_diffrn.ambient_environment    ? 
_diffrn.ambient_temp           100 
_diffrn.ambient_temp_details   ? 
_diffrn.ambient_temp_esd       ? 
_diffrn.crystal_id             1 
_diffrn.crystal_support        ? 
_diffrn.crystal_treatment      ? 
_diffrn.details                ? 
_diffrn.id                     1 
_diffrn.ambient_pressure       ? 
_diffrn.ambient_pressure_esd   ? 
_diffrn.ambient_pressure_gt    ? 
_diffrn.ambient_pressure_lt    ? 
_diffrn.ambient_temp_gt        ? 
_diffrn.ambient_temp_lt        ? 
# 
_diffrn_detector.details                      ? 
_diffrn_detector.detector                     CCD 
_diffrn_detector.diffrn_id                    1 
_diffrn_detector.type                         'ADSC QUANTUM 315' 
_diffrn_detector.area_resol_mean              ? 
_diffrn_detector.dtime                        ? 
_diffrn_detector.pdbx_frames_total            ? 
_diffrn_detector.pdbx_collection_time_total   ? 
_diffrn_detector.pdbx_collection_date         2011-10-01 
# 
_diffrn_radiation.collimation                      ? 
_diffrn_radiation.diffrn_id                        1 
_diffrn_radiation.filter_edge                      ? 
_diffrn_radiation.inhomogeneity                    ? 
_diffrn_radiation.monochromator                    ? 
_diffrn_radiation.polarisn_norm                    ? 
_diffrn_radiation.polarisn_ratio                   ? 
_diffrn_radiation.probe                            ? 
_diffrn_radiation.type                             ? 
_diffrn_radiation.xray_symbol                      ? 
_diffrn_radiation.wavelength_id                    1 
_diffrn_radiation.pdbx_monochromatic_or_laue_m_l   M 
_diffrn_radiation.pdbx_wavelength_list             ? 
_diffrn_radiation.pdbx_wavelength                  ? 
_diffrn_radiation.pdbx_diffrn_protocol             'SINGLE WAVELENGTH' 
_diffrn_radiation.pdbx_analyzer                    ? 
_diffrn_radiation.pdbx_scattering_type             x-ray 
# 
_diffrn_radiation_wavelength.id           1 
_diffrn_radiation_wavelength.wavelength   0.9 
_diffrn_radiation_wavelength.wt           1.0 
# 
_diffrn_source.current                     ? 
_diffrn_source.details                     ? 
_diffrn_source.diffrn_id                   1 
_diffrn_source.power                       ? 
_diffrn_source.size                        ? 
_diffrn_source.source                      SYNCHROTRON 
_diffrn_source.target                      ? 
_diffrn_source.type                        'SPRING-8 BEAMLINE BL38B1' 
_diffrn_source.voltage                     ? 
_diffrn_source.take-off_angle              ? 
_diffrn_source.pdbx_wavelength_list        0.9 
_diffrn_source.pdbx_wavelength             ? 
_diffrn_source.pdbx_synchrotron_beamline   BL38B1 
_diffrn_source.pdbx_synchrotron_site       SPring-8 
# 
_reflns.B_iso_Wilson_estimate            ? 
_reflns.entry_id                         5B5J 
_reflns.data_reduction_details           ? 
_reflns.data_reduction_method            ? 
_reflns.d_resolution_high                1.26 
_reflns.d_resolution_low                 22 
_reflns.details                          ? 
_reflns.limit_h_max                      ? 
_reflns.limit_h_min                      ? 
_reflns.limit_k_max                      ? 
_reflns.limit_k_min                      ? 
_reflns.limit_l_max                      ? 
_reflns.limit_l_min                      ? 
_reflns.number_all                       ? 
_reflns.number_obs                       28368 
_reflns.observed_criterion               ? 
_reflns.observed_criterion_F_max         ? 
_reflns.observed_criterion_F_min         ? 
_reflns.observed_criterion_I_max         ? 
_reflns.observed_criterion_I_min         ? 
_reflns.observed_criterion_sigma_F       ? 
_reflns.observed_criterion_sigma_I       ? 
_reflns.percent_possible_obs             93.7 
_reflns.R_free_details                   ? 
_reflns.Rmerge_F_all                     ? 
_reflns.Rmerge_F_obs                     ? 
_reflns.Friedel_coverage                 ? 
_reflns.number_gt                        ? 
_reflns.threshold_expression             ? 
_reflns.pdbx_redundancy                  5 
_reflns.pdbx_Rmerge_I_obs                ? 
_reflns.pdbx_Rmerge_I_all                ? 
_reflns.pdbx_Rsym_value                  ? 
_reflns.pdbx_netI_over_av_sigmaI         ? 
_reflns.pdbx_netI_over_sigmaI            3.0 
_reflns.pdbx_res_netI_over_av_sigmaI_2   ? 
_reflns.pdbx_res_netI_over_sigmaI_2      ? 
_reflns.pdbx_chi_squared                 ? 
_reflns.pdbx_scaling_rejects             ? 
_reflns.pdbx_d_res_high_opt              ? 
_reflns.pdbx_d_res_low_opt               ? 
_reflns.pdbx_d_res_opt_method            ? 
_reflns.phase_calculation_details        ? 
_reflns.pdbx_Rrim_I_all                  ? 
_reflns.pdbx_Rpim_I_all                  ? 
_reflns.pdbx_d_opt                       ? 
_reflns.pdbx_number_measured_all         ? 
_reflns.pdbx_diffrn_id                   1 
_reflns.pdbx_ordinal                     1 
_reflns.pdbx_CC_half                     ? 
_reflns.pdbx_R_split                     ? 
# 
_reflns_shell.d_res_high                  . 
_reflns_shell.d_res_low                   ? 
_reflns_shell.meanI_over_sigI_all         ? 
_reflns_shell.meanI_over_sigI_obs         ? 
_reflns_shell.number_measured_all         ? 
_reflns_shell.number_measured_obs         ? 
_reflns_shell.number_possible             ? 
_reflns_shell.number_unique_all           ? 
_reflns_shell.number_unique_obs           ? 
_reflns_shell.percent_possible_all        ? 
_reflns_shell.percent_possible_obs        ? 
_reflns_shell.Rmerge_F_all                ? 
_reflns_shell.Rmerge_F_obs                ? 
_reflns_shell.Rmerge_I_all                ? 
_reflns_shell.Rmerge_I_obs                ? 
_reflns_shell.meanI_over_sigI_gt          ? 
_reflns_shell.meanI_over_uI_all           ? 
_reflns_shell.meanI_over_uI_gt            ? 
_reflns_shell.number_measured_gt          ? 
_reflns_shell.number_unique_gt            ? 
_reflns_shell.percent_possible_gt         ? 
_reflns_shell.Rmerge_F_gt                 ? 
_reflns_shell.Rmerge_I_gt                 ? 
_reflns_shell.pdbx_redundancy             ? 
_reflns_shell.pdbx_Rsym_value             ? 
_reflns_shell.pdbx_chi_squared            ? 
_reflns_shell.pdbx_netI_over_sigmaI_all   ? 
_reflns_shell.pdbx_netI_over_sigmaI_obs   ? 
_reflns_shell.pdbx_Rrim_I_all             ? 
_reflns_shell.pdbx_Rpim_I_all             ? 
_reflns_shell.pdbx_rejects                ? 
_reflns_shell.pdbx_ordinal                1 
_reflns_shell.pdbx_diffrn_id              1 
_reflns_shell.pdbx_CC_half                ? 
_reflns_shell.pdbx_R_split                ? 
# 
_refine.aniso_B[1][1]                            -0.00 
_refine.aniso_B[1][2]                            -0.00 
_refine.aniso_B[1][3]                            -0.00 
_refine.aniso_B[2][2]                            -0.00 
_refine.aniso_B[2][3]                            -0.00 
_refine.aniso_B[3][3]                            0.00 
_refine.B_iso_max                                ? 
_refine.B_iso_mean                               12.739 
_refine.B_iso_min                                ? 
_refine.correlation_coeff_Fo_to_Fc               0.956 
_refine.correlation_coeff_Fo_to_Fc_free          0.939 
_refine.details                                  'HYDROGENS HAVE BEEN ADDED IN THE RIDING POSITIONS' 
_refine.diff_density_max                         ? 
_refine.diff_density_max_esd                     ? 
_refine.diff_density_min                         ? 
_refine.diff_density_min_esd                     ? 
_refine.diff_density_rms                         ? 
_refine.diff_density_rms_esd                     ? 
_refine.entry_id                                 5B5J 
_refine.pdbx_refine_id                           'X-RAY DIFFRACTION' 
_refine.ls_abs_structure_details                 ? 
_refine.ls_abs_structure_Flack                   ? 
_refine.ls_abs_structure_Flack_esd               ? 
_refine.ls_abs_structure_Rogers                  ? 
_refine.ls_abs_structure_Rogers_esd              ? 
_refine.ls_d_res_high                            1.26 
_refine.ls_d_res_low                             21.76 
_refine.ls_extinction_coef                       ? 
_refine.ls_extinction_coef_esd                   ? 
_refine.ls_extinction_expression                 ? 
_refine.ls_extinction_method                     ? 
_refine.ls_goodness_of_fit_all                   ? 
_refine.ls_goodness_of_fit_all_esd               ? 
_refine.ls_goodness_of_fit_obs                   ? 
_refine.ls_goodness_of_fit_obs_esd               ? 
_refine.ls_hydrogen_treatment                    ? 
_refine.ls_matrix_type                           ? 
_refine.ls_number_constraints                    ? 
_refine.ls_number_parameters                     ? 
_refine.ls_number_reflns_all                     ? 
_refine.ls_number_reflns_obs                     28368 
_refine.ls_number_reflns_R_free                  1483 
_refine.ls_number_reflns_R_work                  ? 
_refine.ls_number_restraints                     ? 
_refine.ls_percent_reflns_obs                    93.69 
_refine.ls_percent_reflns_R_free                 5.0 
_refine.ls_R_factor_all                          ? 
_refine.ls_R_factor_obs                          0.19424 
_refine.ls_R_factor_R_free                       0.22334 
_refine.ls_R_factor_R_free_error                 ? 
_refine.ls_R_factor_R_free_error_details         ? 
_refine.ls_R_factor_R_work                       0.19275 
_refine.ls_R_Fsqd_factor_obs                     ? 
_refine.ls_R_I_factor_obs                        ? 
_refine.ls_redundancy_reflns_all                 ? 
_refine.ls_redundancy_reflns_obs                 ? 
_refine.ls_restrained_S_all                      ? 
_refine.ls_restrained_S_obs                      ? 
_refine.ls_shift_over_esd_max                    ? 
_refine.ls_shift_over_esd_mean                   ? 
_refine.ls_structure_factor_coef                 ? 
_refine.ls_weighting_details                     ? 
_refine.ls_weighting_scheme                      ? 
_refine.ls_wR_factor_all                         ? 
_refine.ls_wR_factor_obs                         ? 
_refine.ls_wR_factor_R_free                      ? 
_refine.ls_wR_factor_R_work                      ? 
_refine.occupancy_max                            ? 
_refine.occupancy_min                            ? 
_refine.solvent_model_details                    ? 
_refine.solvent_model_param_bsol                 ? 
_refine.solvent_model_param_ksol                 ? 
_refine.ls_R_factor_gt                           ? 
_refine.ls_goodness_of_fit_gt                    ? 
_refine.ls_goodness_of_fit_ref                   ? 
_refine.ls_shift_over_su_max                     ? 
_refine.ls_shift_over_su_max_lt                  ? 
_refine.ls_shift_over_su_mean                    ? 
_refine.ls_shift_over_su_mean_lt                 ? 
_refine.pdbx_ls_sigma_I                          ? 
_refine.pdbx_ls_sigma_F                          ? 
_refine.pdbx_ls_sigma_Fsqd                       ? 
_refine.pdbx_data_cutoff_high_absF               ? 
_refine.pdbx_data_cutoff_high_rms_absF           ? 
_refine.pdbx_data_cutoff_low_absF                ? 
_refine.pdbx_isotropic_thermal_model             ? 
_refine.pdbx_ls_cross_valid_method               THROUGHOUT 
_refine.pdbx_method_to_determine_struct          ? 
_refine.pdbx_starting_model                      ? 
_refine.pdbx_stereochemistry_target_values       ? 
_refine.pdbx_R_Free_selection_details            RANDOM 
_refine.pdbx_stereochem_target_val_spec_case     ? 
_refine.pdbx_overall_ESU_R                       0.061 
_refine.pdbx_overall_ESU_R_Free                  0.064 
_refine.pdbx_solvent_vdw_probe_radii             1.20 
_refine.pdbx_solvent_ion_probe_radii             0.80 
_refine.pdbx_solvent_shrinkage_radii             0.80 
_refine.pdbx_real_space_R                        ? 
_refine.pdbx_density_correlation                 ? 
_refine.pdbx_pd_number_of_powder_patterns        ? 
_refine.pdbx_pd_number_of_points                 ? 
_refine.pdbx_pd_meas_number_of_points            ? 
_refine.pdbx_pd_proc_ls_prof_R_factor            ? 
_refine.pdbx_pd_proc_ls_prof_wR_factor           ? 
_refine.pdbx_pd_Marquardt_correlation_coeff      ? 
_refine.pdbx_pd_Fsqrd_R_factor                   ? 
_refine.pdbx_pd_ls_matrix_band_width             ? 
_refine.pdbx_overall_phase_error                 ? 
_refine.pdbx_overall_SU_R_free_Cruickshank_DPI   ? 
_refine.pdbx_overall_SU_R_free_Blow_DPI          ? 
_refine.pdbx_overall_SU_R_Blow_DPI               ? 
_refine.pdbx_TLS_residual_ADP_flag               ? 
_refine.pdbx_diffrn_id                           1 
_refine.overall_SU_B                             0.802 
_refine.overall_SU_ML                            0.035 
_refine.overall_SU_R_Cruickshank_DPI             ? 
_refine.overall_SU_R_free                        ? 
_refine.overall_FOM_free_R_set                   ? 
_refine.overall_FOM_work_R_set                   ? 
_refine.pdbx_average_fsc_overall                 ? 
_refine.pdbx_average_fsc_work                    ? 
_refine.pdbx_average_fsc_free                    ? 
# 
_refine_hist.pdbx_refine_id                   'X-RAY DIFFRACTION' 
_refine_hist.cycle_id                         LAST 
_refine_hist.pdbx_number_atoms_protein        1001 
_refine_hist.pdbx_number_atoms_nucleic_acid   0 
_refine_hist.pdbx_number_atoms_ligand         88 
_refine_hist.number_atoms_solvent             224 
_refine_hist.number_atoms_total               1313 
_refine_hist.d_res_high                       1.26 
_refine_hist.d_res_low                        21.76 
# 
loop_
_refine_ls_restr.pdbx_refine_id 
_refine_ls_restr.criterion 
_refine_ls_restr.dev_ideal 
_refine_ls_restr.dev_ideal_target 
_refine_ls_restr.number 
_refine_ls_restr.rejects 
_refine_ls_restr.type 
_refine_ls_restr.weight 
_refine_ls_restr.pdbx_restraint_function 
'X-RAY DIFFRACTION' ? 0.027  0.020  1171 ? r_bond_refined_d             ? ? 
'X-RAY DIFFRACTION' ? 0.001  0.020  1015 ? r_bond_other_d               ? ? 
'X-RAY DIFFRACTION' ? 3.933  2.111  1753 ? r_angle_refined_deg          ? ? 
'X-RAY DIFFRACTION' ? 1.108  3.007  2309 ? r_angle_other_deg            ? ? 
'X-RAY DIFFRACTION' ? 6.398  5.000  132  ? r_dihedral_angle_1_deg       ? ? 
'X-RAY DIFFRACTION' ? 34.525 22.745 51   ? r_dihedral_angle_2_deg       ? ? 
'X-RAY DIFFRACTION' ? 11.390 15.000 171  ? r_dihedral_angle_3_deg       ? ? 
'X-RAY DIFFRACTION' ? 12.285 15.000 12   ? r_dihedral_angle_4_deg       ? ? 
'X-RAY DIFFRACTION' ? 0.746  0.200  174  ? r_chiral_restr               ? ? 
'X-RAY DIFFRACTION' ? 0.012  0.020  1286 ? r_gen_planes_refined         ? ? 
'X-RAY DIFFRACTION' ? 0.003  0.020  295  ? r_gen_planes_other           ? ? 
'X-RAY DIFFRACTION' ? ?      ?      ?    ? r_nbd_refined                ? ? 
'X-RAY DIFFRACTION' ? ?      ?      ?    ? r_nbd_other                  ? ? 
'X-RAY DIFFRACTION' ? ?      ?      ?    ? r_nbtor_refined              ? ? 
'X-RAY DIFFRACTION' ? ?      ?      ?    ? r_nbtor_other                ? ? 
'X-RAY DIFFRACTION' ? ?      ?      ?    ? r_xyhbond_nbd_refined        ? ? 
'X-RAY DIFFRACTION' ? ?      ?      ?    ? r_xyhbond_nbd_other          ? ? 
'X-RAY DIFFRACTION' ? ?      ?      ?    ? r_metal_ion_refined          ? ? 
'X-RAY DIFFRACTION' ? ?      ?      ?    ? r_metal_ion_other            ? ? 
'X-RAY DIFFRACTION' ? ?      ?      ?    ? r_symmetry_vdw_refined       ? ? 
'X-RAY DIFFRACTION' ? ?      ?      ?    ? r_symmetry_vdw_other         ? ? 
'X-RAY DIFFRACTION' ? ?      ?      ?    ? r_symmetry_hbond_refined     ? ? 
'X-RAY DIFFRACTION' ? ?      ?      ?    ? r_symmetry_hbond_other       ? ? 
'X-RAY DIFFRACTION' ? ?      ?      ?    ? r_symmetry_metal_ion_refined ? ? 
'X-RAY DIFFRACTION' ? ?      ?      ?    ? r_symmetry_metal_ion_other   ? ? 
'X-RAY DIFFRACTION' ? 1.235  0.960  529  ? r_mcbond_it                  ? ? 
'X-RAY DIFFRACTION' ? 1.235  0.960  529  ? r_mcbond_other               ? ? 
'X-RAY DIFFRACTION' ? 1.700  1.438  660  ? r_mcangle_it                 ? ? 
'X-RAY DIFFRACTION' ? 1.699  1.441  661  ? r_mcangle_other              ? ? 
'X-RAY DIFFRACTION' ? 1.909  1.308  642  ? r_scbond_it                  ? ? 
'X-RAY DIFFRACTION' ? 1.908  1.309  643  ? r_scbond_other               ? ? 
'X-RAY DIFFRACTION' ? ?      ?      ?    ? r_scangle_it                 ? ? 
'X-RAY DIFFRACTION' ? 2.775  1.884  914  ? r_scangle_other              ? ? 
'X-RAY DIFFRACTION' ? 5.566  11.594 1650 ? r_long_range_B_refined       ? ? 
'X-RAY DIFFRACTION' ? 4.517  10.592 1518 ? r_long_range_B_other         ? ? 
'X-RAY DIFFRACTION' ? ?      ?      ?    ? r_rigid_bond_restr           ? ? 
'X-RAY DIFFRACTION' ? ?      ?      ?    ? r_sphericity_free            ? ? 
'X-RAY DIFFRACTION' ? ?      ?      ?    ? r_sphericity_bonded          ? ? 
# 
_refine_ls_shell.pdbx_refine_id                   'X-RAY DIFFRACTION' 
_refine_ls_shell.d_res_high                       1.262 
_refine_ls_shell.d_res_low                        1.295 
_refine_ls_shell.number_reflns_all                ? 
_refine_ls_shell.number_reflns_obs                ? 
_refine_ls_shell.number_reflns_R_free             109 
_refine_ls_shell.number_reflns_R_work             2024 
_refine_ls_shell.percent_reflns_obs               93.31 
_refine_ls_shell.percent_reflns_R_free            ? 
_refine_ls_shell.R_factor_all                     ? 
_refine_ls_shell.R_factor_obs                     ? 
_refine_ls_shell.R_factor_R_free                  0.390 
_refine_ls_shell.R_factor_R_free_error            ? 
_refine_ls_shell.R_factor_R_work                  0.358 
_refine_ls_shell.redundancy_reflns_all            ? 
_refine_ls_shell.redundancy_reflns_obs            ? 
_refine_ls_shell.wR_factor_all                    ? 
_refine_ls_shell.wR_factor_obs                    ? 
_refine_ls_shell.wR_factor_R_free                 ? 
_refine_ls_shell.wR_factor_R_work                 ? 
_refine_ls_shell.pdbx_total_number_of_bins_used   20 
_refine_ls_shell.pdbx_phase_error                 ? 
_refine_ls_shell.pdbx_fsc_work                    ? 
_refine_ls_shell.pdbx_fsc_free                    ? 
# 
_struct.entry_id                     5B5J 
_struct.title                        'Hen egg white lysozyme with boron tracedrug UTX-97' 
_struct.pdbx_model_details           ? 
_struct.pdbx_formula_weight          ? 
_struct.pdbx_formula_weight_method   ? 
_struct.pdbx_model_type_details      ? 
_struct.pdbx_CASP_flag               N 
# 
_struct_keywords.entry_id        5B5J 
_struct_keywords.text            'Boron cluster drug, complex, HYDROLASE' 
_struct_keywords.pdbx_keywords   HYDROLASE 
# 
loop_
_struct_asym.id 
_struct_asym.pdbx_blank_PDB_chainid_flag 
_struct_asym.pdbx_modified 
_struct_asym.entity_id 
_struct_asym.details 
A N N 1 ? 
B N N 2 ? 
C N N 2 ? 
D N N 3 ? 
E N N 3 ? 
F N N 4 ? 
# 
_struct_ref.id                         1 
_struct_ref.db_name                    UNP 
_struct_ref.db_code                    LYSC_CHICK 
_struct_ref.pdbx_db_accession          P00698 
_struct_ref.pdbx_db_isoform            ? 
_struct_ref.entity_id                  1 
_struct_ref.pdbx_seq_one_letter_code   
;KVFGRCELAAAMKRHGLDNYRGYSLGNWVCAAKFESNFNTQATNRNTDGSTDYGILQINSRWWCNDGRTPGSRNLCNIPC
SALLSSDITASVNCAKKIVSDGNGMNAWVAWRNRCKGTDVQAWIRGCRL
;
_struct_ref.pdbx_align_begin           19 
# 
_struct_ref_seq.align_id                      1 
_struct_ref_seq.ref_id                        1 
_struct_ref_seq.pdbx_PDB_id_code              5B5J 
_struct_ref_seq.pdbx_strand_id                A 
_struct_ref_seq.seq_align_beg                 1 
_struct_ref_seq.pdbx_seq_align_beg_ins_code   ? 
_struct_ref_seq.seq_align_end                 129 
_struct_ref_seq.pdbx_seq_align_end_ins_code   ? 
_struct_ref_seq.pdbx_db_accession             P00698 
_struct_ref_seq.db_align_beg                  19 
_struct_ref_seq.pdbx_db_align_beg_ins_code    ? 
_struct_ref_seq.db_align_end                  147 
_struct_ref_seq.pdbx_db_align_end_ins_code    ? 
_struct_ref_seq.pdbx_auth_seq_align_beg       1 
_struct_ref_seq.pdbx_auth_seq_align_end       129 
# 
_pdbx_struct_assembly.id                   1 
_pdbx_struct_assembly.details              author_defined_assembly 
_pdbx_struct_assembly.method_details       ? 
_pdbx_struct_assembly.oligomeric_details   monomeric 
_pdbx_struct_assembly.oligomeric_count     1 
# 
_pdbx_struct_assembly_gen.assembly_id       1 
_pdbx_struct_assembly_gen.oper_expression   1 
_pdbx_struct_assembly_gen.asym_id_list      A,B,C,D,E,F 
# 
_pdbx_struct_oper_list.id                   1 
_pdbx_struct_oper_list.type                 'identity operation' 
_pdbx_struct_oper_list.name                 1_555 
_pdbx_struct_oper_list.symmetry_operation   x,y,z 
_pdbx_struct_oper_list.matrix[1][1]         1.0000000000 
_pdbx_struct_oper_list.matrix[1][2]         0.0000000000 
_pdbx_struct_oper_list.matrix[1][3]         0.0000000000 
_pdbx_struct_oper_list.vector[1]            0.0000000000 
_pdbx_struct_oper_list.matrix[2][1]         0.0000000000 
_pdbx_struct_oper_list.matrix[2][2]         1.0000000000 
_pdbx_struct_oper_list.matrix[2][3]         0.0000000000 
_pdbx_struct_oper_list.vector[2]            0.0000000000 
_pdbx_struct_oper_list.matrix[3][1]         0.0000000000 
_pdbx_struct_oper_list.matrix[3][2]         0.0000000000 
_pdbx_struct_oper_list.matrix[3][3]         1.0000000000 
_pdbx_struct_oper_list.vector[3]            0.0000000000 
# 
loop_
_struct_conf.conf_type_id 
_struct_conf.id 
_struct_conf.pdbx_PDB_helix_id 
_struct_conf.beg_label_comp_id 
_struct_conf.beg_label_asym_id 
_struct_conf.beg_label_seq_id 
_struct_conf.pdbx_beg_PDB_ins_code 
_struct_conf.end_label_comp_id 
_struct_conf.end_label_asym_id 
_struct_conf.end_label_seq_id 
_struct_conf.pdbx_end_PDB_ins_code 
_struct_conf.beg_auth_comp_id 
_struct_conf.beg_auth_asym_id 
_struct_conf.beg_auth_seq_id 
_struct_conf.end_auth_comp_id 
_struct_conf.end_auth_asym_id 
_struct_conf.end_auth_seq_id 
_struct_conf.pdbx_PDB_helix_class 
_struct_conf.details 
_struct_conf.pdbx_PDB_helix_length 
HELX_P HELX_P1 AA1 GLY A 4   ? HIS A 15  ? GLY A 4   HIS A 15  1 ? 12 
HELX_P HELX_P2 AA2 ASN A 19  ? TYR A 23  ? ASN A 19  TYR A 23  5 ? 5  
HELX_P HELX_P3 AA3 SER A 24  ? ASN A 37  ? SER A 24  ASN A 37  1 ? 14 
HELX_P HELX_P4 AA4 PRO A 79  ? SER A 85  ? PRO A 79  SER A 85  5 ? 7  
HELX_P HELX_P5 AA5 ILE A 88  ? SER A 100 ? ILE A 88  SER A 100 1 ? 13 
HELX_P HELX_P6 AA6 ASN A 103 ? ALA A 107 ? ASN A 103 ALA A 107 5 ? 5  
HELX_P HELX_P7 AA7 TRP A 108 ? CYS A 115 ? TRP A 108 CYS A 115 1 ? 8  
HELX_P HELX_P8 AA8 ASP A 119 ? ARG A 125 ? ASP A 119 ARG A 125 5 ? 7  
# 
_struct_conf_type.id          HELX_P 
_struct_conf_type.criteria    ? 
_struct_conf_type.reference   ? 
# 
loop_
_struct_conn.id 
_struct_conn.conn_type_id 
_struct_conn.pdbx_leaving_atom_flag 
_struct_conn.pdbx_PDB_id 
_struct_conn.ptnr1_label_asym_id 
_struct_conn.ptnr1_label_comp_id 
_struct_conn.ptnr1_label_seq_id 
_struct_conn.ptnr1_label_atom_id 
_struct_conn.pdbx_ptnr1_label_alt_id 
_struct_conn.pdbx_ptnr1_PDB_ins_code 
_struct_conn.pdbx_ptnr1_standard_comp_id 
_struct_conn.ptnr1_symmetry 
_struct_conn.ptnr2_label_asym_id 
_struct_conn.ptnr2_label_comp_id 
_struct_conn.ptnr2_label_seq_id 
_struct_conn.ptnr2_label_atom_id 
_struct_conn.pdbx_ptnr2_label_alt_id 
_struct_conn.pdbx_ptnr2_PDB_ins_code 
_struct_conn.ptnr1_auth_asym_id 
_struct_conn.ptnr1_auth_comp_id 
_struct_conn.ptnr1_auth_seq_id 
_struct_conn.ptnr2_auth_asym_id 
_struct_conn.ptnr2_auth_comp_id 
_struct_conn.ptnr2_auth_seq_id 
_struct_conn.ptnr2_symmetry 
_struct_conn.pdbx_ptnr3_label_atom_id 
_struct_conn.pdbx_ptnr3_label_seq_id 
_struct_conn.pdbx_ptnr3_label_comp_id 
_struct_conn.pdbx_ptnr3_label_asym_id 
_struct_conn.pdbx_ptnr3_label_alt_id 
_struct_conn.pdbx_ptnr3_PDB_ins_code 
_struct_conn.details 
_struct_conn.pdbx_dist_value 
_struct_conn.pdbx_value_order 
_struct_conn.pdbx_role 
disulf1  disulf ? ? A CYS 6  SG ? ? ? 1_555 A CYS 127 SG ? ? A CYS 6   A CYS 127 1_555 ? ? ? ? ? ? ? 2.039 ? ? 
disulf2  disulf ? ? A CYS 30 SG ? ? ? 1_555 A CYS 115 SG ? ? A CYS 30  A CYS 115 1_555 ? ? ? ? ? ? ? 2.039 ? ? 
disulf3  disulf ? ? A CYS 64 SG ? ? ? 1_555 A CYS 80  SG ? ? A CYS 64  A CYS 80  1_555 ? ? ? ? ? ? ? 2.002 ? ? 
disulf4  disulf ? ? A CYS 76 SG ? ? ? 1_555 A CYS 94  SG ? ? A CYS 76  A CYS 94  1_555 ? ? ? ? ? ? ? 1.996 ? ? 
metalc1  metalc ? ? A ASN 19 O  ? ? ? 1_555 E NA  .   NA ? ? A ASN 19  A NA  204 1_555 ? ? ? ? ? ? ? 2.765 ? ? 
metalc2  metalc ? ? A SER 60 O  ? ? ? 1_555 D NA  .   NA ? ? A SER 60  A NA  203 1_555 ? ? ? ? ? ? ? 2.284 ? ? 
metalc3  metalc ? ? A CYS 64 O  ? ? ? 1_555 D NA  .   NA ? ? A CYS 64  A NA  203 1_555 ? ? ? ? ? ? ? 2.400 ? ? 
metalc4  metalc ? ? A SER 72 OG ? ? ? 1_555 D NA  .   NA ? ? A SER 72  A NA  203 1_555 ? ? ? ? ? ? ? 2.500 ? ? 
metalc5  metalc ? ? A ARG 73 O  ? ? ? 1_555 D NA  .   NA ? ? A ARG 73  A NA  203 1_555 ? ? ? ? ? ? ? 2.415 ? ? 
metalc6  metalc ? ? D NA  .  NA ? ? ? 1_555 F HOH .   O  ? ? A NA  203 A HOH 380 1_555 ? ? ? ? ? ? ? 2.477 ? ? 
metalc7  metalc ? ? D NA  .  NA ? ? ? 1_555 F HOH .   O  ? ? A NA  203 A HOH 406 1_555 ? ? ? ? ? ? ? 2.375 ? ? 
metalc8  metalc ? ? E NA  .  NA ? ? ? 1_555 F HOH .   O  ? ? A NA  204 A HOH 449 5_444 ? ? ? ? ? ? ? 2.741 ? ? 
metalc9  metalc ? ? E NA  .  NA ? ? ? 1_555 F HOH .   O  ? ? A NA  204 A HOH 460 1_555 ? ? ? ? ? ? ? 2.587 ? ? 
metalc10 metalc ? ? E NA  .  NA ? ? ? 1_555 F HOH .   O  ? ? A NA  204 A HOH 467 1_555 ? ? ? ? ? ? ? 2.245 ? ? 
# 
loop_
_struct_conn_type.id 
_struct_conn_type.criteria 
_struct_conn_type.reference 
disulf ? ? 
metalc ? ? 
# 
loop_
_pdbx_struct_conn_angle.id 
_pdbx_struct_conn_angle.ptnr1_label_atom_id 
_pdbx_struct_conn_angle.ptnr1_label_alt_id 
_pdbx_struct_conn_angle.ptnr1_label_asym_id 
_pdbx_struct_conn_angle.ptnr1_label_comp_id 
_pdbx_struct_conn_angle.ptnr1_label_seq_id 
_pdbx_struct_conn_angle.ptnr1_auth_atom_id 
_pdbx_struct_conn_angle.ptnr1_auth_asym_id 
_pdbx_struct_conn_angle.ptnr1_auth_comp_id 
_pdbx_struct_conn_angle.ptnr1_auth_seq_id 
_pdbx_struct_conn_angle.ptnr1_PDB_ins_code 
_pdbx_struct_conn_angle.ptnr1_symmetry 
_pdbx_struct_conn_angle.ptnr2_label_atom_id 
_pdbx_struct_conn_angle.ptnr2_label_alt_id 
_pdbx_struct_conn_angle.ptnr2_label_asym_id 
_pdbx_struct_conn_angle.ptnr2_label_comp_id 
_pdbx_struct_conn_angle.ptnr2_label_seq_id 
_pdbx_struct_conn_angle.ptnr2_auth_atom_id 
_pdbx_struct_conn_angle.ptnr2_auth_asym_id 
_pdbx_struct_conn_angle.ptnr2_auth_comp_id 
_pdbx_struct_conn_angle.ptnr2_auth_seq_id 
_pdbx_struct_conn_angle.ptnr2_PDB_ins_code 
_pdbx_struct_conn_angle.ptnr2_symmetry 
_pdbx_struct_conn_angle.ptnr3_label_atom_id 
_pdbx_struct_conn_angle.ptnr3_label_alt_id 
_pdbx_struct_conn_angle.ptnr3_label_asym_id 
_pdbx_struct_conn_angle.ptnr3_label_comp_id 
_pdbx_struct_conn_angle.ptnr3_label_seq_id 
_pdbx_struct_conn_angle.ptnr3_auth_atom_id 
_pdbx_struct_conn_angle.ptnr3_auth_asym_id 
_pdbx_struct_conn_angle.ptnr3_auth_comp_id 
_pdbx_struct_conn_angle.ptnr3_auth_seq_id 
_pdbx_struct_conn_angle.ptnr3_PDB_ins_code 
_pdbx_struct_conn_angle.ptnr3_symmetry 
_pdbx_struct_conn_angle.value 
_pdbx_struct_conn_angle.value_esd 
1  O  ? A ASN 19 ? A ASN 19  ? 1_555 NA ? E NA . ? A NA 204 ? 1_555 O  ? F HOH .  ? A HOH 449 ? 5_444 97.9  ? 
2  O  ? A ASN 19 ? A ASN 19  ? 1_555 NA ? E NA . ? A NA 204 ? 1_555 O  ? F HOH .  ? A HOH 460 ? 1_555 86.8  ? 
3  O  ? F HOH .  ? A HOH 449 ? 5_444 NA ? E NA . ? A NA 204 ? 1_555 O  ? F HOH .  ? A HOH 460 ? 1_555 170.9 ? 
4  O  ? A ASN 19 ? A ASN 19  ? 1_555 NA ? E NA . ? A NA 204 ? 1_555 O  ? F HOH .  ? A HOH 467 ? 1_555 84.2  ? 
5  O  ? F HOH .  ? A HOH 449 ? 5_444 NA ? E NA . ? A NA 204 ? 1_555 O  ? F HOH .  ? A HOH 467 ? 1_555 89.4  ? 
6  O  ? F HOH .  ? A HOH 460 ? 1_555 NA ? E NA . ? A NA 204 ? 1_555 O  ? F HOH .  ? A HOH 467 ? 1_555 98.8  ? 
7  O  ? A SER 60 ? A SER 60  ? 1_555 NA ? D NA . ? A NA 203 ? 1_555 O  ? A CYS 64 ? A CYS 64  ? 1_555 90.1  ? 
8  O  ? A SER 60 ? A SER 60  ? 1_555 NA ? D NA . ? A NA 203 ? 1_555 OG ? A SER 72 ? A SER 72  ? 1_555 88.5  ? 
9  O  ? A CYS 64 ? A CYS 64  ? 1_555 NA ? D NA . ? A NA 203 ? 1_555 OG ? A SER 72 ? A SER 72  ? 1_555 165.6 ? 
10 O  ? A SER 60 ? A SER 60  ? 1_555 NA ? D NA . ? A NA 203 ? 1_555 O  ? A ARG 73 ? A ARG 73  ? 1_555 92.6  ? 
11 O  ? A CYS 64 ? A CYS 64  ? 1_555 NA ? D NA . ? A NA 203 ? 1_555 O  ? A ARG 73 ? A ARG 73  ? 1_555 93.2  ? 
12 OG ? A SER 72 ? A SER 72  ? 1_555 NA ? D NA . ? A NA 203 ? 1_555 O  ? A ARG 73 ? A ARG 73  ? 1_555 101.2 ? 
13 O  ? A SER 60 ? A SER 60  ? 1_555 NA ? D NA . ? A NA 203 ? 1_555 O  ? F HOH .  ? A HOH 380 ? 1_555 101.7 ? 
14 O  ? A CYS 64 ? A CYS 64  ? 1_555 NA ? D NA . ? A NA 203 ? 1_555 O  ? F HOH .  ? A HOH 380 ? 1_555 88.0  ? 
15 OG ? A SER 72 ? A SER 72  ? 1_555 NA ? D NA . ? A NA 203 ? 1_555 O  ? F HOH .  ? A HOH 380 ? 1_555 78.2  ? 
16 O  ? A ARG 73 ? A ARG 73  ? 1_555 NA ? D NA . ? A NA 203 ? 1_555 O  ? F HOH .  ? A HOH 380 ? 1_555 165.7 ? 
17 O  ? A SER 60 ? A SER 60  ? 1_555 NA ? D NA . ? A NA 203 ? 1_555 O  ? F HOH .  ? A HOH 406 ? 1_555 173.9 ? 
18 O  ? A CYS 64 ? A CYS 64  ? 1_555 NA ? D NA . ? A NA 203 ? 1_555 O  ? F HOH .  ? A HOH 406 ? 1_555 95.8  ? 
19 OG ? A SER 72 ? A SER 72  ? 1_555 NA ? D NA . ? A NA 203 ? 1_555 O  ? F HOH .  ? A HOH 406 ? 1_555 85.4  ? 
20 O  ? A ARG 73 ? A ARG 73  ? 1_555 NA ? D NA . ? A NA 203 ? 1_555 O  ? F HOH .  ? A HOH 406 ? 1_555 88.6  ? 
21 O  ? F HOH .  ? A HOH 380 ? 1_555 NA ? D NA . ? A NA 203 ? 1_555 O  ? F HOH .  ? A HOH 406 ? 1_555 77.1  ? 
# 
loop_
_pdbx_modification_feature.ordinal 
_pdbx_modification_feature.label_comp_id 
_pdbx_modification_feature.label_asym_id 
_pdbx_modification_feature.label_seq_id 
_pdbx_modification_feature.label_alt_id 
_pdbx_modification_feature.modified_residue_label_comp_id 
_pdbx_modification_feature.modified_residue_label_asym_id 
_pdbx_modification_feature.modified_residue_label_seq_id 
_pdbx_modification_feature.modified_residue_label_alt_id 
_pdbx_modification_feature.auth_comp_id 
_pdbx_modification_feature.auth_asym_id 
_pdbx_modification_feature.auth_seq_id 
_pdbx_modification_feature.PDB_ins_code 
_pdbx_modification_feature.symmetry 
_pdbx_modification_feature.modified_residue_auth_comp_id 
_pdbx_modification_feature.modified_residue_auth_asym_id 
_pdbx_modification_feature.modified_residue_auth_seq_id 
_pdbx_modification_feature.modified_residue_PDB_ins_code 
_pdbx_modification_feature.modified_residue_symmetry 
_pdbx_modification_feature.comp_id_linking_atom 
_pdbx_modification_feature.modified_residue_id_linking_atom 
_pdbx_modification_feature.modified_residue_id 
_pdbx_modification_feature.ref_pcm_id 
_pdbx_modification_feature.ref_comp_id 
_pdbx_modification_feature.type 
_pdbx_modification_feature.category 
1 CYS A 6  ? CYS A 127 ? CYS A 6  ? 1_555 CYS A 127 ? 1_555 SG SG . . . None 'Disulfide bridge' 
2 CYS A 30 ? CYS A 115 ? CYS A 30 ? 1_555 CYS A 115 ? 1_555 SG SG . . . None 'Disulfide bridge' 
3 CYS A 64 ? CYS A 80  ? CYS A 64 ? 1_555 CYS A 80  ? 1_555 SG SG . . . None 'Disulfide bridge' 
4 CYS A 76 ? CYS A 94  ? CYS A 76 ? 1_555 CYS A 94  ? 1_555 SG SG . . . None 'Disulfide bridge' 
# 
_struct_sheet.id               AA1 
_struct_sheet.type             ? 
_struct_sheet.number_strands   3 
_struct_sheet.details          ? 
# 
loop_
_struct_sheet_order.sheet_id 
_struct_sheet_order.range_id_1 
_struct_sheet_order.range_id_2 
_struct_sheet_order.offset 
_struct_sheet_order.sense 
AA1 1 2 ? anti-parallel 
AA1 2 3 ? anti-parallel 
# 
loop_
_struct_sheet_range.sheet_id 
_struct_sheet_range.id 
_struct_sheet_range.beg_label_comp_id 
_struct_sheet_range.beg_label_asym_id 
_struct_sheet_range.beg_label_seq_id 
_struct_sheet_range.pdbx_beg_PDB_ins_code 
_struct_sheet_range.end_label_comp_id 
_struct_sheet_range.end_label_asym_id 
_struct_sheet_range.end_label_seq_id 
_struct_sheet_range.pdbx_end_PDB_ins_code 
_struct_sheet_range.beg_auth_comp_id 
_struct_sheet_range.beg_auth_asym_id 
_struct_sheet_range.beg_auth_seq_id 
_struct_sheet_range.end_auth_comp_id 
_struct_sheet_range.end_auth_asym_id 
_struct_sheet_range.end_auth_seq_id 
AA1 1 THR A 43 ? ARG A 45 ? THR A 43 ARG A 45 
AA1 2 THR A 51 ? TYR A 53 ? THR A 51 TYR A 53 
AA1 3 ILE A 58 ? ASN A 59 ? ILE A 58 ASN A 59 
# 
loop_
_pdbx_struct_sheet_hbond.sheet_id 
_pdbx_struct_sheet_hbond.range_id_1 
_pdbx_struct_sheet_hbond.range_id_2 
_pdbx_struct_sheet_hbond.range_1_label_atom_id 
_pdbx_struct_sheet_hbond.range_1_label_comp_id 
_pdbx_struct_sheet_hbond.range_1_label_asym_id 
_pdbx_struct_sheet_hbond.range_1_label_seq_id 
_pdbx_struct_sheet_hbond.range_1_PDB_ins_code 
_pdbx_struct_sheet_hbond.range_1_auth_atom_id 
_pdbx_struct_sheet_hbond.range_1_auth_comp_id 
_pdbx_struct_sheet_hbond.range_1_auth_asym_id 
_pdbx_struct_sheet_hbond.range_1_auth_seq_id 
_pdbx_struct_sheet_hbond.range_2_label_atom_id 
_pdbx_struct_sheet_hbond.range_2_label_comp_id 
_pdbx_struct_sheet_hbond.range_2_label_asym_id 
_pdbx_struct_sheet_hbond.range_2_label_seq_id 
_pdbx_struct_sheet_hbond.range_2_PDB_ins_code 
_pdbx_struct_sheet_hbond.range_2_auth_atom_id 
_pdbx_struct_sheet_hbond.range_2_auth_comp_id 
_pdbx_struct_sheet_hbond.range_2_auth_asym_id 
_pdbx_struct_sheet_hbond.range_2_auth_seq_id 
AA1 1 2 N ASN A 44 ? N ASN A 44 O ASP A 52 ? O ASP A 52 
AA1 2 3 N TYR A 53 ? N TYR A 53 O ILE A 58 ? O ILE A 58 
# 
loop_
_struct_site.id 
_struct_site.pdbx_evidence_code 
_struct_site.pdbx_auth_asym_id 
_struct_site.pdbx_auth_comp_id 
_struct_site.pdbx_auth_seq_id 
_struct_site.pdbx_auth_ins_code 
_struct_site.pdbx_num_residues 
_struct_site.details 
AC1 Software A UTX 201 ? 17 'binding site for residue UTX A 201' 
AC2 Software A UTX 202 ? 17 'binding site for residue UTX A 202' 
AC3 Software A NA  203 ? 6  'binding site for residue NA A 203'  
AC4 Software A NA  204 ? 5  'binding site for residue NA A 204'  
# 
loop_
_struct_site_gen.id 
_struct_site_gen.site_id 
_struct_site_gen.pdbx_num_res 
_struct_site_gen.label_comp_id 
_struct_site_gen.label_asym_id 
_struct_site_gen.label_seq_id 
_struct_site_gen.pdbx_auth_ins_code 
_struct_site_gen.auth_comp_id 
_struct_site_gen.auth_asym_id 
_struct_site_gen.auth_seq_id 
_struct_site_gen.label_atom_id 
_struct_site_gen.label_alt_id 
_struct_site_gen.symmetry 
_struct_site_gen.details 
1  AC1 17 ARG A 5   ? ARG A 5   . ? 4_445 ? 
2  AC1 17 TRP A 62  ? TRP A 62  . ? 4_444 ? 
3  AC1 17 TRP A 63  ? TRP A 63  . ? 4_444 ? 
4  AC1 17 LEU A 75  ? LEU A 75  . ? 4_444 ? 
5  AC1 17 ASP A 101 ? ASP A 101 . ? 4_444 ? 
6  AC1 17 ASN A 103 ? ASN A 103 . ? 4_444 ? 
7  AC1 17 ASP A 119 ? ASP A 119 . ? 1_555 ? 
8  AC1 17 GLN A 121 ? GLN A 121 . ? 1_555 ? 
9  AC1 17 ALA A 122 ? ALA A 122 . ? 4_445 ? 
10 AC1 17 ARG A 125 ? ARG A 125 . ? 1_555 ? 
11 AC1 17 ARG A 125 ? ARG A 125 . ? 4_445 ? 
12 AC1 17 UTX C .   ? UTX A 202 . ? 1_555 ? 
13 AC1 17 HOH F .   ? HOH A 305 . ? 1_555 ? 
14 AC1 17 HOH F .   ? HOH A 362 . ? 4_444 ? 
15 AC1 17 HOH F .   ? HOH A 365 . ? 1_555 ? 
16 AC1 17 HOH F .   ? HOH A 403 . ? 1_555 ? 
17 AC1 17 HOH F .   ? HOH A 518 . ? 1_555 ? 
18 AC2 17 LYS A 33  ? LYS A 33  . ? 4_445 ? 
19 AC2 17 ASP A 101 ? ASP A 101 . ? 4_444 ? 
20 AC2 17 GLY A 102 ? GLY A 102 . ? 4_444 ? 
21 AC2 17 ASN A 103 ? ASN A 103 . ? 4_444 ? 
22 AC2 17 ARG A 112 ? ARG A 112 . ? 2_454 ? 
23 AC2 17 GLY A 117 ? GLY A 117 . ? 1_555 ? 
24 AC2 17 ASP A 119 ? ASP A 119 . ? 4_445 ? 
25 AC2 17 ALA A 122 ? ALA A 122 . ? 4_445 ? 
26 AC2 17 TRP A 123 ? TRP A 123 . ? 4_445 ? 
27 AC2 17 UTX B .   ? UTX A 201 . ? 1_555 ? 
28 AC2 17 HOH F .   ? HOH A 302 . ? 1_555 ? 
29 AC2 17 HOH F .   ? HOH A 305 . ? 1_555 ? 
30 AC2 17 HOH F .   ? HOH A 308 . ? 1_555 ? 
31 AC2 17 HOH F .   ? HOH A 310 . ? 4_445 ? 
32 AC2 17 HOH F .   ? HOH A 335 . ? 4_445 ? 
33 AC2 17 HOH F .   ? HOH A 343 . ? 1_555 ? 
34 AC2 17 HOH F .   ? HOH A 391 . ? 1_555 ? 
35 AC3 6  SER A 60  ? SER A 60  . ? 1_555 ? 
36 AC3 6  CYS A 64  ? CYS A 64  . ? 1_555 ? 
37 AC3 6  SER A 72  ? SER A 72  . ? 1_555 ? 
38 AC3 6  ARG A 73  ? ARG A 73  . ? 1_555 ? 
39 AC3 6  HOH F .   ? HOH A 380 . ? 1_555 ? 
40 AC3 6  HOH F .   ? HOH A 406 . ? 1_555 ? 
41 AC4 5  ASN A 19  ? ASN A 19  . ? 1_555 ? 
42 AC4 5  ASN A 44  ? ASN A 44  . ? 4_445 ? 
43 AC4 5  HOH F .   ? HOH A 449 . ? 5_444 ? 
44 AC4 5  HOH F .   ? HOH A 460 . ? 1_555 ? 
45 AC4 5  HOH F .   ? HOH A 467 . ? 1_555 ? 
# 
_pdbx_entry_details.entry_id                   5B5J 
_pdbx_entry_details.compound_details           ? 
_pdbx_entry_details.source_details             ? 
_pdbx_entry_details.nonpolymer_details         ? 
_pdbx_entry_details.sequence_details           ? 
_pdbx_entry_details.has_ligand_of_interest     ? 
_pdbx_entry_details.has_protein_modification   Y 
# 
loop_
_pdbx_validate_close_contact.id 
_pdbx_validate_close_contact.PDB_model_num 
_pdbx_validate_close_contact.auth_atom_id_1 
_pdbx_validate_close_contact.auth_asym_id_1 
_pdbx_validate_close_contact.auth_comp_id_1 
_pdbx_validate_close_contact.auth_seq_id_1 
_pdbx_validate_close_contact.PDB_ins_code_1 
_pdbx_validate_close_contact.label_alt_id_1 
_pdbx_validate_close_contact.auth_atom_id_2 
_pdbx_validate_close_contact.auth_asym_id_2 
_pdbx_validate_close_contact.auth_comp_id_2 
_pdbx_validate_close_contact.auth_seq_id_2 
_pdbx_validate_close_contact.PDB_ins_code_2 
_pdbx_validate_close_contact.label_alt_id_2 
_pdbx_validate_close_contact.dist 
1 1 NH1 A ARG 21  ? ? O A HOH 301 ? ? 1.96 
2 1 O   A UTX 202 ? ? O A HOH 302 ? ? 1.98 
3 1 OD1 A ASP 101 ? ? O A HOH 303 ? ? 2.16 
# 
_pdbx_validate_symm_contact.id                1 
_pdbx_validate_symm_contact.PDB_model_num     1 
_pdbx_validate_symm_contact.auth_atom_id_1    O 
_pdbx_validate_symm_contact.auth_asym_id_1    A 
_pdbx_validate_symm_contact.auth_comp_id_1    HOH 
_pdbx_validate_symm_contact.auth_seq_id_1     475 
_pdbx_validate_symm_contact.PDB_ins_code_1    ? 
_pdbx_validate_symm_contact.label_alt_id_1    ? 
_pdbx_validate_symm_contact.site_symmetry_1   1_555 
_pdbx_validate_symm_contact.auth_atom_id_2    O 
_pdbx_validate_symm_contact.auth_asym_id_2    A 
_pdbx_validate_symm_contact.auth_comp_id_2    HOH 
_pdbx_validate_symm_contact.auth_seq_id_2     475 
_pdbx_validate_symm_contact.PDB_ins_code_2    ? 
_pdbx_validate_symm_contact.label_alt_id_2    ? 
_pdbx_validate_symm_contact.site_symmetry_2   7_554 
_pdbx_validate_symm_contact.dist              1.68 
# 
loop_
_pdbx_validate_rmsd_angle.id 
_pdbx_validate_rmsd_angle.PDB_model_num 
_pdbx_validate_rmsd_angle.auth_atom_id_1 
_pdbx_validate_rmsd_angle.auth_asym_id_1 
_pdbx_validate_rmsd_angle.auth_comp_id_1 
_pdbx_validate_rmsd_angle.auth_seq_id_1 
_pdbx_validate_rmsd_angle.PDB_ins_code_1 
_pdbx_validate_rmsd_angle.label_alt_id_1 
_pdbx_validate_rmsd_angle.auth_atom_id_2 
_pdbx_validate_rmsd_angle.auth_asym_id_2 
_pdbx_validate_rmsd_angle.auth_comp_id_2 
_pdbx_validate_rmsd_angle.auth_seq_id_2 
_pdbx_validate_rmsd_angle.PDB_ins_code_2 
_pdbx_validate_rmsd_angle.label_alt_id_2 
_pdbx_validate_rmsd_angle.auth_atom_id_3 
_pdbx_validate_rmsd_angle.auth_asym_id_3 
_pdbx_validate_rmsd_angle.auth_comp_id_3 
_pdbx_validate_rmsd_angle.auth_seq_id_3 
_pdbx_validate_rmsd_angle.PDB_ins_code_3 
_pdbx_validate_rmsd_angle.label_alt_id_3 
_pdbx_validate_rmsd_angle.angle_value 
_pdbx_validate_rmsd_angle.angle_target_value 
_pdbx_validate_rmsd_angle.angle_deviation 
_pdbx_validate_rmsd_angle.angle_standard_deviation 
_pdbx_validate_rmsd_angle.linker_flag 
1 1 NE A ARG 14  ? A CZ A ARG 14  ? A NH1 A ARG 14  ? A 123.50 120.30 3.20  0.50 N 
2 1 CB A ASP 18  ? ? CG A ASP 18  ? ? OD2 A ASP 18  ? ? 108.42 118.30 -9.88 0.90 N 
3 1 CB A ASP 52  ? ? CG A ASP 52  ? ? OD1 A ASP 52  ? ? 124.63 118.30 6.33  0.90 N 
4 1 CB A ASP 52  ? ? CG A ASP 52  ? ? OD2 A ASP 52  ? ? 111.94 118.30 -6.36 0.90 N 
5 1 NE A ARG 61  ? ? CZ A ARG 61  ? ? NH1 A ARG 61  ? ? 123.72 120.30 3.42  0.50 N 
6 1 CB A ASP 66  ? ? CG A ASP 66  ? ? OD1 A ASP 66  ? ? 124.34 118.30 6.04  0.90 N 
7 1 NE A ARG 125 ? ? CZ A ARG 125 ? ? NH1 A ARG 125 ? ? 124.02 120.30 3.72  0.50 N 
8 1 NE A ARG 128 ? ? CZ A ARG 128 ? ? NH1 A ARG 128 ? ? 125.38 120.30 5.08  0.50 N 
# 
_pdbx_validate_torsion.id              1 
_pdbx_validate_torsion.PDB_model_num   1 
_pdbx_validate_torsion.auth_comp_id    ASP 
_pdbx_validate_torsion.auth_asym_id    A 
_pdbx_validate_torsion.auth_seq_id     119 
_pdbx_validate_torsion.PDB_ins_code    ? 
_pdbx_validate_torsion.label_alt_id    ? 
_pdbx_validate_torsion.phi             -65.24 
_pdbx_validate_torsion.psi             73.89 
# 
loop_
_pdbx_validate_chiral.id 
_pdbx_validate_chiral.PDB_model_num 
_pdbx_validate_chiral.auth_atom_id 
_pdbx_validate_chiral.label_alt_id 
_pdbx_validate_chiral.auth_asym_id 
_pdbx_validate_chiral.auth_comp_id 
_pdbx_validate_chiral.auth_seq_id 
_pdbx_validate_chiral.PDB_ins_code 
_pdbx_validate_chiral.details 
_pdbx_validate_chiral.omega 
1 1 C3 ? A UTX 201 ? PLANAR . 
2 1 C2 ? A UTX 201 ? PLANAR . 
3 1 C3 ? A UTX 202 ? PLANAR . 
4 1 C2 ? A UTX 202 ? PLANAR . 
# 
loop_
_pdbx_struct_special_symmetry.id 
_pdbx_struct_special_symmetry.PDB_model_num 
_pdbx_struct_special_symmetry.auth_asym_id 
_pdbx_struct_special_symmetry.auth_comp_id 
_pdbx_struct_special_symmetry.auth_seq_id 
_pdbx_struct_special_symmetry.PDB_ins_code 
_pdbx_struct_special_symmetry.label_asym_id 
_pdbx_struct_special_symmetry.label_comp_id 
_pdbx_struct_special_symmetry.label_seq_id 
1 1 A HOH 345 ? F HOH . 
2 1 A HOH 386 ? F HOH . 
3 1 A HOH 500 ? F HOH . 
4 1 A HOH 515 ? F HOH . 
5 1 A HOH 516 ? F HOH . 
# 
_pdbx_distant_solvent_atoms.id                                1 
_pdbx_distant_solvent_atoms.PDB_model_num                     1 
_pdbx_distant_solvent_atoms.auth_atom_id                      O 
_pdbx_distant_solvent_atoms.label_alt_id                      ? 
_pdbx_distant_solvent_atoms.auth_asym_id                      A 
_pdbx_distant_solvent_atoms.auth_comp_id                      HOH 
_pdbx_distant_solvent_atoms.auth_seq_id                       524 
_pdbx_distant_solvent_atoms.PDB_ins_code                      ? 
_pdbx_distant_solvent_atoms.neighbor_macromolecule_distance   7.30 
_pdbx_distant_solvent_atoms.neighbor_ligand_distance          . 
# 
loop_
_chem_comp_atom.comp_id 
_chem_comp_atom.atom_id 
_chem_comp_atom.type_symbol 
_chem_comp_atom.pdbx_aromatic_flag 
_chem_comp_atom.pdbx_stereo_config 
_chem_comp_atom.pdbx_ordinal 
ALA N    N  N N 1   
ALA CA   C  N S 2   
ALA C    C  N N 3   
ALA O    O  N N 4   
ALA CB   C  N N 5   
ALA OXT  O  N N 6   
ALA H    H  N N 7   
ALA H2   H  N N 8   
ALA HA   H  N N 9   
ALA HB1  H  N N 10  
ALA HB2  H  N N 11  
ALA HB3  H  N N 12  
ALA HXT  H  N N 13  
ARG N    N  N N 14  
ARG CA   C  N S 15  
ARG C    C  N N 16  
ARG O    O  N N 17  
ARG CB   C  N N 18  
ARG CG   C  N N 19  
ARG CD   C  N N 20  
ARG NE   N  N N 21  
ARG CZ   C  N N 22  
ARG NH1  N  N N 23  
ARG NH2  N  N N 24  
ARG OXT  O  N N 25  
ARG H    H  N N 26  
ARG H2   H  N N 27  
ARG HA   H  N N 28  
ARG HB2  H  N N 29  
ARG HB3  H  N N 30  
ARG HG2  H  N N 31  
ARG HG3  H  N N 32  
ARG HD2  H  N N 33  
ARG HD3  H  N N 34  
ARG HE   H  N N 35  
ARG HH11 H  N N 36  
ARG HH12 H  N N 37  
ARG HH21 H  N N 38  
ARG HH22 H  N N 39  
ARG HXT  H  N N 40  
ASN N    N  N N 41  
ASN CA   C  N S 42  
ASN C    C  N N 43  
ASN O    O  N N 44  
ASN CB   C  N N 45  
ASN CG   C  N N 46  
ASN OD1  O  N N 47  
ASN ND2  N  N N 48  
ASN OXT  O  N N 49  
ASN H    H  N N 50  
ASN H2   H  N N 51  
ASN HA   H  N N 52  
ASN HB2  H  N N 53  
ASN HB3  H  N N 54  
ASN HD21 H  N N 55  
ASN HD22 H  N N 56  
ASN HXT  H  N N 57  
ASP N    N  N N 58  
ASP CA   C  N S 59  
ASP C    C  N N 60  
ASP O    O  N N 61  
ASP CB   C  N N 62  
ASP CG   C  N N 63  
ASP OD1  O  N N 64  
ASP OD2  O  N N 65  
ASP OXT  O  N N 66  
ASP H    H  N N 67  
ASP H2   H  N N 68  
ASP HA   H  N N 69  
ASP HB2  H  N N 70  
ASP HB3  H  N N 71  
ASP HD2  H  N N 72  
ASP HXT  H  N N 73  
CYS N    N  N N 74  
CYS CA   C  N R 75  
CYS C    C  N N 76  
CYS O    O  N N 77  
CYS CB   C  N N 78  
CYS SG   S  N N 79  
CYS OXT  O  N N 80  
CYS H    H  N N 81  
CYS H2   H  N N 82  
CYS HA   H  N N 83  
CYS HB2  H  N N 84  
CYS HB3  H  N N 85  
CYS HG   H  N N 86  
CYS HXT  H  N N 87  
GLN N    N  N N 88  
GLN CA   C  N S 89  
GLN C    C  N N 90  
GLN O    O  N N 91  
GLN CB   C  N N 92  
GLN CG   C  N N 93  
GLN CD   C  N N 94  
GLN OE1  O  N N 95  
GLN NE2  N  N N 96  
GLN OXT  O  N N 97  
GLN H    H  N N 98  
GLN H2   H  N N 99  
GLN HA   H  N N 100 
GLN HB2  H  N N 101 
GLN HB3  H  N N 102 
GLN HG2  H  N N 103 
GLN HG3  H  N N 104 
GLN HE21 H  N N 105 
GLN HE22 H  N N 106 
GLN HXT  H  N N 107 
GLU N    N  N N 108 
GLU CA   C  N S 109 
GLU C    C  N N 110 
GLU O    O  N N 111 
GLU CB   C  N N 112 
GLU CG   C  N N 113 
GLU CD   C  N N 114 
GLU OE1  O  N N 115 
GLU OE2  O  N N 116 
GLU OXT  O  N N 117 
GLU H    H  N N 118 
GLU H2   H  N N 119 
GLU HA   H  N N 120 
GLU HB2  H  N N 121 
GLU HB3  H  N N 122 
GLU HG2  H  N N 123 
GLU HG3  H  N N 124 
GLU HE2  H  N N 125 
GLU HXT  H  N N 126 
GLY N    N  N N 127 
GLY CA   C  N N 128 
GLY C    C  N N 129 
GLY O    O  N N 130 
GLY OXT  O  N N 131 
GLY H    H  N N 132 
GLY H2   H  N N 133 
GLY HA2  H  N N 134 
GLY HA3  H  N N 135 
GLY HXT  H  N N 136 
HIS N    N  N N 137 
HIS CA   C  N S 138 
HIS C    C  N N 139 
HIS O    O  N N 140 
HIS CB   C  N N 141 
HIS CG   C  Y N 142 
HIS ND1  N  Y N 143 
HIS CD2  C  Y N 144 
HIS CE1  C  Y N 145 
HIS NE2  N  Y N 146 
HIS OXT  O  N N 147 
HIS H    H  N N 148 
HIS H2   H  N N 149 
HIS HA   H  N N 150 
HIS HB2  H  N N 151 
HIS HB3  H  N N 152 
HIS HD1  H  N N 153 
HIS HD2  H  N N 154 
HIS HE1  H  N N 155 
HIS HE2  H  N N 156 
HIS HXT  H  N N 157 
HOH O    O  N N 158 
HOH H1   H  N N 159 
HOH H2   H  N N 160 
ILE N    N  N N 161 
ILE CA   C  N S 162 
ILE C    C  N N 163 
ILE O    O  N N 164 
ILE CB   C  N S 165 
ILE CG1  C  N N 166 
ILE CG2  C  N N 167 
ILE CD1  C  N N 168 
ILE OXT  O  N N 169 
ILE H    H  N N 170 
ILE H2   H  N N 171 
ILE HA   H  N N 172 
ILE HB   H  N N 173 
ILE HG12 H  N N 174 
ILE HG13 H  N N 175 
ILE HG21 H  N N 176 
ILE HG22 H  N N 177 
ILE HG23 H  N N 178 
ILE HD11 H  N N 179 
ILE HD12 H  N N 180 
ILE HD13 H  N N 181 
ILE HXT  H  N N 182 
LEU N    N  N N 183 
LEU CA   C  N S 184 
LEU C    C  N N 185 
LEU O    O  N N 186 
LEU CB   C  N N 187 
LEU CG   C  N N 188 
LEU CD1  C  N N 189 
LEU CD2  C  N N 190 
LEU OXT  O  N N 191 
LEU H    H  N N 192 
LEU H2   H  N N 193 
LEU HA   H  N N 194 
LEU HB2  H  N N 195 
LEU HB3  H  N N 196 
LEU HG   H  N N 197 
LEU HD11 H  N N 198 
LEU HD12 H  N N 199 
LEU HD13 H  N N 200 
LEU HD21 H  N N 201 
LEU HD22 H  N N 202 
LEU HD23 H  N N 203 
LEU HXT  H  N N 204 
LYS N    N  N N 205 
LYS CA   C  N S 206 
LYS C    C  N N 207 
LYS O    O  N N 208 
LYS CB   C  N N 209 
LYS CG   C  N N 210 
LYS CD   C  N N 211 
LYS CE   C  N N 212 
LYS NZ   N  N N 213 
LYS OXT  O  N N 214 
LYS H    H  N N 215 
LYS H2   H  N N 216 
LYS HA   H  N N 217 
LYS HB2  H  N N 218 
LYS HB3  H  N N 219 
LYS HG2  H  N N 220 
LYS HG3  H  N N 221 
LYS HD2  H  N N 222 
LYS HD3  H  N N 223 
LYS HE2  H  N N 224 
LYS HE3  H  N N 225 
LYS HZ1  H  N N 226 
LYS HZ2  H  N N 227 
LYS HZ3  H  N N 228 
LYS HXT  H  N N 229 
MET N    N  N N 230 
MET CA   C  N S 231 
MET C    C  N N 232 
MET O    O  N N 233 
MET CB   C  N N 234 
MET CG   C  N N 235 
MET SD   S  N N 236 
MET CE   C  N N 237 
MET OXT  O  N N 238 
MET H    H  N N 239 
MET H2   H  N N 240 
MET HA   H  N N 241 
MET HB2  H  N N 242 
MET HB3  H  N N 243 
MET HG2  H  N N 244 
MET HG3  H  N N 245 
MET HE1  H  N N 246 
MET HE2  H  N N 247 
MET HE3  H  N N 248 
MET HXT  H  N N 249 
NA  NA   NA N N 250 
PHE N    N  N N 251 
PHE CA   C  N S 252 
PHE C    C  N N 253 
PHE O    O  N N 254 
PHE CB   C  N N 255 
PHE CG   C  Y N 256 
PHE CD1  C  Y N 257 
PHE CD2  C  Y N 258 
PHE CE1  C  Y N 259 
PHE CE2  C  Y N 260 
PHE CZ   C  Y N 261 
PHE OXT  O  N N 262 
PHE H    H  N N 263 
PHE H2   H  N N 264 
PHE HA   H  N N 265 
PHE HB2  H  N N 266 
PHE HB3  H  N N 267 
PHE HD1  H  N N 268 
PHE HD2  H  N N 269 
PHE HE1  H  N N 270 
PHE HE2  H  N N 271 
PHE HZ   H  N N 272 
PHE HXT  H  N N 273 
PRO N    N  N N 274 
PRO CA   C  N S 275 
PRO C    C  N N 276 
PRO O    O  N N 277 
PRO CB   C  N N 278 
PRO CG   C  N N 279 
PRO CD   C  N N 280 
PRO OXT  O  N N 281 
PRO H    H  N N 282 
PRO HA   H  N N 283 
PRO HB2  H  N N 284 
PRO HB3  H  N N 285 
PRO HG2  H  N N 286 
PRO HG3  H  N N 287 
PRO HD2  H  N N 288 
PRO HD3  H  N N 289 
PRO HXT  H  N N 290 
SER N    N  N N 291 
SER CA   C  N S 292 
SER C    C  N N 293 
SER O    O  N N 294 
SER CB   C  N N 295 
SER OG   O  N N 296 
SER OXT  O  N N 297 
SER H    H  N N 298 
SER H2   H  N N 299 
SER HA   H  N N 300 
SER HB2  H  N N 301 
SER HB3  H  N N 302 
SER HG   H  N N 303 
SER HXT  H  N N 304 
THR N    N  N N 305 
THR CA   C  N S 306 
THR C    C  N N 307 
THR O    O  N N 308 
THR CB   C  N R 309 
THR OG1  O  N N 310 
THR CG2  C  N N 311 
THR OXT  O  N N 312 
THR H    H  N N 313 
THR H2   H  N N 314 
THR HA   H  N N 315 
THR HB   H  N N 316 
THR HG1  H  N N 317 
THR HG21 H  N N 318 
THR HG22 H  N N 319 
THR HG23 H  N N 320 
THR HXT  H  N N 321 
TRP N    N  N N 322 
TRP CA   C  N S 323 
TRP C    C  N N 324 
TRP O    O  N N 325 
TRP CB   C  N N 326 
TRP CG   C  Y N 327 
TRP CD1  C  Y N 328 
TRP CD2  C  Y N 329 
TRP NE1  N  Y N 330 
TRP CE2  C  Y N 331 
TRP CE3  C  Y N 332 
TRP CZ2  C  Y N 333 
TRP CZ3  C  Y N 334 
TRP CH2  C  Y N 335 
TRP OXT  O  N N 336 
TRP H    H  N N 337 
TRP H2   H  N N 338 
TRP HA   H  N N 339 
TRP HB2  H  N N 340 
TRP HB3  H  N N 341 
TRP HD1  H  N N 342 
TRP HE1  H  N N 343 
TRP HE3  H  N N 344 
TRP HZ2  H  N N 345 
TRP HZ3  H  N N 346 
TRP HH2  H  N N 347 
TRP HXT  H  N N 348 
TYR N    N  N N 349 
TYR CA   C  N S 350 
TYR C    C  N N 351 
TYR O    O  N N 352 
TYR CB   C  N N 353 
TYR CG   C  Y N 354 
TYR CD1  C  Y N 355 
TYR CD2  C  Y N 356 
TYR CE1  C  Y N 357 
TYR CE2  C  Y N 358 
TYR CZ   C  Y N 359 
TYR OH   O  N N 360 
TYR OXT  O  N N 361 
TYR H    H  N N 362 
TYR H2   H  N N 363 
TYR HA   H  N N 364 
TYR HB2  H  N N 365 
TYR HB3  H  N N 366 
TYR HD1  H  N N 367 
TYR HD2  H  N N 368 
TYR HE1  H  N N 369 
TYR HE2  H  N N 370 
TYR HH   H  N N 371 
TYR HXT  H  N N 372 
UTX N3C  N  N N 373 
UTX C3C  C  N N 374 
UTX C2C  C  N N 375 
UTX C1C  C  N N 376 
UTX S    S  N N 377 
UTX B12  B  N N 378 
UTX B7   B  N N 379 
UTX B8   B  N N 380 
UTX B2   B  N N 381 
UTX B9   B  N N 382 
UTX B3   B  N N 383 
UTX B10  B  N N 384 
UTX B4   B  N N 385 
UTX B11  B  N N 386 
UTX B5   B  N N 387 
UTX B6   B  N N 388 
UTX B1   B  N N 389 
UTX C2B  C  N N 390 
UTX C1B  C  N N 391 
UTX O1B  O  N N 392 
UTX N    N  N N 393 
UTX C    C  N N 394 
UTX O    O  N N 395 
UTX O6A  O  N N 396 
UTX C6A  C  N N 397 
UTX C5A  C  N N 398 
UTX C4A  C  N N 399 
UTX C3A  C  N N 400 
UTX C2A  C  N N 401 
UTX C1A  C  N N 402 
UTX N3   N  N N 403 
UTX C3   C  N S 404 
UTX C2   C  N S 405 
UTX CC2  C  N N 406 
UTX NC2  N  N N 407 
UTX N4   N  N N 408 
UTX O4   O  N N 409 
UTX C5   C  Y N 410 
UTX C10  C  Y N 411 
UTX N1   N  N N 412 
UTX O1   O  N N 413 
UTX C9   C  Y N 414 
UTX C8   C  Y N 415 
UTX C7   C  Y N 416 
UTX C6   C  Y N 417 
UTX H1   H  N N 418 
UTX H2   H  N N 419 
UTX H3   H  N N 420 
UTX H4   H  N N 421 
UTX H5   H  N N 422 
UTX H6   H  N N 423 
UTX H7   H  N N 424 
UTX H10  H  N N 425 
UTX H11  H  N N 426 
UTX H12  H  N N 427 
UTX H13  H  N N 428 
UTX H14  H  N N 429 
UTX H15  H  N N 430 
UTX H16  H  N N 431 
UTX H17  H  N N 432 
UTX H18  H  N N 433 
UTX H19  H  N N 434 
UTX H20  H  N N 435 
UTX H21  H  N N 436 
UTX H22  H  N N 437 
UTX H23  H  N N 438 
UTX H24  H  N N 439 
UTX H25  H  N N 440 
UTX H26  H  N N 441 
UTX H27  H  N N 442 
UTX H28  H  N N 443 
UTX H8   H  N N 444 
UTX H9   H  N N 445 
UTX H29  H  N N 446 
VAL N    N  N N 447 
VAL CA   C  N S 448 
VAL C    C  N N 449 
VAL O    O  N N 450 
VAL CB   C  N N 451 
VAL CG1  C  N N 452 
VAL CG2  C  N N 453 
VAL OXT  O  N N 454 
VAL H    H  N N 455 
VAL H2   H  N N 456 
VAL HA   H  N N 457 
VAL HB   H  N N 458 
VAL HG11 H  N N 459 
VAL HG12 H  N N 460 
VAL HG13 H  N N 461 
VAL HG21 H  N N 462 
VAL HG22 H  N N 463 
VAL HG23 H  N N 464 
VAL HXT  H  N N 465 
# 
loop_
_chem_comp_bond.comp_id 
_chem_comp_bond.atom_id_1 
_chem_comp_bond.atom_id_2 
_chem_comp_bond.value_order 
_chem_comp_bond.pdbx_aromatic_flag 
_chem_comp_bond.pdbx_stereo_config 
_chem_comp_bond.pdbx_ordinal 
ALA N   CA   sing N N 1   
ALA N   H    sing N N 2   
ALA N   H2   sing N N 3   
ALA CA  C    sing N N 4   
ALA CA  CB   sing N N 5   
ALA CA  HA   sing N N 6   
ALA C   O    doub N N 7   
ALA C   OXT  sing N N 8   
ALA CB  HB1  sing N N 9   
ALA CB  HB2  sing N N 10  
ALA CB  HB3  sing N N 11  
ALA OXT HXT  sing N N 12  
ARG N   CA   sing N N 13  
ARG N   H    sing N N 14  
ARG N   H2   sing N N 15  
ARG CA  C    sing N N 16  
ARG CA  CB   sing N N 17  
ARG CA  HA   sing N N 18  
ARG C   O    doub N N 19  
ARG C   OXT  sing N N 20  
ARG CB  CG   sing N N 21  
ARG CB  HB2  sing N N 22  
ARG CB  HB3  sing N N 23  
ARG CG  CD   sing N N 24  
ARG CG  HG2  sing N N 25  
ARG CG  HG3  sing N N 26  
ARG CD  NE   sing N N 27  
ARG CD  HD2  sing N N 28  
ARG CD  HD3  sing N N 29  
ARG NE  CZ   sing N N 30  
ARG NE  HE   sing N N 31  
ARG CZ  NH1  sing N N 32  
ARG CZ  NH2  doub N N 33  
ARG NH1 HH11 sing N N 34  
ARG NH1 HH12 sing N N 35  
ARG NH2 HH21 sing N N 36  
ARG NH2 HH22 sing N N 37  
ARG OXT HXT  sing N N 38  
ASN N   CA   sing N N 39  
ASN N   H    sing N N 40  
ASN N   H2   sing N N 41  
ASN CA  C    sing N N 42  
ASN CA  CB   sing N N 43  
ASN CA  HA   sing N N 44  
ASN C   O    doub N N 45  
ASN C   OXT  sing N N 46  
ASN CB  CG   sing N N 47  
ASN CB  HB2  sing N N 48  
ASN CB  HB3  sing N N 49  
ASN CG  OD1  doub N N 50  
ASN CG  ND2  sing N N 51  
ASN ND2 HD21 sing N N 52  
ASN ND2 HD22 sing N N 53  
ASN OXT HXT  sing N N 54  
ASP N   CA   sing N N 55  
ASP N   H    sing N N 56  
ASP N   H2   sing N N 57  
ASP CA  C    sing N N 58  
ASP CA  CB   sing N N 59  
ASP CA  HA   sing N N 60  
ASP C   O    doub N N 61  
ASP C   OXT  sing N N 62  
ASP CB  CG   sing N N 63  
ASP CB  HB2  sing N N 64  
ASP CB  HB3  sing N N 65  
ASP CG  OD1  doub N N 66  
ASP CG  OD2  sing N N 67  
ASP OD2 HD2  sing N N 68  
ASP OXT HXT  sing N N 69  
CYS N   CA   sing N N 70  
CYS N   H    sing N N 71  
CYS N   H2   sing N N 72  
CYS CA  C    sing N N 73  
CYS CA  CB   sing N N 74  
CYS CA  HA   sing N N 75  
CYS C   O    doub N N 76  
CYS C   OXT  sing N N 77  
CYS CB  SG   sing N N 78  
CYS CB  HB2  sing N N 79  
CYS CB  HB3  sing N N 80  
CYS SG  HG   sing N N 81  
CYS OXT HXT  sing N N 82  
GLN N   CA   sing N N 83  
GLN N   H    sing N N 84  
GLN N   H2   sing N N 85  
GLN CA  C    sing N N 86  
GLN CA  CB   sing N N 87  
GLN CA  HA   sing N N 88  
GLN C   O    doub N N 89  
GLN C   OXT  sing N N 90  
GLN CB  CG   sing N N 91  
GLN CB  HB2  sing N N 92  
GLN CB  HB3  sing N N 93  
GLN CG  CD   sing N N 94  
GLN CG  HG2  sing N N 95  
GLN CG  HG3  sing N N 96  
GLN CD  OE1  doub N N 97  
GLN CD  NE2  sing N N 98  
GLN NE2 HE21 sing N N 99  
GLN NE2 HE22 sing N N 100 
GLN OXT HXT  sing N N 101 
GLU N   CA   sing N N 102 
GLU N   H    sing N N 103 
GLU N   H2   sing N N 104 
GLU CA  C    sing N N 105 
GLU CA  CB   sing N N 106 
GLU CA  HA   sing N N 107 
GLU C   O    doub N N 108 
GLU C   OXT  sing N N 109 
GLU CB  CG   sing N N 110 
GLU CB  HB2  sing N N 111 
GLU CB  HB3  sing N N 112 
GLU CG  CD   sing N N 113 
GLU CG  HG2  sing N N 114 
GLU CG  HG3  sing N N 115 
GLU CD  OE1  doub N N 116 
GLU CD  OE2  sing N N 117 
GLU OE2 HE2  sing N N 118 
GLU OXT HXT  sing N N 119 
GLY N   CA   sing N N 120 
GLY N   H    sing N N 121 
GLY N   H2   sing N N 122 
GLY CA  C    sing N N 123 
GLY CA  HA2  sing N N 124 
GLY CA  HA3  sing N N 125 
GLY C   O    doub N N 126 
GLY C   OXT  sing N N 127 
GLY OXT HXT  sing N N 128 
HIS N   CA   sing N N 129 
HIS N   H    sing N N 130 
HIS N   H2   sing N N 131 
HIS CA  C    sing N N 132 
HIS CA  CB   sing N N 133 
HIS CA  HA   sing N N 134 
HIS C   O    doub N N 135 
HIS C   OXT  sing N N 136 
HIS CB  CG   sing N N 137 
HIS CB  HB2  sing N N 138 
HIS CB  HB3  sing N N 139 
HIS CG  ND1  sing Y N 140 
HIS CG  CD2  doub Y N 141 
HIS ND1 CE1  doub Y N 142 
HIS ND1 HD1  sing N N 143 
HIS CD2 NE2  sing Y N 144 
HIS CD2 HD2  sing N N 145 
HIS CE1 NE2  sing Y N 146 
HIS CE1 HE1  sing N N 147 
HIS NE2 HE2  sing N N 148 
HIS OXT HXT  sing N N 149 
HOH O   H1   sing N N 150 
HOH O   H2   sing N N 151 
ILE N   CA   sing N N 152 
ILE N   H    sing N N 153 
ILE N   H2   sing N N 154 
ILE CA  C    sing N N 155 
ILE CA  CB   sing N N 156 
ILE CA  HA   sing N N 157 
ILE C   O    doub N N 158 
ILE C   OXT  sing N N 159 
ILE CB  CG1  sing N N 160 
ILE CB  CG2  sing N N 161 
ILE CB  HB   sing N N 162 
ILE CG1 CD1  sing N N 163 
ILE CG1 HG12 sing N N 164 
ILE CG1 HG13 sing N N 165 
ILE CG2 HG21 sing N N 166 
ILE CG2 HG22 sing N N 167 
ILE CG2 HG23 sing N N 168 
ILE CD1 HD11 sing N N 169 
ILE CD1 HD12 sing N N 170 
ILE CD1 HD13 sing N N 171 
ILE OXT HXT  sing N N 172 
LEU N   CA   sing N N 173 
LEU N   H    sing N N 174 
LEU N   H2   sing N N 175 
LEU CA  C    sing N N 176 
LEU CA  CB   sing N N 177 
LEU CA  HA   sing N N 178 
LEU C   O    doub N N 179 
LEU C   OXT  sing N N 180 
LEU CB  CG   sing N N 181 
LEU CB  HB2  sing N N 182 
LEU CB  HB3  sing N N 183 
LEU CG  CD1  sing N N 184 
LEU CG  CD2  sing N N 185 
LEU CG  HG   sing N N 186 
LEU CD1 HD11 sing N N 187 
LEU CD1 HD12 sing N N 188 
LEU CD1 HD13 sing N N 189 
LEU CD2 HD21 sing N N 190 
LEU CD2 HD22 sing N N 191 
LEU CD2 HD23 sing N N 192 
LEU OXT HXT  sing N N 193 
LYS N   CA   sing N N 194 
LYS N   H    sing N N 195 
LYS N   H2   sing N N 196 
LYS CA  C    sing N N 197 
LYS CA  CB   sing N N 198 
LYS CA  HA   sing N N 199 
LYS C   O    doub N N 200 
LYS C   OXT  sing N N 201 
LYS CB  CG   sing N N 202 
LYS CB  HB2  sing N N 203 
LYS CB  HB3  sing N N 204 
LYS CG  CD   sing N N 205 
LYS CG  HG2  sing N N 206 
LYS CG  HG3  sing N N 207 
LYS CD  CE   sing N N 208 
LYS CD  HD2  sing N N 209 
LYS CD  HD3  sing N N 210 
LYS CE  NZ   sing N N 211 
LYS CE  HE2  sing N N 212 
LYS CE  HE3  sing N N 213 
LYS NZ  HZ1  sing N N 214 
LYS NZ  HZ2  sing N N 215 
LYS NZ  HZ3  sing N N 216 
LYS OXT HXT  sing N N 217 
MET N   CA   sing N N 218 
MET N   H    sing N N 219 
MET N   H2   sing N N 220 
MET CA  C    sing N N 221 
MET CA  CB   sing N N 222 
MET CA  HA   sing N N 223 
MET C   O    doub N N 224 
MET C   OXT  sing N N 225 
MET CB  CG   sing N N 226 
MET CB  HB2  sing N N 227 
MET CB  HB3  sing N N 228 
MET CG  SD   sing N N 229 
MET CG  HG2  sing N N 230 
MET CG  HG3  sing N N 231 
MET SD  CE   sing N N 232 
MET CE  HE1  sing N N 233 
MET CE  HE2  sing N N 234 
MET CE  HE3  sing N N 235 
MET OXT HXT  sing N N 236 
PHE N   CA   sing N N 237 
PHE N   H    sing N N 238 
PHE N   H2   sing N N 239 
PHE CA  C    sing N N 240 
PHE CA  CB   sing N N 241 
PHE CA  HA   sing N N 242 
PHE C   O    doub N N 243 
PHE C   OXT  sing N N 244 
PHE CB  CG   sing N N 245 
PHE CB  HB2  sing N N 246 
PHE CB  HB3  sing N N 247 
PHE CG  CD1  doub Y N 248 
PHE CG  CD2  sing Y N 249 
PHE CD1 CE1  sing Y N 250 
PHE CD1 HD1  sing N N 251 
PHE CD2 CE2  doub Y N 252 
PHE CD2 HD2  sing N N 253 
PHE CE1 CZ   doub Y N 254 
PHE CE1 HE1  sing N N 255 
PHE CE2 CZ   sing Y N 256 
PHE CE2 HE2  sing N N 257 
PHE CZ  HZ   sing N N 258 
PHE OXT HXT  sing N N 259 
PRO N   CA   sing N N 260 
PRO N   CD   sing N N 261 
PRO N   H    sing N N 262 
PRO CA  C    sing N N 263 
PRO CA  CB   sing N N 264 
PRO CA  HA   sing N N 265 
PRO C   O    doub N N 266 
PRO C   OXT  sing N N 267 
PRO CB  CG   sing N N 268 
PRO CB  HB2  sing N N 269 
PRO CB  HB3  sing N N 270 
PRO CG  CD   sing N N 271 
PRO CG  HG2  sing N N 272 
PRO CG  HG3  sing N N 273 
PRO CD  HD2  sing N N 274 
PRO CD  HD3  sing N N 275 
PRO OXT HXT  sing N N 276 
SER N   CA   sing N N 277 
SER N   H    sing N N 278 
SER N   H2   sing N N 279 
SER CA  C    sing N N 280 
SER CA  CB   sing N N 281 
SER CA  HA   sing N N 282 
SER C   O    doub N N 283 
SER C   OXT  sing N N 284 
SER CB  OG   sing N N 285 
SER CB  HB2  sing N N 286 
SER CB  HB3  sing N N 287 
SER OG  HG   sing N N 288 
SER OXT HXT  sing N N 289 
THR N   CA   sing N N 290 
THR N   H    sing N N 291 
THR N   H2   sing N N 292 
THR CA  C    sing N N 293 
THR CA  CB   sing N N 294 
THR CA  HA   sing N N 295 
THR C   O    doub N N 296 
THR C   OXT  sing N N 297 
THR CB  OG1  sing N N 298 
THR CB  CG2  sing N N 299 
THR CB  HB   sing N N 300 
THR OG1 HG1  sing N N 301 
THR CG2 HG21 sing N N 302 
THR CG2 HG22 sing N N 303 
THR CG2 HG23 sing N N 304 
THR OXT HXT  sing N N 305 
TRP N   CA   sing N N 306 
TRP N   H    sing N N 307 
TRP N   H2   sing N N 308 
TRP CA  C    sing N N 309 
TRP CA  CB   sing N N 310 
TRP CA  HA   sing N N 311 
TRP C   O    doub N N 312 
TRP C   OXT  sing N N 313 
TRP CB  CG   sing N N 314 
TRP CB  HB2  sing N N 315 
TRP CB  HB3  sing N N 316 
TRP CG  CD1  doub Y N 317 
TRP CG  CD2  sing Y N 318 
TRP CD1 NE1  sing Y N 319 
TRP CD1 HD1  sing N N 320 
TRP CD2 CE2  doub Y N 321 
TRP CD2 CE3  sing Y N 322 
TRP NE1 CE2  sing Y N 323 
TRP NE1 HE1  sing N N 324 
TRP CE2 CZ2  sing Y N 325 
TRP CE3 CZ3  doub Y N 326 
TRP CE3 HE3  sing N N 327 
TRP CZ2 CH2  doub Y N 328 
TRP CZ2 HZ2  sing N N 329 
TRP CZ3 CH2  sing Y N 330 
TRP CZ3 HZ3  sing N N 331 
TRP CH2 HH2  sing N N 332 
TRP OXT HXT  sing N N 333 
TYR N   CA   sing N N 334 
TYR N   H    sing N N 335 
TYR N   H2   sing N N 336 
TYR CA  C    sing N N 337 
TYR CA  CB   sing N N 338 
TYR CA  HA   sing N N 339 
TYR C   O    doub N N 340 
TYR C   OXT  sing N N 341 
TYR CB  CG   sing N N 342 
TYR CB  HB2  sing N N 343 
TYR CB  HB3  sing N N 344 
TYR CG  CD1  doub Y N 345 
TYR CG  CD2  sing Y N 346 
TYR CD1 CE1  sing Y N 347 
TYR CD1 HD1  sing N N 348 
TYR CD2 CE2  doub Y N 349 
TYR CD2 HD2  sing N N 350 
TYR CE1 CZ   doub Y N 351 
TYR CE1 HE1  sing N N 352 
TYR CE2 CZ   sing Y N 353 
TYR CE2 HE2  sing N N 354 
TYR CZ  OH   sing N N 355 
TYR OH  HH   sing N N 356 
TYR OXT HXT  sing N N 357 
UTX N3C C3C  trip N N 358 
UTX C3C C2C  sing N N 359 
UTX C2C C1C  sing N N 360 
UTX C1C S    sing N N 361 
UTX S   B12  sing N N 362 
UTX S   C2B  sing N N 363 
UTX B12 B7   sing N N 364 
UTX B12 B8   sing N N 365 
UTX B12 B9   sing N N 366 
UTX B12 B10  sing N N 367 
UTX B12 B11  sing N N 368 
UTX B7  B8   sing N N 369 
UTX B7  B2   sing N N 370 
UTX B7  B11  sing N N 371 
UTX B7  B6   sing N N 372 
UTX B8  B2   sing N N 373 
UTX B8  B9   sing N N 374 
UTX B8  B3   sing N N 375 
UTX B2  B3   sing N N 376 
UTX B2  B6   sing N N 377 
UTX B2  B1   sing N N 378 
UTX B9  B3   sing N N 379 
UTX B9  B10  sing N N 380 
UTX B9  B4   sing N N 381 
UTX B3  B4   sing N N 382 
UTX B3  B1   sing N N 383 
UTX B10 B4   sing N N 384 
UTX B10 B11  sing N N 385 
UTX B10 B5   sing N N 386 
UTX B4  B5   sing N N 387 
UTX B4  B1   sing N N 388 
UTX B11 B5   sing N N 389 
UTX B11 B6   sing N N 390 
UTX B5  B6   sing N N 391 
UTX B5  B1   sing N N 392 
UTX B6  B1   sing N N 393 
UTX C2B C1B  sing N N 394 
UTX C1B O1B  doub N N 395 
UTX C1B N    sing N N 396 
UTX N   C    sing N N 397 
UTX C   O    doub N N 398 
UTX C   O6A  sing N N 399 
UTX O6A C6A  sing N N 400 
UTX C6A C5A  sing N N 401 
UTX C5A C4A  sing N N 402 
UTX C4A C3A  sing N N 403 
UTX C3A C2A  sing N N 404 
UTX C2A C1A  sing N N 405 
UTX C1A N3   sing N N 406 
UTX N3  C3   sing N N 407 
UTX C3  C2   sing N N 408 
UTX C3  N4   sing N N 409 
UTX C2  CC2  sing N N 410 
UTX C2  N1   sing N N 411 
UTX CC2 NC2  trip N N 412 
UTX N4  O4   sing N N 413 
UTX N4  C5   sing N N 414 
UTX C5  C10  doub Y N 415 
UTX C5  C6   sing Y N 416 
UTX C10 N1   sing N N 417 
UTX C10 C9   sing Y N 418 
UTX N1  O1   sing N N 419 
UTX C9  C8   doub Y N 420 
UTX C8  C7   sing Y N 421 
UTX C7  C6   doub Y N 422 
UTX C2C H1   sing N N 423 
UTX C2C H2   sing N N 424 
UTX C1C H3   sing N N 425 
UTX C1C H4   sing N N 426 
UTX C2B H5   sing N N 427 
UTX C2B H6   sing N N 428 
UTX N   H7   sing N N 429 
UTX C6A H10  sing N N 430 
UTX C6A H11  sing N N 431 
UTX C5A H12  sing N N 432 
UTX C5A H13  sing N N 433 
UTX C4A H14  sing N N 434 
UTX C4A H15  sing N N 435 
UTX C3A H16  sing N N 436 
UTX C3A H17  sing N N 437 
UTX C2A H18  sing N N 438 
UTX C2A H19  sing N N 439 
UTX C1A H20  sing N N 440 
UTX C1A H21  sing N N 441 
UTX N3  H22  sing N N 442 
UTX O4  H23  sing N N 443 
UTX O1  H24  sing N N 444 
UTX C9  H25  sing N N 445 
UTX C8  H26  sing N N 446 
UTX C7  H27  sing N N 447 
UTX C6  H28  sing N N 448 
UTX C3  H8   sing N N 449 
UTX C2  H9   sing N N 450 
UTX S   H29  sing N N 451 
VAL N   CA   sing N N 452 
VAL N   H    sing N N 453 
VAL N   H2   sing N N 454 
VAL CA  C    sing N N 455 
VAL CA  CB   sing N N 456 
VAL CA  HA   sing N N 457 
VAL C   O    doub N N 458 
VAL C   OXT  sing N N 459 
VAL CB  CG1  sing N N 460 
VAL CB  CG2  sing N N 461 
VAL CB  HB   sing N N 462 
VAL CG1 HG11 sing N N 463 
VAL CG1 HG12 sing N N 464 
VAL CG1 HG13 sing N N 465 
VAL CG2 HG21 sing N N 466 
VAL CG2 HG22 sing N N 467 
VAL CG2 HG23 sing N N 468 
VAL OXT HXT  sing N N 469 
# 
_atom_sites.entry_id                    5B5J 
_atom_sites.fract_transf_matrix[1][1]   -0.00266359 
_atom_sites.fract_transf_matrix[1][2]   0.00882555 
_atom_sites.fract_transf_matrix[1][3]   -0.00880636 
_atom_sites.fract_transf_matrix[2][1]   -0.00330284 
_atom_sites.fract_transf_matrix[2][2]   0.00818386 
_atom_sites.fract_transf_matrix[2][3]   0.00920069 
_atom_sites.fract_transf_matrix[3][1]   0.02524580 
_atom_sites.fract_transf_matrix[3][2]   0.00882744 
_atom_sites.fract_transf_matrix[3][3]   0.00121080 
_atom_sites.fract_transf_vector[1]      -0.254566 
_atom_sites.fract_transf_vector[2]      -0.009026 
_atom_sites.fract_transf_vector[3]      -0.239593 
# 
loop_
_atom_type.symbol 
B  
C  
N  
NA 
O  
S  
# 
loop_
_atom_site.group_PDB 
_atom_site.id 
_atom_site.type_symbol 
_atom_site.label_atom_id 
_atom_site.label_alt_id 
_atom_site.label_comp_id 
_atom_site.label_asym_id 
_atom_site.label_entity_id 
_atom_site.label_seq_id 
_atom_site.pdbx_PDB_ins_code 
_atom_site.Cartn_x 
_atom_site.Cartn_y 
_atom_site.Cartn_z 
_atom_site.occupancy 
_atom_site.B_iso_or_equiv 
_atom_site.pdbx_formal_charge 
_atom_site.auth_seq_id 
_atom_site.auth_comp_id 
_atom_site.auth_asym_id 
_atom_site.auth_atom_id 
_atom_site.pdbx_PDB_model_num 
ATOM   1    N  N   . LYS A 1 1   ? -11.662 6.244   -4.579  1.00 10.75 ? 1   LYS A N   1 
ATOM   2    C  CA  . LYS A 1 1   ? -12.350 5.029   -5.058  1.00 10.48 ? 1   LYS A CA  1 
ATOM   3    C  C   . LYS A 1 1   ? -12.281 4.007   -3.955  1.00 9.00  ? 1   LYS A C   1 
ATOM   4    O  O   . LYS A 1 1   ? -11.206 3.823   -3.412  1.00 10.55 ? 1   LYS A O   1 
ATOM   5    C  CB  . LYS A 1 1   ? -11.653 4.515   -6.359  1.00 11.16 ? 1   LYS A CB  1 
ATOM   6    C  CG  . LYS A 1 1   ? -12.125 3.154   -6.849  1.00 12.14 ? 1   LYS A CG  1 
ATOM   7    C  CD  . LYS A 1 1   ? -11.497 2.845   -8.206  1.00 13.19 ? 1   LYS A CD  1 
ATOM   8    C  CE  . LYS A 1 1   ? -11.787 1.423   -8.593  1.00 13.10 ? 1   LYS A CE  1 
ATOM   9    N  NZ  . LYS A 1 1   ? -11.335 1.101   -9.982  1.00 18.45 ? 1   LYS A NZ  1 
ATOM   10   N  N   . VAL A 1 2   ? -13.320 3.283   -3.690  1.00 9.68  ? 2   VAL A N   1 
ATOM   11   C  CA  . VAL A 1 2   ? -13.338 2.202   -2.757  1.00 10.69 ? 2   VAL A CA  1 
ATOM   12   C  C   . VAL A 1 2   ? -13.364 0.964   -3.657  1.00 10.05 ? 2   VAL A C   1 
ATOM   13   O  O   . VAL A 1 2   ? -14.427 0.607   -4.290  1.00 11.68 ? 2   VAL A O   1 
ATOM   14   C  CB  . VAL A 1 2   ? -14.512 2.229   -1.757  1.00 11.34 ? 2   VAL A CB  1 
ATOM   15   C  CG1 . VAL A 1 2   ? -14.482 0.988   -0.873  1.00 13.33 ? 2   VAL A CG1 1 
ATOM   16   C  CG2 . VAL A 1 2   ? -14.296 3.528   -0.963  1.00 10.98 ? 2   VAL A CG2 1 
ATOM   17   N  N   . PHE A 1 3   ? -12.268 0.211   -3.702  1.00 9.77  ? 3   PHE A N   1 
ATOM   18   C  CA  . PHE A 1 3   ? -12.194 -1.070  -4.472  1.00 10.05 ? 3   PHE A CA  1 
ATOM   19   C  C   . PHE A 1 3   ? -12.918 -2.161  -3.760  1.00 8.87  ? 3   PHE A C   1 
ATOM   20   O  O   . PHE A 1 3   ? -13.009 -2.225  -2.573  1.00 10.18 ? 3   PHE A O   1 
ATOM   21   C  CB  . PHE A 1 3   ? -10.728 -1.480  -4.567  1.00 9.61  ? 3   PHE A CB  1 
ATOM   22   C  CG  . PHE A 1 3   ? -9.956  -0.887  -5.657  1.00 9.34  ? 3   PHE A CG  1 
ATOM   23   C  CD1 . PHE A 1 3   ? -9.379  0.374   -5.483  1.00 9.41  ? 3   PHE A CD1 1 
ATOM   24   C  CD2 . PHE A 1 3   ? -9.760  -1.526  -6.885  1.00 9.94  ? 3   PHE A CD2 1 
ATOM   25   C  CE1 . PHE A 1 3   ? -8.693  1.004   -6.468  1.00 10.32 ? 3   PHE A CE1 1 
ATOM   26   C  CE2 . PHE A 1 3   ? -9.044  -0.956  -7.878  1.00 9.77  ? 3   PHE A CE2 1 
ATOM   27   C  CZ  . PHE A 1 3   ? -8.475  0.306   -7.710  1.00 10.09 ? 3   PHE A CZ  1 
ATOM   28   N  N   . GLY A 1 4   ? -13.502 -3.111  -4.570  1.00 9.90  ? 4   GLY A N   1 
ATOM   29   C  CA  . GLY A 1 4   ? -13.813 -4.442  -4.088  1.00 10.70 ? 4   GLY A CA  1 
ATOM   30   C  C   . GLY A 1 4   ? -12.546 -5.274  -3.948  1.00 10.38 ? 4   GLY A C   1 
ATOM   31   O  O   . GLY A 1 4   ? -11.521 -4.979  -4.516  1.00 9.40  ? 4   GLY A O   1 
ATOM   32   N  N   . ARG A 1 5   ? -12.650 -6.343  -3.174  1.00 11.87 ? 5   ARG A N   1 
ATOM   33   C  CA  . ARG A 1 5   ? -11.577 -7.192  -2.875  1.00 10.75 ? 5   ARG A CA  1 
ATOM   34   C  C   . ARG A 1 5   ? -10.919 -7.767  -4.113  1.00 8.97  ? 5   ARG A C   1 
ATOM   35   O  O   . ARG A 1 5   ? -9.761  -7.647  -4.382  1.00 10.70 ? 5   ARG A O   1 
ATOM   36   C  CB  . ARG A 1 5   ? -12.180 -8.286  -1.921  1.00 11.63 ? 5   ARG A CB  1 
ATOM   37   C  CG  . ARG A 1 5   ? -11.222 -9.328  -1.446  1.00 12.12 ? 5   ARG A CG  1 
ATOM   38   C  CD  . ARG A 1 5   ? -11.888 -10.319 -0.547  1.00 12.54 ? 5   ARG A CD  1 
ATOM   39   N  NE  . ARG A 1 5   ? -12.958 -11.076 -1.157  1.00 12.54 ? 5   ARG A NE  1 
ATOM   40   C  CZ  . ARG A 1 5   ? -12.797 -12.219 -1.864  1.00 13.53 ? 5   ARG A CZ  1 
ATOM   41   N  NH1 . ARG A 1 5   ? -11.619 -12.746 -2.091  1.00 12.00 ? 5   ARG A NH1 1 
ATOM   42   N  NH2 . ARG A 1 5   ? -13.853 -12.817 -2.384  1.00 15.77 ? 5   ARG A NH2 1 
ATOM   43   N  N   . CYS A 1 6   ? -11.739 -8.496  -4.906  1.00 9.97  ? 6   CYS A N   1 
ATOM   44   C  CA  . CYS A 1 6   ? -11.206 -9.042  -6.145  1.00 10.46 ? 6   CYS A CA  1 
ATOM   45   C  C   . CYS A 1 6   ? -10.837 -8.028  -7.202  1.00 9.25  ? 6   CYS A C   1 
ATOM   46   O  O   . CYS A 1 6   ? -9.889  -8.184  -7.942  1.00 10.16 ? 6   CYS A O   1 
ATOM   47   C  CB  . CYS A 1 6   ? -12.132 -10.112 -6.796  1.00 12.24 ? 6   CYS A CB  1 
ATOM   48   S  SG  . CYS A 1 6   ? -12.549 -11.511 -5.730  1.00 12.89 ? 6   CYS A SG  1 
ATOM   49   N  N   . GLU A 1 7   ? -11.574 -6.918  -7.201  1.00 9.23  ? 7   GLU A N   1 
ATOM   50   C  CA  . GLU A 1 7   ? -11.183 -5.861  -8.080  1.00 9.17  ? 7   GLU A CA  1 
ATOM   51   C  C   . GLU A 1 7   ? -9.754  -5.304  -7.824  1.00 9.58  ? 7   GLU A C   1 
ATOM   52   O  O   . GLU A 1 7   ? -9.000  -5.020  -8.714  1.00 8.69  ? 7   GLU A O   1 
ATOM   53   C  CB  . GLU A 1 7   ? -12.202 -4.789  -7.982  1.00 9.30  ? 7   GLU A CB  1 
ATOM   54   C  CG  . GLU A 1 7   ? -11.999 -3.570  -8.817  1.00 11.86 ? 7   GLU A CG  1 
ATOM   55   C  CD  . GLU A 1 7   ? -12.934 -2.395  -8.519  1.00 11.70 ? 7   GLU A CD  1 
ATOM   56   O  OE1 . GLU A 1 7   ? -13.520 -2.314  -7.447  1.00 12.08 ? 7   GLU A OE1 1 
ATOM   57   O  OE2 . GLU A 1 7   ? -13.009 -1.535  -9.453  1.00 13.82 ? 7   GLU A OE2 1 
ATOM   58   N  N   . LEU A 1 8   ? -9.492  -5.144  -6.528  1.00 8.50  ? 8   LEU A N   1 
ATOM   59   C  CA  . LEU A 1 8   ? -8.166  -4.654  -6.141  1.00 8.38  ? 8   LEU A CA  1 
ATOM   60   C  C   . LEU A 1 8   ? -7.060  -5.698  -6.401  1.00 8.17  ? 8   LEU A C   1 
ATOM   61   O  O   . LEU A 1 8   ? -5.999  -5.383  -6.874  1.00 8.89  ? 8   LEU A O   1 
ATOM   62   C  CB  . LEU A 1 8   ? -8.103  -4.301  -4.679  1.00 9.02  ? 8   LEU A CB  1 
ATOM   63   C  CG  . LEU A 1 8   ? -6.743  -3.649  -4.188  1.00 9.07  ? 8   LEU A CG  1 
ATOM   64   C  CD1 . LEU A 1 8   ? -6.416  -2.443  -4.992  1.00 8.05  ? 8   LEU A CD1 1 
ATOM   65   C  CD2 . LEU A 1 8   ? -6.816  -3.470  -2.668  1.00 9.53  ? 8   LEU A CD2 1 
ATOM   66   N  N   . ALA A 1 9   ? -7.384  -6.994  -6.121  1.00 8.75  ? 9   ALA A N   1 
ATOM   67   C  CA  . ALA A 1 9   ? -6.454  -8.038  -6.387  1.00 9.50  ? 9   ALA A CA  1 
ATOM   68   C  C   . ALA A 1 9   ? -6.001  -7.996  -7.874  1.00 9.82  ? 9   ALA A C   1 
ATOM   69   O  O   . ALA A 1 9   ? -4.872  -8.101  -8.243  1.00 10.35 ? 9   ALA A O   1 
ATOM   70   C  CB  . ALA A 1 9   ? -7.009  -9.363  -5.988  1.00 10.21 ? 9   ALA A CB  1 
ATOM   71   N  N   . ALA A 1 10  ? -7.006  -7.833  -8.766  1.00 10.81 ? 10  ALA A N   1 
ATOM   72   C  CA  . ALA A 1 10  ? -6.766  -7.762  -10.167 1.00 10.13 ? 10  ALA A CA  1 
ATOM   73   C  C   . ALA A 1 10  ? -5.938  -6.566  -10.566 1.00 10.96 ? 10  ALA A C   1 
ATOM   74   O  O   . ALA A 1 10  ? -5.011  -6.648  -11.393 1.00 10.82 ? 10  ALA A O   1 
ATOM   75   C  CB  . ALA A 1 10  ? -8.102  -7.806  -10.924 1.00 12.38 ? 10  ALA A CB  1 
ATOM   76   N  N   . ALA A 1 11  ? -6.242  -5.378  -10.004 1.00 10.87 ? 11  ALA A N   1 
ATOM   77   C  CA  . ALA A 1 11  ? -5.482  -4.248  -10.285 1.00 9.54  ? 11  ALA A CA  1 
ATOM   78   C  C   . ALA A 1 11  ? -3.971  -4.405  -9.845  1.00 9.23  ? 11  ALA A C   1 
ATOM   79   O  O   . ALA A 1 11  ? -3.091  -3.932  -10.507 1.00 9.36  ? 11  ALA A O   1 
ATOM   80   C  CB  . ALA A 1 11  ? -6.114  -2.978  -9.704  1.00 10.44 ? 11  ALA A CB  1 
ATOM   81   N  N   . MET A 1 12  ? -3.856  -5.002  -8.635  1.00 9.15  ? 12  MET A N   1 
ATOM   82   C  CA  . MET A 1 12  ? -2.463  -5.276  -8.097  1.00 8.93  ? 12  MET A CA  1 
ATOM   83   C  C   . MET A 1 12  ? -1.668  -6.164  -9.010  1.00 8.96  ? 12  MET A C   1 
ATOM   84   O  O   . MET A 1 12  ? -0.518  -5.866  -9.360  1.00 10.88 ? 12  MET A O   1 
ATOM   85   C  CB  . MET A 1 12  ? -2.553  -5.723  -6.646  1.00 8.45  ? 12  MET A CB  1 
ATOM   86   C  CG  . MET A 1 12  ? -3.020  -4.626  -5.712  1.00 8.92  ? 12  MET A CG  1 
ATOM   87   S  SD  . MET A 1 12  ? -3.177  -5.317  -4.074  1.00 8.95  ? 12  MET A SD  1 
ATOM   88   C  CE  . MET A 1 12  ? -2.938  -3.827  -3.073  1.00 9.42  ? 12  MET A CE  1 
ATOM   89   N  N   . LYS A 1 13  ? -2.341  -7.226  -9.534  1.00 10.64 ? 13  LYS A N   1 
ATOM   90   C  CA  . LYS A 1 13  ? -1.684  -8.166  -10.481 1.00 11.52 ? 13  LYS A CA  1 
ATOM   91   C  C   . LYS A 1 13  ? -1.281  -7.480  -11.755 1.00 11.27 ? 13  LYS A C   1 
ATOM   92   O  O   . LYS A 1 13  ? -0.167  -7.627  -12.237 1.00 13.70 ? 13  LYS A O   1 
ATOM   93   C  CB  . LYS A 1 13  ? -2.582  -9.360  -10.704 1.00 10.98 ? 13  LYS A CB  1 
ATOM   94   C  CG  . LYS A 1 13  ? -1.968  -10.376 -11.692 1.00 13.46 ? 13  LYS A CG  1 
ATOM   95   C  CD  . LYS A 1 13  ? -2.811  -11.572 -11.806 1.00 15.54 ? 13  LYS A CD  1 
ATOM   96   C  CE  . LYS A 1 13  ? -2.129  -12.641 -12.643 1.00 18.09 ? 13  LYS A CE  1 
ATOM   97   N  NZ  . LYS A 1 13  ? -2.888  -13.891 -12.730 1.00 20.11 ? 13  LYS A NZ  1 
ATOM   98   N  N   A ARG A 1 14  ? -2.187  -6.712  -12.314 0.51 13.06 ? 14  ARG A N   1 
ATOM   99   N  N   B ARG A 1 14  ? -2.238  -6.652  -12.243 0.49 11.57 ? 14  ARG A N   1 
ATOM   100  C  CA  A ARG A 1 14  ? -1.830  -6.133  -13.536 0.51 15.20 ? 14  ARG A CA  1 
ATOM   101  C  CA  B ARG A 1 14  ? -2.118  -5.777  -13.423 0.49 12.28 ? 14  ARG A CA  1 
ATOM   102  C  C   A ARG A 1 14  ? -0.604  -5.276  -13.363 0.51 13.72 ? 14  ARG A C   1 
ATOM   103  C  C   B ARG A 1 14  ? -0.822  -4.937  -13.398 0.49 12.84 ? 14  ARG A C   1 
ATOM   104  O  O   A ARG A 1 14  ? 0.212   -5.292  -14.296 0.51 15.70 ? 14  ARG A O   1 
ATOM   105  O  O   B ARG A 1 14  ? -0.160  -4.590  -14.385 0.49 13.24 ? 14  ARG A O   1 
ATOM   106  C  CB  A ARG A 1 14  ? -2.991  -5.359  -14.143 0.51 16.27 ? 14  ARG A CB  1 
ATOM   107  C  CB  B ARG A 1 14  ? -3.397  -4.902  -13.535 0.49 11.85 ? 14  ARG A CB  1 
ATOM   108  C  CG  A ARG A 1 14  ? -2.610  -4.612  -15.431 0.51 17.32 ? 14  ARG A CG  1 
ATOM   109  C  CG  B ARG A 1 14  ? -3.374  -4.002  -14.737 0.49 12.85 ? 14  ARG A CG  1 
ATOM   110  C  CD  A ARG A 1 14  ? -3.790  -3.928  -16.132 0.51 17.73 ? 14  ARG A CD  1 
ATOM   111  C  CD  B ARG A 1 14  ? -3.784  -4.750  -16.017 0.49 12.48 ? 14  ARG A CD  1 
ATOM   112  N  NE  A ARG A 1 14  ? -4.049  -2.524  -15.727 0.51 15.84 ? 14  ARG A NE  1 
ATOM   113  N  NE  B ARG A 1 14  ? -2.874  -5.749  -16.573 0.49 12.01 ? 14  ARG A NE  1 
ATOM   114  C  CZ  A ARG A 1 14  ? -3.424  -1.439  -16.190 0.51 13.97 ? 14  ARG A CZ  1 
ATOM   115  C  CZ  B ARG A 1 14  ? -1.945  -5.507  -17.479 0.49 13.98 ? 14  ARG A CZ  1 
ATOM   116  N  NH1 A ARG A 1 14  ? -2.572  -1.469  -17.138 0.51 10.49 ? 14  ARG A NH1 1 
ATOM   117  N  NH1 B ARG A 1 14  ? -1.698  -4.264  -17.905 0.49 13.67 ? 14  ARG A NH1 1 
ATOM   118  N  NH2 A ARG A 1 14  ? -3.811  -0.244  -15.791 0.51 17.05 ? 14  ARG A NH2 1 
ATOM   119  N  NH2 B ARG A 1 14  ? -1.241  -6.520  -17.946 0.49 15.32 ? 14  ARG A NH2 1 
ATOM   120  N  N   . HIS A 1 15  ? -0.471  -4.521  -12.215 1.00 11.54 ? 15  HIS A N   1 
ATOM   121  C  CA  . HIS A 1 15  ? 0.682   -3.668  -11.974 1.00 12.86 ? 15  HIS A CA  1 
ATOM   122  C  C   . HIS A 1 15  ? 1.868   -4.397  -11.344 1.00 12.00 ? 15  HIS A C   1 
ATOM   123  O  O   . HIS A 1 15  ? 2.805   -3.731  -10.900 1.00 14.23 ? 15  HIS A O   1 
ATOM   124  C  CB  . HIS A 1 15  ? 0.264   -2.456  -11.116 1.00 13.24 ? 15  HIS A CB  1 
ATOM   125  C  CG  . HIS A 1 15  ? -0.766  -1.518  -11.755 1.00 13.27 ? 15  HIS A CG  1 
ATOM   126  N  ND1 . HIS A 1 15  ? -2.132  -1.708  -11.717 1.00 14.58 ? 15  HIS A ND1 1 
ATOM   127  C  CD2 . HIS A 1 15  ? -0.589  -0.385  -12.465 1.00 16.27 ? 15  HIS A CD2 1 
ATOM   128  C  CE1 . HIS A 1 15  ? -2.750  -0.743  -12.384 1.00 14.84 ? 15  HIS A CE1 1 
ATOM   129  N  NE2 . HIS A 1 15  ? -1.824  0.037   -12.868 1.00 14.67 ? 15  HIS A NE2 1 
ATOM   130  N  N   . GLY A 1 16  ? 1.896   -5.704  -11.467 1.00 12.61 ? 16  GLY A N   1 
ATOM   131  C  CA  . GLY A 1 16  ? 3.043   -6.524  -11.117 1.00 11.66 ? 16  GLY A CA  1 
ATOM   132  C  C   . GLY A 1 16  ? 3.341   -6.665  -9.646  1.00 11.19 ? 16  GLY A C   1 
ATOM   133  O  O   . GLY A 1 16  ? 4.471   -6.969  -9.302  1.00 11.81 ? 16  GLY A O   1 
ATOM   134  N  N   . LEU A 1 17  ? 2.370   -6.462  -8.815  1.00 10.69 ? 17  LEU A N   1 
ATOM   135  C  CA  . LEU A 1 17  ? 2.625   -6.645  -7.361  1.00 10.02 ? 17  LEU A CA  1 
ATOM   136  C  C   . LEU A 1 17  ? 2.534   -8.041  -6.899  1.00 12.08 ? 17  LEU A C   1 
ATOM   137  O  O   . LEU A 1 17  ? 3.008   -8.433  -5.824  1.00 13.00 ? 17  LEU A O   1 
ATOM   138  C  CB  . LEU A 1 17  ? 1.629   -5.721  -6.654  1.00 11.69 ? 17  LEU A CB  1 
ATOM   139  C  CG  . LEU A 1 17  ? 1.981   -5.324  -5.268  1.00 11.44 ? 17  LEU A CG  1 
ATOM   140  C  CD1 . LEU A 1 17  ? 3.280   -4.631  -5.144  1.00 9.57  ? 17  LEU A CD1 1 
ATOM   141  C  CD2 . LEU A 1 17  ? 0.853   -4.356  -4.808  1.00 9.76  ? 17  LEU A CD2 1 
ATOM   142  N  N   . ASP A 1 18  ? 1.856   -8.920  -7.626  1.00 11.87 ? 18  ASP A N   1 
ATOM   143  C  CA  . ASP A 1 18  ? 1.732   -10.284 -7.259  1.00 12.32 ? 18  ASP A CA  1 
ATOM   144  C  C   . ASP A 1 18  ? 3.063   -10.996 -7.267  1.00 13.24 ? 18  ASP A C   1 
ATOM   145  O  O   . ASP A 1 18  ? 3.737   -11.095 -8.281  1.00 11.95 ? 18  ASP A O   1 
ATOM   146  C  CB  . ASP A 1 18  ? 0.763   -11.036 -8.162  1.00 13.50 ? 18  ASP A CB  1 
ATOM   147  C  CG  . ASP A 1 18  ? 1.058   -10.961 -9.565  1.00 13.30 ? 18  ASP A CG  1 
ATOM   148  O  OD1 . ASP A 1 18  ? 1.335   -9.886  -10.146 1.00 13.30 ? 18  ASP A OD1 1 
ATOM   149  O  OD2 . ASP A 1 18  ? 0.905   -12.138 -10.079 1.00 15.69 ? 18  ASP A OD2 1 
ATOM   150  N  N   . ASN A 1 19  ? 3.409   -11.598 -6.116  1.00 9.48  ? 19  ASN A N   1 
ATOM   151  C  CA  . ASN A 1 19  ? 4.678   -12.293 -5.883  1.00 11.21 ? 19  ASN A CA  1 
ATOM   152  C  C   . ASN A 1 19  ? 5.854   -11.354 -5.858  1.00 10.02 ? 19  ASN A C   1 
ATOM   153  O  O   . ASN A 1 19  ? 7.002   -11.779 -5.847  1.00 10.43 ? 19  ASN A O   1 
ATOM   154  C  CB  . ASN A 1 19  ? 4.888   -13.506 -6.852  1.00 14.85 ? 19  ASN A CB  1 
ATOM   155  C  CG  . ASN A 1 19  ? 3.680   -14.416 -6.918  1.00 20.87 ? 19  ASN A CG  1 
ATOM   156  O  OD1 . ASN A 1 19  ? 3.185   -14.820 -5.916  1.00 22.10 ? 19  ASN A OD1 1 
ATOM   157  N  ND2 . ASN A 1 19  ? 3.194   -14.742 -8.140  1.00 21.91 ? 19  ASN A ND2 1 
ATOM   158  N  N   . TYR A 1 20  ? 5.631   -10.032 -5.862  1.00 9.34  ? 20  TYR A N   1 
ATOM   159  C  CA  . TYR A 1 20  ? 6.738   -9.089  -5.865  1.00 8.60  ? 20  TYR A CA  1 
ATOM   160  C  C   . TYR A 1 20  ? 7.494   -9.181  -4.518  1.00 8.20  ? 20  TYR A C   1 
ATOM   161  O  O   . TYR A 1 20  ? 6.878   -9.248  -3.427  1.00 7.81  ? 20  TYR A O   1 
ATOM   162  C  CB  . TYR A 1 20  ? 6.281   -7.636  -6.132  1.00 9.67  ? 20  TYR A CB  1 
ATOM   163  C  CG  . TYR A 1 20  ? 7.369   -6.670  -6.278  1.00 9.31  ? 20  TYR A CG  1 
ATOM   164  C  CD1 . TYR A 1 20  ? 7.989   -6.032  -5.189  1.00 9.16  ? 20  TYR A CD1 1 
ATOM   165  C  CD2 . TYR A 1 20  ? 7.851   -6.404  -7.526  1.00 10.44 ? 20  TYR A CD2 1 
ATOM   166  C  CE1 . TYR A 1 20  ? 9.053   -5.184  -5.378  1.00 9.42  ? 20  TYR A CE1 1 
ATOM   167  C  CE2 . TYR A 1 20  ? 8.917   -5.593  -7.777  1.00 11.46 ? 20  TYR A CE2 1 
ATOM   168  C  CZ  . TYR A 1 20  ? 9.540   -4.969  -6.659  1.00 10.98 ? 20  TYR A CZ  1 
ATOM   169  O  OH  . TYR A 1 20  ? 10.576  -4.096  -6.784  1.00 12.45 ? 20  TYR A OH  1 
ATOM   170  N  N   . ARG A 1 21  ? 8.798   -9.325  -4.579  1.00 7.97  ? 21  ARG A N   1 
ATOM   171  C  CA  . ARG A 1 21  ? 9.648   -9.594  -3.419  1.00 8.35  ? 21  ARG A CA  1 
ATOM   172  C  C   . ARG A 1 21  ? 9.232   -10.865 -2.648  1.00 8.43  ? 21  ARG A C   1 
ATOM   173  O  O   . ARG A 1 21  ? 9.440   -10.975 -1.473  1.00 8.76  ? 21  ARG A O   1 
ATOM   174  C  CB  . ARG A 1 21  ? 9.805   -8.363  -2.542  1.00 10.58 ? 21  ARG A CB  1 
ATOM   175  C  CG  . ARG A 1 21  ? 10.800  -7.309  -3.046  1.00 13.13 ? 21  ARG A CG  1 
ATOM   176  C  CD  . ARG A 1 21  ? 12.257  -7.505  -2.590  1.00 15.80 ? 21  ARG A CD  1 
ATOM   177  N  NE  . ARG A 1 21  ? 13.155  -6.713  -3.526  1.00 23.63 ? 21  ARG A NE  1 
ATOM   178  C  CZ  . ARG A 1 21  ? 14.451  -6.397  -3.321  1.00 25.87 ? 21  ARG A CZ  1 
ATOM   179  N  NH1 . ARG A 1 21  ? 15.036  -6.796  -2.198  1.00 32.13 ? 21  ARG A NH1 1 
ATOM   180  N  NH2 . ARG A 1 21  ? 15.200  -5.694  -4.221  1.00 26.04 ? 21  ARG A NH2 1 
ATOM   181  N  N   . GLY A 1 22  ? 8.583   -11.755 -3.340  1.00 7.83  ? 22  GLY A N   1 
ATOM   182  C  CA  . GLY A 1 22  ? 8.126   -12.979 -2.797  1.00 8.16  ? 22  GLY A CA  1 
ATOM   183  C  C   . GLY A 1 22  ? 6.818   -12.980 -2.043  1.00 7.81  ? 22  GLY A C   1 
ATOM   184  O  O   . GLY A 1 22  ? 6.414   -13.920 -1.439  1.00 7.96  ? 22  GLY A O   1 
ATOM   185  N  N   . TYR A 1 23  ? 6.111   -11.857 -2.093  1.00 7.41  ? 23  TYR A N   1 
ATOM   186  C  CA  . TYR A 1 23  ? 4.835   -11.669 -1.376  1.00 6.66  ? 23  TYR A CA  1 
ATOM   187  C  C   . TYR A 1 23  ? 3.690   -11.922 -2.304  1.00 7.37  ? 23  TYR A C   1 
ATOM   188  O  O   . TYR A 1 23  ? 3.434   -11.173 -3.255  1.00 7.73  ? 23  TYR A O   1 
ATOM   189  C  CB  . TYR A 1 23  ? 4.759   -10.268 -0.786  1.00 6.31  ? 23  TYR A CB  1 
ATOM   190  C  CG  . TYR A 1 23  ? 5.667   -10.131 0.369   1.00 5.87  ? 23  TYR A CG  1 
ATOM   191  C  CD1 . TYR A 1 23  ? 5.289   -10.523 1.656   1.00 5.93  ? 23  TYR A CD1 1 
ATOM   192  C  CD2 . TYR A 1 23  ? 6.963   -9.595  0.231   1.00 6.11  ? 23  TYR A CD2 1 
ATOM   193  C  CE1 . TYR A 1 23  ? 6.148   -10.427 2.748   1.00 6.28  ? 23  TYR A CE1 1 
ATOM   194  C  CE2 . TYR A 1 23  ? 7.852   -9.538  1.301   1.00 6.30  ? 23  TYR A CE2 1 
ATOM   195  C  CZ  . TYR A 1 23  ? 7.408   -9.901  2.548   1.00 5.83  ? 23  TYR A CZ  1 
ATOM   196  O  OH  . TYR A 1 23  ? 8.228   -9.784  3.662   1.00 6.38  ? 23  TYR A OH  1 
ATOM   197  N  N   . SER A 1 24  ? 2.980   -13.005 -2.026  1.00 8.18  ? 24  SER A N   1 
ATOM   198  C  CA  . SER A 1 24  ? 1.799   -13.368 -2.836  1.00 8.81  ? 24  SER A CA  1 
ATOM   199  C  C   . SER A 1 24  ? 0.700   -12.353 -2.745  1.00 9.11  ? 24  SER A C   1 
ATOM   200  O  O   . SER A 1 24  ? 0.573   -11.533 -1.799  1.00 10.29 ? 24  SER A O   1 
ATOM   201  C  CB  . SER A 1 24  ? 1.201   -14.650 -2.318  1.00 10.29 ? 24  SER A CB  1 
ATOM   202  O  OG  . SER A 1 24  ? 0.728   -14.623 -1.012  1.00 12.49 ? 24  SER A OG  1 
ATOM   203  N  N   . LEU A 1 25  ? -0.173  -12.356 -3.749  1.00 9.17  ? 25  LEU A N   1 
ATOM   204  C  CA  . LEU A 1 25  ? -1.184  -11.356 -3.875  1.00 9.04  ? 25  LEU A CA  1 
ATOM   205  C  C   . LEU A 1 25  ? -2.068  -11.207 -2.660  1.00 8.60  ? 25  LEU A C   1 
ATOM   206  O  O   . LEU A 1 25  ? -2.456  -10.045 -2.331  1.00 8.74  ? 25  LEU A O   1 
ATOM   207  C  CB  . LEU A 1 25  ? -2.000  -11.663 -5.100  1.00 10.73 ? 25  LEU A CB  1 
ATOM   208  C  CG  . LEU A 1 25  ? -2.924  -10.598 -5.643  1.00 11.45 ? 25  LEU A CG  1 
ATOM   209  C  CD1 . LEU A 1 25  ? -2.235  -9.261  -5.891  1.00 12.60 ? 25  LEU A CD1 1 
ATOM   210  C  CD2 . LEU A 1 25  ? -3.524  -11.229 -6.942  1.00 13.33 ? 25  LEU A CD2 1 
ATOM   211  N  N   . GLY A 1 26  ? -2.476  -12.246 -1.975  1.00 8.36  ? 26  GLY A N   1 
ATOM   212  C  CA  . GLY A 1 26  ? -3.271  -12.161 -0.779  1.00 8.42  ? 26  GLY A CA  1 
ATOM   213  C  C   . GLY A 1 26  ? -2.632  -11.269 0.300   1.00 7.67  ? 26  GLY A C   1 
ATOM   214  O  O   . GLY A 1 26  ? -3.329  -10.605 1.082   1.00 7.92  ? 26  GLY A O   1 
ATOM   215  N  N   . ASN A 1 27  ? -1.295  -11.334 0.424   1.00 7.96  ? 27  ASN A N   1 
ATOM   216  C  CA  . ASN A 1 27  ? -0.593  -10.439 1.383   1.00 6.95  ? 27  ASN A CA  1 
ATOM   217  C  C   . ASN A 1 27  ? -0.877  -8.942  1.098   1.00 7.05  ? 27  ASN A C   1 
ATOM   218  O  O   . ASN A 1 27  ? -1.127  -8.160  1.988   1.00 7.24  ? 27  ASN A O   1 
ATOM   219  C  CB  . ASN A 1 27  ? 0.870   -10.626 1.389   1.00 7.00  ? 27  ASN A CB  1 
ATOM   220  C  CG  . ASN A 1 27  ? 1.301   -11.884 2.089   1.00 6.67  ? 27  ASN A CG  1 
ATOM   221  O  OD1 . ASN A 1 27  ? 1.251   -11.945 3.285   1.00 7.08  ? 27  ASN A OD1 1 
ATOM   222  N  ND2 . ASN A 1 27  ? 1.602   -12.958 1.298   1.00 8.17  ? 27  ASN A ND2 1 
ATOM   223  N  N   . TRP A 1 28  ? -0.851  -8.588  -0.199  1.00 6.50  ? 28  TRP A N   1 
ATOM   224  C  CA  . TRP A 1 28  ? -1.044  -7.184  -0.599  1.00 6.98  ? 28  TRP A CA  1 
ATOM   225  C  C   . TRP A 1 28  ? -2.508  -6.780  -0.365  1.00 7.16  ? 28  TRP A C   1 
ATOM   226  O  O   . TRP A 1 28  ? -2.779  -5.655  0.034   1.00 7.45  ? 28  TRP A O   1 
ATOM   227  C  CB  . TRP A 1 28  ? -0.630  -6.979  -2.037  1.00 7.11  ? 28  TRP A CB  1 
ATOM   228  C  CG  . TRP A 1 28  ? 0.819   -7.198  -2.227  1.00 7.72  ? 28  TRP A CG  1 
ATOM   229  C  CD1 . TRP A 1 28  ? 1.471   -8.305  -2.771  1.00 8.51  ? 28  TRP A CD1 1 
ATOM   230  C  CD2 . TRP A 1 28  ? 1.887   -6.332  -1.816  1.00 7.33  ? 28  TRP A CD2 1 
ATOM   231  N  NE1 . TRP A 1 28  ? 2.800   -8.142  -2.768  1.00 8.57  ? 28  TRP A NE1 1 
ATOM   232  C  CE2 . TRP A 1 28  ? 3.090   -6.938  -2.195  1.00 7.98  ? 28  TRP A CE2 1 
ATOM   233  C  CE3 . TRP A 1 28  ? 1.941   -5.091  -1.203  1.00 8.12  ? 28  TRP A CE3 1 
ATOM   234  C  CZ2 . TRP A 1 28  ? 4.331   -6.321  -1.945  1.00 7.84  ? 28  TRP A CZ2 1 
ATOM   235  C  CZ3 . TRP A 1 28  ? 3.155   -4.485  -1.004  1.00 8.13  ? 28  TRP A CZ3 1 
ATOM   236  C  CH2 . TRP A 1 28  ? 4.354   -5.101  -1.359  1.00 7.42  ? 28  TRP A CH2 1 
ATOM   237  N  N   . VAL A 1 29  ? -3.447  -7.663  -0.701  1.00 7.94  ? 29  VAL A N   1 
ATOM   238  C  CA  . VAL A 1 29  ? -4.878  -7.367  -0.532  1.00 7.70  ? 29  VAL A CA  1 
ATOM   239  C  C   . VAL A 1 29  ? -5.206  -7.241  0.961   1.00 7.15  ? 29  VAL A C   1 
ATOM   240  O  O   . VAL A 1 29  ? -5.895  -6.293  1.362   1.00 6.55  ? 29  VAL A O   1 
ATOM   241  C  CB  . VAL A 1 29  ? -5.785  -8.420  -1.257  1.00 7.12  ? 29  VAL A CB  1 
ATOM   242  C  CG1 . VAL A 1 29  ? -7.193  -8.185  -1.022  1.00 7.75  ? 29  VAL A CG1 1 
ATOM   243  C  CG2 . VAL A 1 29  ? -5.526  -8.367  -2.748  1.00 8.03  ? 29  VAL A CG2 1 
ATOM   244  N  N   . CYS A 1 30  ? -4.712  -8.150  1.804   1.00 7.60  ? 30  CYS A N   1 
ATOM   245  C  CA  . CYS A 1 30  ? -4.860  -8.067  3.216   1.00 7.29  ? 30  CYS A CA  1 
ATOM   246  C  C   . CYS A 1 30  ? -4.278  -6.729  3.782   1.00 7.24  ? 30  CYS A C   1 
ATOM   247  O  O   . CYS A 1 30  ? -4.921  -6.073  4.545   1.00 6.65  ? 30  CYS A O   1 
ATOM   248  C  CB  . CYS A 1 30  ? -4.165  -9.297  3.865   1.00 8.31  ? 30  CYS A CB  1 
ATOM   249  S  SG  . CYS A 1 30  ? -4.418  -9.395  5.664   1.00 7.71  ? 30  CYS A SG  1 
ATOM   250  N  N   . ALA A 1 31  ? -3.117  -6.392  3.321   1.00 6.78  ? 31  ALA A N   1 
ATOM   251  C  CA  . ALA A 1 31  ? -2.482  -5.120  3.799   1.00 6.73  ? 31  ALA A CA  1 
ATOM   252  C  C   . ALA A 1 31  ? -3.395  -3.971  3.450   1.00 6.59  ? 31  ALA A C   1 
ATOM   253  O  O   . ALA A 1 31  ? -3.636  -3.098  4.259   1.00 7.09  ? 31  ALA A O   1 
ATOM   254  C  CB  . ALA A 1 31  ? -1.071  -4.926  3.282   1.00 7.34  ? 31  ALA A CB  1 
ATOM   255  N  N   . ALA A 1 32  ? -3.883  -3.897  2.207   1.00 6.02  ? 32  ALA A N   1 
ATOM   256  C  CA  . ALA A 1 32  ? -4.735  -2.795  1.796   1.00 6.20  ? 32  ALA A CA  1 
ATOM   257  C  C   . ALA A 1 32  ? -6.025  -2.767  2.583   1.00 6.70  ? 32  ALA A C   1 
ATOM   258  O  O   . ALA A 1 32  ? -6.536  -1.662  2.932   1.00 6.89  ? 32  ALA A O   1 
ATOM   259  C  CB  . ALA A 1 32  ? -5.007  -2.872  0.348   1.00 6.66  ? 32  ALA A CB  1 
ATOM   260  N  N   . LYS A 1 33  ? -6.611  -3.929  2.863   1.00 6.96  ? 33  LYS A N   1 
ATOM   261  C  CA  . LYS A 1 33  ? -7.801  -3.985  3.645   1.00 8.08  ? 33  LYS A CA  1 
ATOM   262  C  C   . LYS A 1 33  ? -7.637  -3.249  5.020   1.00 7.22  ? 33  LYS A C   1 
ATOM   263  O  O   . LYS A 1 33  ? -8.434  -2.415  5.368   1.00 8.56  ? 33  LYS A O   1 
ATOM   264  C  CB  . LYS A 1 33  ? -8.267  -5.403  3.861   1.00 8.81  ? 33  LYS A CB  1 
ATOM   265  C  CG  . LYS A 1 33  ? -9.336  -5.488  4.960   1.00 12.26 ? 33  LYS A CG  1 
ATOM   266  C  CD  . LYS A 1 33  ? -10.636 -4.953  4.515   1.00 16.23 ? 33  LYS A CD  1 
ATOM   267  C  CE  . LYS A 1 33  ? -11.693 -5.061  5.652   1.00 19.29 ? 33  LYS A CE  1 
ATOM   268  N  NZ  . LYS A 1 33  ? -13.019 -4.666  5.099   1.00 23.11 ? 33  LYS A NZ  1 
ATOM   269  N  N   . PHE A 1 34  ? -6.566  -3.665  5.736   1.00 7.77  ? 34  PHE A N   1 
ATOM   270  C  CA  . PHE A 1 34  ? -6.367  -3.122  7.070   1.00 7.31  ? 34  PHE A CA  1 
ATOM   271  C  C   . PHE A 1 34  ? -5.715  -1.757  7.039   1.00 7.57  ? 34  PHE A C   1 
ATOM   272  O  O   . PHE A 1 34  ? -5.911  -1.045  8.062   1.00 9.94  ? 34  PHE A O   1 
ATOM   273  C  CB  . PHE A 1 34  ? -5.723  -4.179  7.935   1.00 8.10  ? 34  PHE A CB  1 
ATOM   274  C  CG  . PHE A 1 34  ? -6.607  -5.386  8.125   1.00 6.94  ? 34  PHE A CG  1 
ATOM   275  C  CD1 . PHE A 1 34  ? -7.928  -5.260  8.551   1.00 7.78  ? 34  PHE A CD1 1 
ATOM   276  C  CD2 . PHE A 1 34  ? -6.121  -6.636  7.860   1.00 8.20  ? 34  PHE A CD2 1 
ATOM   277  C  CE1 . PHE A 1 34  ? -8.670  -6.371  8.751   1.00 7.95  ? 34  PHE A CE1 1 
ATOM   278  C  CE2 . PHE A 1 34  ? -6.898  -7.755  8.041   1.00 10.73 ? 34  PHE A CE2 1 
ATOM   279  C  CZ  . PHE A 1 34  ? -8.200  -7.588  8.489   1.00 8.49  ? 34  PHE A CZ  1 
ATOM   280  N  N   . GLU A 1 35  ? -4.987  -1.359  6.023   1.00 7.40  ? 35  GLU A N   1 
ATOM   281  C  CA  . GLU A 1 35  ? -4.449  -0.013  5.969   1.00 7.73  ? 35  GLU A CA  1 
ATOM   282  C  C   . GLU A 1 35  ? -5.518  1.011   5.654   1.00 7.47  ? 35  GLU A C   1 
ATOM   283  O  O   . GLU A 1 35  ? -5.564  2.100   6.188   1.00 8.09  ? 35  GLU A O   1 
ATOM   284  C  CB  . GLU A 1 35  ? -3.325  -0.011  4.999   1.00 7.77  ? 35  GLU A CB  1 
ATOM   285  C  CG  . GLU A 1 35  ? -2.089  -0.732  5.451   1.00 7.87  ? 35  GLU A CG  1 
ATOM   286  C  CD  . GLU A 1 35  ? -1.398  -0.144  6.650   1.00 8.28  ? 35  GLU A CD  1 
ATOM   287  O  OE1 . GLU A 1 35  ? -1.813  0.927   7.138   1.00 8.68  ? 35  GLU A OE1 1 
ATOM   288  O  OE2 . GLU A 1 35  ? -0.461  -0.801  7.158   1.00 7.61  ? 35  GLU A OE2 1 
ATOM   289  N  N   . SER A 1 36  ? -6.340  0.708   4.660   1.00 7.96  ? 36  SER A N   1 
ATOM   290  C  CA  . SER A 1 36  ? -7.229  1.735   4.052   1.00 7.98  ? 36  SER A CA  1 
ATOM   291  C  C   . SER A 1 36  ? -8.662  1.294   3.896   1.00 8.06  ? 36  SER A C   1 
ATOM   292  O  O   . SER A 1 36  ? -9.434  2.051   3.358   1.00 9.29  ? 36  SER A O   1 
ATOM   293  C  CB  . SER A 1 36  ? -6.703  2.123   2.676   1.00 6.82  ? 36  SER A CB  1 
ATOM   294  O  OG  . SER A 1 36  ? -6.861  1.065   1.776   1.00 6.61  ? 36  SER A OG  1 
ATOM   295  N  N   . ASN A 1 37  ? -9.022  0.068   4.243   1.00 9.18  ? 37  ASN A N   1 
ATOM   296  C  CA  . ASN A 1 37  ? -10.317 -0.497  3.846   1.00 10.95 ? 37  ASN A CA  1 
ATOM   297  C  C   . ASN A 1 37  ? -10.587 -0.363  2.363   1.00 8.63  ? 37  ASN A C   1 
ATOM   298  O  O   . ASN A 1 37  ? -11.771 -0.114  1.967   1.00 9.74  ? 37  ASN A O   1 
ATOM   299  C  CB  . ASN A 1 37  ? -11.473 0.050   4.675   1.00 14.31 ? 37  ASN A CB  1 
ATOM   300  C  CG  . ASN A 1 37  ? -12.597 -1.023  4.901   1.00 15.59 ? 37  ASN A CG  1 
ATOM   301  O  OD1 . ASN A 1 37  ? -12.402 -2.199  4.676   1.00 19.54 ? 37  ASN A OD1 1 
ATOM   302  N  ND2 . ASN A 1 37  ? -13.812 -0.519  5.277   1.00 20.05 ? 37  ASN A ND2 1 
ATOM   303  N  N   . PHE A 1 38  ? -9.567  -0.487  1.570   1.00 6.75  ? 38  PHE A N   1 
ATOM   304  C  CA  . PHE A 1 38  ? -9.649  -0.463  0.127   1.00 6.66  ? 38  PHE A CA  1 
ATOM   305  C  C   . PHE A 1 38  ? -10.015 0.871   -0.460  1.00 7.47  ? 38  PHE A C   1 
ATOM   306  O  O   . PHE A 1 38  ? -10.338 0.958   -1.660  1.00 8.94  ? 38  PHE A O   1 
ATOM   307  C  CB  . PHE A 1 38  ? -10.606 -1.531  -0.425  1.00 8.28  ? 38  PHE A CB  1 
ATOM   308  C  CG  . PHE A 1 38  ? -10.336 -3.010  -0.014  1.00 7.64  ? 38  PHE A CG  1 
ATOM   309  C  CD1 . PHE A 1 38  ? -9.040  -3.538  0.054   1.00 8.51  ? 38  PHE A CD1 1 
ATOM   310  C  CD2 . PHE A 1 38  ? -11.366 -3.904  0.215   1.00 9.61  ? 38  PHE A CD2 1 
ATOM   311  C  CE1 . PHE A 1 38  ? -8.829  -4.885  0.357   1.00 8.20  ? 38  PHE A CE1 1 
ATOM   312  C  CE2 . PHE A 1 38  ? -11.156 -5.252  0.476   1.00 9.43  ? 38  PHE A CE2 1 
ATOM   313  C  CZ  . PHE A 1 38  ? -9.884  -5.708  0.548   1.00 8.16  ? 38  PHE A CZ  1 
ATOM   314  N  N   . ASN A 1 39  ? -9.849  1.922   0.332   1.00 7.88  ? 39  ASN A N   1 
ATOM   315  C  CA  . ASN A 1 39  ? -10.228 3.319   -0.088  1.00 6.47  ? 39  ASN A CA  1 
ATOM   316  C  C   . ASN A 1 39  ? -9.014  4.041   -0.528  1.00 6.23  ? 39  ASN A C   1 
ATOM   317  O  O   . ASN A 1 39  ? -8.097  4.350   0.308   1.00 7.57  ? 39  ASN A O   1 
ATOM   318  C  CB  . ASN A 1 39  ? -10.857 3.962   1.072   1.00 8.08  ? 39  ASN A CB  1 
ATOM   319  C  CG  . ASN A 1 39  ? -11.451 5.357   0.697   1.00 7.64  ? 39  ASN A CG  1 
ATOM   320  O  OD1 . ASN A 1 39  ? -11.212 5.896   -0.350  1.00 6.85  ? 39  ASN A OD1 1 
ATOM   321  N  ND2 . ASN A 1 39  ? -12.323 5.847   1.614   1.00 10.44 ? 39  ASN A ND2 1 
ATOM   322  N  N   . THR A 1 40  ? -8.841  4.366   -1.782  1.00 7.01  ? 40  THR A N   1 
ATOM   323  C  CA  . THR A 1 40  ? -7.735  5.085   -2.277  1.00 7.22  ? 40  THR A CA  1 
ATOM   324  C  C   . THR A 1 40  ? -7.532  6.493   -1.704  1.00 6.85  ? 40  THR A C   1 
ATOM   325  O  O   . THR A 1 40  ? -6.456  6.990   -1.698  1.00 7.60  ? 40  THR A O   1 
ATOM   326  C  CB  . THR A 1 40  ? -7.751  5.269   -3.803  1.00 8.18  ? 40  THR A CB  1 
ATOM   327  O  OG1 . THR A 1 40  ? -8.819  6.132   -4.225  1.00 9.75  ? 40  THR A OG1 1 
ATOM   328  C  CG2 . THR A 1 40  ? -7.824  3.967   -4.551  1.00 8.38  ? 40  THR A CG2 1 
ATOM   329  N  N   . GLN A 1 41  ? -8.600  7.075   -1.212  1.00 6.47  ? 41  GLN A N   1 
ATOM   330  C  CA  . GLN A 1 41  ? -8.541  8.429   -0.602  1.00 6.87  ? 41  GLN A CA  1 
ATOM   331  C  C   . GLN A 1 41  ? -8.183  8.440   0.843   1.00 7.10  ? 41  GLN A C   1 
ATOM   332  O  O   . GLN A 1 41  ? -8.092  9.558   1.390   1.00 10.05 ? 41  GLN A O   1 
ATOM   333  C  CB  . GLN A 1 41  ? -9.816  9.199   -0.833  1.00 6.54  ? 41  GLN A CB  1 
ATOM   334  C  CG  . GLN A 1 41  ? -10.077 9.357   -2.327  1.00 7.81  ? 41  GLN A CG  1 
ATOM   335  C  CD  . GLN A 1 41  ? -11.169 10.339  -2.594  1.00 8.20  ? 41  GLN A CD  1 
ATOM   336  O  OE1 . GLN A 1 41  ? -10.895 11.553  -2.506  1.00 10.16 ? 41  GLN A OE1 1 
ATOM   337  N  NE2 . GLN A 1 41  ? -12.416 9.941   -2.768  1.00 8.28  ? 41  GLN A NE2 1 
ATOM   338  N  N   . ALA A 1 42  ? -7.908  7.353   1.486   1.00 6.81  ? 42  ALA A N   1 
ATOM   339  C  CA  . ALA A 1 42  ? -7.615  7.280   2.945   1.00 7.31  ? 42  ALA A CA  1 
ATOM   340  C  C   . ALA A 1 42  ? -6.367  8.073   3.291   1.00 7.29  ? 42  ALA A C   1 
ATOM   341  O  O   . ALA A 1 42  ? -5.361  7.997   2.635   1.00 6.78  ? 42  ALA A O   1 
ATOM   342  C  CB  . ALA A 1 42  ? -7.498  5.801   3.389   1.00 7.93  ? 42  ALA A CB  1 
ATOM   343  N  N   . THR A 1 43  ? -6.485  8.940   4.286   1.00 9.02  ? 43  THR A N   1 
ATOM   344  C  CA  . THR A 1 43  ? -5.353  9.693   4.879   1.00 9.20  ? 43  THR A CA  1 
ATOM   345  C  C   . THR A 1 43  ? -5.395  9.552   6.372   1.00 10.08 ? 43  THR A C   1 
ATOM   346  O  O   . THR A 1 43  ? -6.483  9.600   6.923   1.00 12.33 ? 43  THR A O   1 
ATOM   347  C  CB  . THR A 1 43  ? -5.292  11.165  4.481   1.00 9.50  ? 43  THR A CB  1 
ATOM   348  O  OG1 . THR A 1 43  ? -6.442  11.892  4.958   1.00 11.13 ? 43  THR A OG1 1 
ATOM   349  C  CG2 . THR A 1 43  ? -5.152  11.329  3.062   1.00 9.69  ? 43  THR A CG2 1 
ATOM   350  N  N   . ASN A 1 44  ? -4.233  9.426   7.071   1.00 9.56  ? 44  ASN A N   1 
ATOM   351  C  CA  . ASN A 1 44  ? -4.150  9.391   8.517   1.00 9.50  ? 44  ASN A CA  1 
ATOM   352  C  C   . ASN A 1 44  ? -2.879  10.100  8.971   1.00 8.87  ? 44  ASN A C   1 
ATOM   353  O  O   . ASN A 1 44  ? -1.790  9.777   8.534   1.00 7.80  ? 44  ASN A O   1 
ATOM   354  C  CB  . ASN A 1 44  ? -4.233  8.022   9.064   1.00 11.24 ? 44  ASN A CB  1 
ATOM   355  C  CG  . ASN A 1 44  ? -5.614  7.455   8.796   1.00 14.67 ? 44  ASN A CG  1 
ATOM   356  O  OD1 . ASN A 1 44  ? -6.584  7.765   9.535   1.00 14.55 ? 44  ASN A OD1 1 
ATOM   357  N  ND2 . ASN A 1 44  ? -5.679  6.551   7.754   1.00 15.08 ? 44  ASN A ND2 1 
ATOM   358  N  N   . ARG A 1 45  ? -3.071  11.004  9.904   1.00 9.93  ? 45  ARG A N   1 
ATOM   359  C  CA  . ARG A 1 45  ? -1.984  11.749  10.535  1.00 10.03 ? 45  ARG A CA  1 
ATOM   360  C  C   . ARG A 1 45  ? -1.363  10.902  11.628  1.00 9.70  ? 45  ARG A C   1 
ATOM   361  O  O   . ARG A 1 45  ? -2.075  10.371  12.492  1.00 12.53 ? 45  ARG A O   1 
ATOM   362  C  CB  . ARG A 1 45  ? -2.519  13.076  11.122  1.00 13.16 ? 45  ARG A CB  1 
ATOM   363  C  CG  . ARG A 1 45  ? -1.318  14.100  11.390  1.00 14.95 ? 45  ARG A CG  1 
ATOM   364  C  CD  . ARG A 1 45  ? -1.022  14.775  10.041  1.00 17.16 ? 45  ARG A CD  1 
ATOM   365  N  NE  . ARG A 1 45  ? 0.144   15.674  10.070  1.00 19.75 ? 45  ARG A NE  1 
ATOM   366  C  CZ  . ARG A 1 45  ? 0.064   16.971  10.206  1.00 18.78 ? 45  ARG A CZ  1 
ATOM   367  N  NH1 . ARG A 1 45  ? -1.087  17.595  10.360  1.00 21.15 ? 45  ARG A NH1 1 
ATOM   368  N  NH2 . ARG A 1 45  ? 1.125   17.680  10.064  1.00 13.76 ? 45  ARG A NH2 1 
ATOM   369  N  N   . ASN A 1 46  ? -0.055  10.916  11.651  1.00 10.89 ? 46  ASN A N   1 
ATOM   370  C  CA  . ASN A 1 46  ? 0.805   10.223  12.631  1.00 10.57 ? 46  ASN A CA  1 
ATOM   371  C  C   . ASN A 1 46  ? 1.159   11.273  13.675  1.00 12.72 ? 46  ASN A C   1 
ATOM   372  O  O   . ASN A 1 46  ? 1.196   12.480  13.494  1.00 12.33 ? 46  ASN A O   1 
ATOM   373  C  CB  . ASN A 1 46  ? 2.025   9.691   11.961  1.00 11.55 ? 46  ASN A CB  1 
ATOM   374  C  CG  . ASN A 1 46  ? 1.664   8.717   10.892  1.00 12.06 ? 46  ASN A CG  1 
ATOM   375  O  OD1 . ASN A 1 46  ? 0.783   7.872   11.138  1.00 17.11 ? 46  ASN A OD1 1 
ATOM   376  N  ND2 . ASN A 1 46  ? 2.315   8.755   9.751   1.00 12.66 ? 46  ASN A ND2 1 
ATOM   377  N  N   . THR A 1 47  ? 1.289   10.790  14.901  1.00 14.58 ? 47  THR A N   1 
ATOM   378  C  CA  . THR A 1 47  ? 1.820   11.505  16.041  1.00 17.88 ? 47  THR A CA  1 
ATOM   379  C  C   . THR A 1 47  ? 2.963   12.493  15.788  1.00 15.43 ? 47  THR A C   1 
ATOM   380  O  O   . THR A 1 47  ? 2.945   13.605  16.389  1.00 16.41 ? 47  THR A O   1 
ATOM   381  C  CB  . THR A 1 47  ? 2.163   10.503  17.260  1.00 17.86 ? 47  THR A CB  1 
ATOM   382  O  OG1 . THR A 1 47  ? 3.228   9.578   16.989  1.00 25.79 ? 47  THR A OG1 1 
ATOM   383  C  CG2 . THR A 1 47  ? 1.012   9.725   17.603  1.00 19.09 ? 47  THR A CG2 1 
ATOM   384  N  N   . ASP A 1 48  ? 3.880   12.060  14.932  1.00 14.29 ? 48  ASP A N   1 
ATOM   385  C  CA  . ASP A 1 48  ? 5.069   12.804  14.629  1.00 13.79 ? 48  ASP A CA  1 
ATOM   386  C  C   . ASP A 1 48  ? 4.899   13.890  13.611  1.00 14.79 ? 48  ASP A C   1 
ATOM   387  O  O   . ASP A 1 48  ? 5.903   14.523  13.251  1.00 14.97 ? 48  ASP A O   1 
ATOM   388  C  CB  . ASP A 1 48  ? 6.205   11.909  14.227  1.00 15.67 ? 48  ASP A CB  1 
ATOM   389  C  CG  . ASP A 1 48  ? 6.012   11.226  12.859  1.00 17.94 ? 48  ASP A CG  1 
ATOM   390  O  OD1 . ASP A 1 48  ? 4.996   11.441  12.187  1.00 15.68 ? 48  ASP A OD1 1 
ATOM   391  O  OD2 . ASP A 1 48  ? 6.862   10.546  12.341  1.00 20.64 ? 48  ASP A OD2 1 
ATOM   392  N  N   . GLY A 1 49  ? 3.727   14.006  13.025  1.00 12.79 ? 49  GLY A N   1 
ATOM   393  C  CA  . GLY A 1 49  ? 3.383   15.054  12.076  1.00 11.48 ? 49  GLY A CA  1 
ATOM   394  C  C   . GLY A 1 49  ? 3.443   14.582  10.650  1.00 10.65 ? 49  GLY A C   1 
ATOM   395  O  O   . GLY A 1 49  ? 2.975   15.312  9.778   1.00 12.35 ? 49  GLY A O   1 
ATOM   396  N  N   . SER A 1 50  ? 3.990   13.426  10.393  1.00 8.79  ? 50  SER A N   1 
ATOM   397  C  CA  . SER A 1 50  ? 3.898   12.818  9.052   1.00 9.26  ? 50  SER A CA  1 
ATOM   398  C  C   . SER A 1 50  ? 2.395   12.369  8.827   1.00 7.41  ? 50  SER A C   1 
ATOM   399  O  O   . SER A 1 50  ? 1.620   12.329  9.751   1.00 7.83  ? 50  SER A O   1 
ATOM   400  C  CB  . SER A 1 50  ? 4.874   11.686  8.941   1.00 8.81  ? 50  SER A CB  1 
ATOM   401  O  OG  . SER A 1 50  ? 4.476   10.597  9.830   1.00 9.56  ? 50  SER A OG  1 
ATOM   402  N  N   . THR A 1 51  ? 2.142   11.978  7.590   1.00 6.54  ? 51  THR A N   1 
ATOM   403  C  CA  . THR A 1 51  ? 0.842   11.512  7.166   1.00 6.51  ? 51  THR A CA  1 
ATOM   404  C  C   . THR A 1 51  ? 1.004   10.294  6.307   1.00 6.17  ? 51  THR A C   1 
ATOM   405  O  O   . THR A 1 51  ? 1.922   10.192  5.522   1.00 5.84  ? 51  THR A O   1 
ATOM   406  C  CB  . THR A 1 51  ? 0.064   12.590  6.423   1.00 6.22  ? 51  THR A CB  1 
ATOM   407  O  OG1 . THR A 1 51  ? -0.043  13.757  7.309   1.00 7.27  ? 51  THR A OG1 1 
ATOM   408  C  CG2 . THR A 1 51  ? -1.333  12.213  6.090   1.00 6.94  ? 51  THR A CG2 1 
ATOM   409  N  N   . ASP A 1 52  ? 0.063   9.360   6.445   1.00 6.26  ? 52  ASP A N   1 
ATOM   410  C  CA  . ASP A 1 52  ? -0.013  8.149   5.610   1.00 6.40  ? 52  ASP A CA  1 
ATOM   411  C  C   . ASP A 1 52  ? -1.109  8.357   4.575   1.00 6.52  ? 52  ASP A C   1 
ATOM   412  O  O   . ASP A 1 52  ? -2.215  8.845   4.891   1.00 7.01  ? 52  ASP A O   1 
ATOM   413  C  CB  . ASP A 1 52  ? -0.349  6.940   6.466   1.00 8.65  ? 52  ASP A CB  1 
ATOM   414  C  CG  . ASP A 1 52  ? 0.705   6.616   7.413   1.00 9.87  ? 52  ASP A CG  1 
ATOM   415  O  OD1 . ASP A 1 52  ? 1.863   7.001   7.322   1.00 10.97 ? 52  ASP A OD1 1 
ATOM   416  O  OD2 . ASP A 1 52  ? 0.348   5.709   8.230   1.00 14.53 ? 52  ASP A OD2 1 
ATOM   417  N  N   . TYR A 1 53  ? -0.796  7.945   3.335   1.00 6.17  ? 53  TYR A N   1 
ATOM   418  C  CA  . TYR A 1 53  ? -1.663  8.212   2.189   1.00 6.53  ? 53  TYR A CA  1 
ATOM   419  C  C   . TYR A 1 53  ? -2.040  6.992   1.336   1.00 6.37  ? 53  TYR A C   1 
ATOM   420  O  O   . TYR A 1 53  ? -1.113  6.229   0.959   1.00 6.66  ? 53  TYR A O   1 
ATOM   421  C  CB  . TYR A 1 53  ? -0.923  9.149   1.236   1.00 6.96  ? 53  TYR A CB  1 
ATOM   422  C  CG  . TYR A 1 53  ? -0.689  10.538  1.784   1.00 6.44  ? 53  TYR A CG  1 
ATOM   423  C  CD1 . TYR A 1 53  ? 0.468   10.816  2.543   1.00 5.98  ? 53  TYR A CD1 1 
ATOM   424  C  CD2 . TYR A 1 53  ? -1.545  11.587  1.582   1.00 7.38  ? 53  TYR A CD2 1 
ATOM   425  C  CE1 . TYR A 1 53  ? 0.661   12.042  3.108   1.00 6.67  ? 53  TYR A CE1 1 
ATOM   426  C  CE2 . TYR A 1 53  ? -1.279  12.820  2.146   1.00 7.35  ? 53  TYR A CE2 1 
ATOM   427  C  CZ  . TYR A 1 53  ? -0.220  13.044  2.900   1.00 6.75  ? 53  TYR A CZ  1 
ATOM   428  O  OH  . TYR A 1 53  ? -0.001  14.325  3.427   1.00 6.97  ? 53  TYR A OH  1 
ATOM   429  N  N   . GLY A 1 54  ? -3.327  6.850   1.057   1.00 6.22  ? 54  GLY A N   1 
ATOM   430  C  CA  . GLY A 1 54  ? -3.786  5.983   -0.008  1.00 6.43  ? 54  GLY A CA  1 
ATOM   431  C  C   . GLY A 1 54  ? -4.028  4.571   0.458   1.00 6.00  ? 54  GLY A C   1 
ATOM   432  O  O   . GLY A 1 54  ? -4.062  4.244   1.662   1.00 6.02  ? 54  GLY A O   1 
ATOM   433  N  N   . ILE A 1 55  ? -4.250  3.714   -0.528  1.00 7.50  ? 55  ILE A N   1 
ATOM   434  C  CA  . ILE A 1 55  ? -4.612  2.361   -0.331  1.00 8.82  ? 55  ILE A CA  1 
ATOM   435  C  C   . ILE A 1 55  ? -3.716  1.510   0.502   1.00 7.64  ? 55  ILE A C   1 
ATOM   436  O  O   . ILE A 1 55  ? -4.158  0.625   1.171   1.00 8.28  ? 55  ILE A O   1 
ATOM   437  C  CB  . ILE A 1 55  ? -4.763  1.747   -1.798  1.00 12.54 ? 55  ILE A CB  1 
ATOM   438  C  CG1 . ILE A 1 55  ? -5.448  0.422   -1.927  1.00 17.66 ? 55  ILE A CG1 1 
ATOM   439  C  CG2 . ILE A 1 55  ? -3.479  1.634   -2.544  1.00 12.74 ? 55  ILE A CG2 1 
ATOM   440  C  CD1 . ILE A 1 55  ? -6.864  0.551   -1.602  1.00 18.53 ? 55  ILE A CD1 1 
ATOM   441  N  N   . LEU A 1 56  ? -2.403  1.843   0.509   1.00 7.88  ? 56  LEU A N   1 
ATOM   442  C  CA  . LEU A 1 56  ? -1.400  1.176   1.300   1.00 8.02  ? 56  LEU A CA  1 
ATOM   443  C  C   . LEU A 1 56  ? -0.753  2.144   2.338   1.00 7.32  ? 56  LEU A C   1 
ATOM   444  O  O   . LEU A 1 56  ? 0.257   1.816   2.934   1.00 8.44  ? 56  LEU A O   1 
ATOM   445  C  CB  . LEU A 1 56  ? -0.326  0.480   0.427   1.00 8.56  ? 56  LEU A CB  1 
ATOM   446  C  CG  . LEU A 1 56  ? -0.801  -0.739  -0.290  1.00 9.13  ? 56  LEU A CG  1 
ATOM   447  C  CD1 . LEU A 1 56  ? 0.196   -1.177  -1.361  1.00 9.89  ? 56  LEU A CD1 1 
ATOM   448  C  CD2 . LEU A 1 56  ? -0.963  -1.888  0.690   1.00 10.78 ? 56  LEU A CD2 1 
ATOM   449  N  N   . GLN A 1 57  ? -1.384  3.320   2.620   1.00 6.66  ? 57  GLN A N   1 
ATOM   450  C  CA  . GLN A 1 57  ? -0.994  4.191   3.718   1.00 6.60  ? 57  GLN A CA  1 
ATOM   451  C  C   . GLN A 1 57  ? 0.505   4.417   3.749   1.00 7.28  ? 57  GLN A C   1 
ATOM   452  O  O   . GLN A 1 57  ? 1.163   4.190   4.763   1.00 7.70  ? 57  GLN A O   1 
ATOM   453  C  CB  . GLN A 1 57  ? -1.546  3.604   5.031   1.00 6.68  ? 57  GLN A CB  1 
ATOM   454  C  CG  . GLN A 1 57  ? -3.051  3.654   5.141   1.00 6.44  ? 57  GLN A CG  1 
ATOM   455  C  CD  . GLN A 1 57  ? -3.493  5.094   5.307   1.00 6.90  ? 57  GLN A CD  1 
ATOM   456  O  OE1 . GLN A 1 57  ? -3.465  5.695   6.387   1.00 8.59  ? 57  GLN A OE1 1 
ATOM   457  N  NE2 . GLN A 1 57  ? -3.913  5.722   4.196   1.00 7.08  ? 57  GLN A NE2 1 
ATOM   458  N  N   . ILE A 1 58  ? 0.975   4.939   2.630   1.00 7.62  ? 58  ILE A N   1 
ATOM   459  C  CA  . ILE A 1 58  ? 2.397   5.242   2.450   1.00 8.09  ? 58  ILE A CA  1 
ATOM   460  C  C   . ILE A 1 58  ? 2.717   6.516   3.167   1.00 6.47  ? 58  ILE A C   1 
ATOM   461  O  O   . ILE A 1 58  ? 2.022   7.524   3.043   1.00 6.95  ? 58  ILE A O   1 
ATOM   462  C  CB  . ILE A 1 58  ? 2.725   5.257   0.951   1.00 8.22  ? 58  ILE A CB  1 
ATOM   463  C  CG1 . ILE A 1 58  ? 2.594   3.808   0.500   1.00 9.14  ? 58  ILE A CG1 1 
ATOM   464  C  CG2 . ILE A 1 58  ? 4.045   5.900   0.721   1.00 8.10  ? 58  ILE A CG2 1 
ATOM   465  C  CD1 . ILE A 1 58  ? 2.748   3.645   -0.988  1.00 11.63 ? 58  ILE A CD1 1 
ATOM   466  N  N   . ASN A 1 59  ? 3.789   6.527   3.942   1.00 7.96  ? 59  ASN A N   1 
ATOM   467  C  CA  . ASN A 1 59  ? 4.176   7.597   4.840   1.00 8.65  ? 59  ASN A CA  1 
ATOM   468  C  C   . ASN A 1 59  ? 5.045   8.663   4.264   1.00 7.31  ? 59  ASN A C   1 
ATOM   469  O  O   . ASN A 1 59  ? 6.066   8.391   3.687   1.00 10.69 ? 59  ASN A O   1 
ATOM   470  C  CB  . ASN A 1 59  ? 4.891   6.938   6.060   1.00 10.31 ? 59  ASN A CB  1 
ATOM   471  C  CG  . ASN A 1 59  ? 5.027   7.837   7.251   1.00 12.05 ? 59  ASN A CG  1 
ATOM   472  O  OD1 . ASN A 1 59  ? 4.874   9.045   7.178   1.00 18.44 ? 59  ASN A OD1 1 
ATOM   473  N  ND2 . ASN A 1 59  ? 5.301   7.200   8.458   1.00 14.98 ? 59  ASN A ND2 1 
ATOM   474  N  N   . SER A 1 60  ? 4.652   9.903   4.468   1.00 7.74  ? 60  SER A N   1 
ATOM   475  C  CA  . SER A 1 60  ? 5.392   11.137  4.071   1.00 7.72  ? 60  SER A CA  1 
ATOM   476  C  C   . SER A 1 60  ? 6.754   11.269  4.740   1.00 9.14  ? 60  SER A C   1 
ATOM   477  O  O   . SER A 1 60  ? 7.587   12.043  4.240   1.00 10.19 ? 60  SER A O   1 
ATOM   478  C  CB  . SER A 1 60  ? 4.604   12.389  4.262   1.00 7.41  ? 60  SER A CB  1 
ATOM   479  O  OG  . SER A 1 60  ? 4.332   12.585  5.638   1.00 7.56  ? 60  SER A OG  1 
ATOM   480  N  N   . ARG A 1 61  ? 7.035   10.571  5.861   1.00 9.89  ? 61  ARG A N   1 
ATOM   481  C  CA  . ARG A 1 61  ? 8.317   10.619  6.587   1.00 11.43 ? 61  ARG A CA  1 
ATOM   482  C  C   . ARG A 1 61  ? 9.407   10.181  5.604   1.00 10.86 ? 61  ARG A C   1 
ATOM   483  O  O   . ARG A 1 61  ? 10.499  10.771  5.638   1.00 12.70 ? 61  ARG A O   1 
ATOM   484  C  CB  . ARG A 1 61  ? 8.224   9.703   7.812   1.00 15.11 ? 61  ARG A CB  1 
ATOM   485  C  CG  . ARG A 1 61  ? 9.483   9.458   8.604   1.00 18.33 ? 61  ARG A CG  1 
ATOM   486  C  CD  . ARG A 1 61  ? 9.996   10.787  9.051   1.00 18.94 ? 61  ARG A CD  1 
ATOM   487  N  NE  . ARG A 1 61  ? 11.308  10.627  9.691   1.00 23.30 ? 61  ARG A NE  1 
ATOM   488  C  CZ  . ARG A 1 61  ? 12.493  10.558  9.072   1.00 22.85 ? 61  ARG A CZ  1 
ATOM   489  N  NH1 . ARG A 1 61  ? 12.652  10.700  7.738   1.00 22.29 ? 61  ARG A NH1 1 
ATOM   490  N  NH2 . ARG A 1 61  ? 13.585  10.405  9.832   1.00 26.97 ? 61  ARG A NH2 1 
ATOM   491  N  N   . TRP A 1 62  ? 9.173   9.239   4.693   1.00 9.82  ? 62  TRP A N   1 
ATOM   492  C  CA  . TRP A 1 62  ? 10.225  8.655   3.844   1.00 9.78  ? 62  TRP A CA  1 
ATOM   493  C  C   . TRP A 1 62  ? 9.919   8.737   2.364   1.00 8.68  ? 62  TRP A C   1 
ATOM   494  O  O   . TRP A 1 62  ? 10.820  8.870   1.532   1.00 10.00 ? 62  TRP A O   1 
ATOM   495  C  CB  . TRP A 1 62  ? 10.581  7.169   4.130   1.00 12.23 ? 62  TRP A CB  1 
ATOM   496  C  CG  . TRP A 1 62  ? 10.877  6.949   5.569   1.00 17.45 ? 62  TRP A CG  1 
ATOM   497  C  CD1 . TRP A 1 62  ? 10.051  6.314   6.490   1.00 21.08 ? 62  TRP A CD1 1 
ATOM   498  C  CD2 . TRP A 1 62  ? 12.065  7.230   6.220   1.00 21.96 ? 62  TRP A CD2 1 
ATOM   499  N  NE1 . TRP A 1 62  ? 10.685  6.236   7.707   1.00 22.90 ? 62  TRP A NE1 1 
ATOM   500  C  CE2 . TRP A 1 62  ? 11.920  6.799   7.582   1.00 21.98 ? 62  TRP A CE2 1 
ATOM   501  C  CE3 . TRP A 1 62  ? 13.266  7.813   5.794   1.00 23.45 ? 62  TRP A CE3 1 
ATOM   502  C  CZ2 . TRP A 1 62  ? 12.947  6.929   8.537   1.00 28.23 ? 62  TRP A CZ2 1 
ATOM   503  C  CZ3 . TRP A 1 62  ? 14.318  7.966   6.776   1.00 29.69 ? 62  TRP A CZ3 1 
ATOM   504  C  CH2 . TRP A 1 62  ? 14.106  7.539   8.141   1.00 29.06 ? 62  TRP A CH2 1 
ATOM   505  N  N   . TRP A 1 63  ? 8.646   8.580   1.969   1.00 7.74  ? 63  TRP A N   1 
ATOM   506  C  CA  . TRP A 1 63  ? 8.328   8.078   0.679   1.00 7.54  ? 63  TRP A CA  1 
ATOM   507  C  C   . TRP A 1 63  ? 7.754   9.072   -0.286  1.00 7.62  ? 63  TRP A C   1 
ATOM   508  O  O   . TRP A 1 63  ? 7.807   8.829   -1.472  1.00 8.63  ? 63  TRP A O   1 
ATOM   509  C  CB  . TRP A 1 63  ? 7.368   6.852   0.795   1.00 7.67  ? 63  TRP A CB  1 
ATOM   510  C  CG  . TRP A 1 63  ? 7.985   5.784   1.720   1.00 7.57  ? 63  TRP A CG  1 
ATOM   511  C  CD1 . TRP A 1 63  ? 7.573   5.474   2.953   1.00 8.76  ? 63  TRP A CD1 1 
ATOM   512  C  CD2 . TRP A 1 63  ? 9.199   5.024   1.421   1.00 9.36  ? 63  TRP A CD2 1 
ATOM   513  N  NE1 . TRP A 1 63  ? 8.489   4.482   3.431   1.00 9.36  ? 63  TRP A NE1 1 
ATOM   514  C  CE2 . TRP A 1 63  ? 9.458   4.210   2.516   1.00 9.73  ? 63  TRP A CE2 1 
ATOM   515  C  CE3 . TRP A 1 63  ? 9.968   4.888   0.298   1.00 10.58 ? 63  TRP A CE3 1 
ATOM   516  C  CZ2 . TRP A 1 63  ? 10.548  3.319   2.515   1.00 9.42  ? 63  TRP A CZ2 1 
ATOM   517  C  CZ3 . TRP A 1 63  ? 11.032  4.017   0.332   1.00 10.76 ? 63  TRP A CZ3 1 
ATOM   518  C  CH2 . TRP A 1 63  ? 11.295  3.264   1.420   1.00 10.97 ? 63  TRP A CH2 1 
ATOM   519  N  N   . CYS A 1 64  ? 7.008   10.112  0.192   1.00 7.70  ? 64  CYS A N   1 
ATOM   520  C  CA  . CYS A 1 64  ? 6.414   11.062  -0.676  1.00 8.21  ? 64  CYS A CA  1 
ATOM   521  C  C   . CYS A 1 64  ? 6.505   12.461  -0.125  1.00 7.09  ? 64  CYS A C   1 
ATOM   522  O  O   . CYS A 1 64  ? 6.751   12.615  1.082   1.00 6.88  ? 64  CYS A O   1 
ATOM   523  C  CB  . CYS A 1 64  ? 4.949   10.664  -0.922  1.00 8.53  ? 64  CYS A CB  1 
ATOM   524  S  SG  . CYS A 1 64  ? 3.861   10.658  0.494   1.00 7.47  ? 64  CYS A SG  1 
ATOM   525  N  N   . ASN A 1 65  ? 6.340   13.484  -0.959  1.00 7.18  ? 65  ASN A N   1 
ATOM   526  C  CA  . ASN A 1 65  ? 6.347   14.817  -0.497  1.00 8.22  ? 65  ASN A CA  1 
ATOM   527  C  C   . ASN A 1 65  ? 4.910   15.403  -0.305  1.00 6.53  ? 65  ASN A C   1 
ATOM   528  O  O   . ASN A 1 65  ? 4.135   15.400  -1.231  1.00 7.21  ? 65  ASN A O   1 
ATOM   529  C  CB  . ASN A 1 65  ? 7.087   15.726  -1.440  1.00 8.81  ? 65  ASN A CB  1 
ATOM   530  C  CG  . ASN A 1 65  ? 7.012   17.143  -0.927  1.00 9.88  ? 65  ASN A CG  1 
ATOM   531  O  OD1 . ASN A 1 65  ? 7.431   17.397  0.181   1.00 9.95  ? 65  ASN A OD1 1 
ATOM   532  N  ND2 . ASN A 1 65  ? 6.435   18.060  -1.713  1.00 10.86 ? 65  ASN A ND2 1 
ATOM   533  N  N   . ASP A 1 66  ? 4.660   15.881  0.901   1.00 7.15  ? 66  ASP A N   1 
ATOM   534  C  CA  . ASP A 1 66  ? 3.458   16.608  1.191   1.00 7.43  ? 66  ASP A CA  1 
ATOM   535  C  C   . ASP A 1 66  ? 3.721   18.050  1.692   1.00 7.48  ? 66  ASP A C   1 
ATOM   536  O  O   . ASP A 1 66  ? 2.719   18.771  1.947   1.00 8.27  ? 66  ASP A O   1 
ATOM   537  C  CB  . ASP A 1 66  ? 2.534   15.850  2.210   1.00 6.44  ? 66  ASP A CB  1 
ATOM   538  C  CG  . ASP A 1 66  ? 3.068   15.743  3.617   1.00 7.61  ? 66  ASP A CG  1 
ATOM   539  O  OD1 . ASP A 1 66  ? 4.152   16.278  4.016   1.00 8.01  ? 66  ASP A OD1 1 
ATOM   540  O  OD2 . ASP A 1 66  ? 2.402   14.979  4.387   1.00 7.43  ? 66  ASP A OD2 1 
ATOM   541  N  N   . GLY A 1 67  ? 4.967   18.469  1.721   1.00 8.17  ? 67  GLY A N   1 
ATOM   542  C  CA  . GLY A 1 67  ? 5.241   19.872  2.064   1.00 9.86  ? 67  GLY A CA  1 
ATOM   543  C  C   . GLY A 1 67  ? 5.067   20.157  3.527   1.00 10.59 ? 67  GLY A C   1 
ATOM   544  O  O   . GLY A 1 67  ? 5.354   21.318  3.954   1.00 12.70 ? 67  GLY A O   1 
ATOM   545  N  N   . ARG A 1 68  ? 4.686   19.261  4.416   1.00 9.93  ? 68  ARG A N   1 
ATOM   546  C  CA  . ARG A 1 68  ? 4.414   19.600  5.787   1.00 11.00 ? 68  ARG A CA  1 
ATOM   547  C  C   . ARG A 1 68  ? 4.973   18.520  6.715   1.00 10.87 ? 68  ARG A C   1 
ATOM   548  O  O   . ARG A 1 68  ? 4.492   18.387  7.828   1.00 14.59 ? 68  ARG A O   1 
ATOM   549  C  CB  . ARG A 1 68  ? 2.935   19.804  6.023   1.00 10.98 ? 68  ARG A CB  1 
ATOM   550  C  CG  . ARG A 1 68  ? 2.080   18.558  5.813   1.00 11.73 ? 68  ARG A CG  1 
ATOM   551  C  CD  . ARG A 1 68  ? 0.730   18.776  6.390   1.00 11.57 ? 68  ARG A CD  1 
ATOM   552  N  NE  . ARG A 1 68  ? 0.102   17.547  6.691   1.00 12.17 ? 68  ARG A NE  1 
ATOM   553  C  CZ  . ARG A 1 68  ? -1.216  17.398  6.989   1.00 10.79 ? 68  ARG A CZ  1 
ATOM   554  N  NH1 . ARG A 1 68  ? -2.040  18.416  6.924   1.00 12.23 ? 68  ARG A NH1 1 
ATOM   555  N  NH2 . ARG A 1 68  ? -1.693  16.192  7.282   1.00 11.55 ? 68  ARG A NH2 1 
ATOM   556  N  N   . THR A 1 69  ? 6.014   17.847  6.315   1.00 9.20  ? 69  THR A N   1 
ATOM   557  C  CA  . THR A 1 69  ? 6.660   16.859  7.164   1.00 9.41  ? 69  THR A CA  1 
ATOM   558  C  C   . THR A 1 69  ? 8.208   17.216  7.248   1.00 9.67  ? 69  THR A C   1 
ATOM   559  O  O   . THR A 1 69  ? 9.004   16.673  6.567   1.00 11.05 ? 69  THR A O   1 
ATOM   560  C  CB  . THR A 1 69  ? 6.480   15.445  6.630   1.00 10.14 ? 69  THR A CB  1 
ATOM   561  O  OG1 . THR A 1 69  ? 5.086   15.188  6.325   1.00 9.95  ? 69  THR A OG1 1 
ATOM   562  C  CG2 . THR A 1 69  ? 6.933   14.390  7.622   1.00 11.02 ? 69  THR A CG2 1 
ATOM   563  N  N   . PRO A 1 70  ? 8.542   18.067  8.178   1.00 10.68 ? 70  PRO A N   1 
ATOM   564  C  CA  . PRO A 1 70  ? 9.957   18.563  8.203   1.00 12.65 ? 70  PRO A CA  1 
ATOM   565  C  C   . PRO A 1 70  ? 10.917  17.512  8.367   1.00 13.64 ? 70  PRO A C   1 
ATOM   566  O  O   . PRO A 1 70  ? 10.753  16.630  9.248   1.00 17.36 ? 70  PRO A O   1 
ATOM   567  C  CB  . PRO A 1 70  ? 10.003  19.428  9.472   1.00 14.72 ? 70  PRO A CB  1 
ATOM   568  C  CG  . PRO A 1 70  ? 8.657   19.984  9.552   1.00 14.56 ? 70  PRO A CG  1 
ATOM   569  C  CD  . PRO A 1 70  ? 7.701   18.925  9.033   1.00 13.14 ? 70  PRO A CD  1 
ATOM   570  N  N   . GLY A 1 71  ? 11.993  17.580  7.592   1.00 13.12 ? 71  GLY A N   1 
ATOM   571  C  CA  . GLY A 1 71  ? 13.122  16.693  7.758   1.00 15.46 ? 71  GLY A CA  1 
ATOM   572  C  C   . GLY A 1 71  ? 12.903  15.424  6.943   1.00 16.27 ? 71  GLY A C   1 
ATOM   573  O  O   . GLY A 1 71  ? 13.752  14.540  6.899   1.00 17.64 ? 71  GLY A O   1 
ATOM   574  N  N   . SER A 1 72  ? 11.749  15.276  6.293   1.00 14.45 ? 72  SER A N   1 
ATOM   575  C  CA  . SER A 1 72  ? 11.401  14.021  5.638   1.00 14.32 ? 72  SER A CA  1 
ATOM   576  C  C   . SER A 1 72  ? 12.068  13.808  4.313   1.00 13.88 ? 72  SER A C   1 
ATOM   577  O  O   . SER A 1 72  ? 12.648  14.767  3.766   1.00 15.44 ? 72  SER A O   1 
ATOM   578  C  CB  . SER A 1 72  ? 9.886   13.905  5.466   1.00 13.98 ? 72  SER A CB  1 
ATOM   579  O  OG  . SER A 1 72  ? 9.386   14.849  4.502   1.00 11.45 ? 72  SER A OG  1 
ATOM   580  N  N   . ARG A 1 73  ? 12.008  12.591  3.786   1.00 13.15 ? 73  ARG A N   1 
ATOM   581  C  CA  . ARG A 1 73  ? 12.463  12.270  2.475   1.00 14.26 ? 73  ARG A CA  1 
ATOM   582  C  C   . ARG A 1 73  ? 11.256  12.089  1.520   1.00 13.03 ? 73  ARG A C   1 
ATOM   583  O  O   . ARG A 1 73  ? 10.101  12.123  1.956   1.00 11.78 ? 73  ARG A O   1 
ATOM   584  C  CB  . ARG A 1 73  ? 13.355  11.009  2.512   1.00 17.51 ? 73  ARG A CB  1 
ATOM   585  C  CG  . ARG A 1 73  ? 14.533  11.181  3.454   1.00 20.20 ? 73  ARG A CG  1 
ATOM   586  C  CD  . ARG A 1 73  ? 15.473  12.263  2.946   1.00 28.02 ? 73  ARG A CD  1 
ATOM   587  N  NE  . ARG A 1 73  ? 16.027  11.954  1.607   1.00 34.78 ? 73  ARG A NE  1 
ATOM   588  C  CZ  . ARG A 1 73  ? 17.199  11.356  1.369   1.00 37.85 ? 73  ARG A CZ  1 
ATOM   589  N  NH1 . ARG A 1 73  ? 17.998  10.995  2.371   1.00 38.10 ? 73  ARG A NH1 1 
ATOM   590  N  NH2 . ARG A 1 73  ? 17.595  11.149  0.107   1.00 43.18 ? 73  ARG A NH2 1 
ATOM   591  N  N   . ASN A 1 74  ? 11.506  11.907  0.245   1.00 11.38 ? 74  ASN A N   1 
ATOM   592  C  CA  . ASN A 1 74  ? 10.571  11.646  -0.773  1.00 10.24 ? 74  ASN A CA  1 
ATOM   593  C  C   . ASN A 1 74  ? 11.227  10.617  -1.751  1.00 10.12 ? 74  ASN A C   1 
ATOM   594  O  O   . ASN A 1 74  ? 11.494  10.809  -2.904  1.00 10.41 ? 74  ASN A O   1 
ATOM   595  C  CB  . ASN A 1 74  ? 10.278  12.950  -1.483  1.00 10.35 ? 74  ASN A CB  1 
ATOM   596  C  CG  . ASN A 1 74  ? 9.301   12.780  -2.649  1.00 10.67 ? 74  ASN A CG  1 
ATOM   597  O  OD1 . ASN A 1 74  ? 8.693   11.764  -2.847  1.00 9.86  ? 74  ASN A OD1 1 
ATOM   598  N  ND2 . ASN A 1 74  ? 9.242   13.825  -3.525  1.00 10.88 ? 74  ASN A ND2 1 
ATOM   599  N  N   . LEU A 1 75  ? 11.321  9.402   -1.225  1.00 10.74 ? 75  LEU A N   1 
ATOM   600  C  CA  . LEU A 1 75  ? 12.087  8.356   -1.938  1.00 11.53 ? 75  LEU A CA  1 
ATOM   601  C  C   . LEU A 1 75  ? 11.351  7.848   -3.128  1.00 11.88 ? 75  LEU A C   1 
ATOM   602  O  O   . LEU A 1 75  ? 11.959  7.292   -4.026  1.00 13.04 ? 75  LEU A O   1 
ATOM   603  C  CB  . LEU A 1 75  ? 12.533  7.236   -0.971  1.00 14.32 ? 75  LEU A CB  1 
ATOM   604  C  CG  . LEU A 1 75  ? 13.525  7.647   0.128   1.00 13.62 ? 75  LEU A CG  1 
ATOM   605  C  CD1 . LEU A 1 75  ? 13.694  6.519   1.112   1.00 16.31 ? 75  LEU A CD1 1 
ATOM   606  C  CD2 . LEU A 1 75  ? 14.867  8.038   -0.503  1.00 15.87 ? 75  LEU A CD2 1 
ATOM   607  N  N   . CYS A 1 76  ? 10.015  7.944   -3.229  1.00 10.02 ? 76  CYS A N   1 
ATOM   608  C  CA  . CYS A 1 76  ? 9.263   7.573   -4.389  1.00 10.40 ? 76  CYS A CA  1 
ATOM   609  C  C   . CYS A 1 76  ? 9.160   8.696   -5.438  1.00 9.30  ? 76  CYS A C   1 
ATOM   610  O  O   . CYS A 1 76  ? 8.637   8.475   -6.465  1.00 10.80 ? 76  CYS A O   1 
ATOM   611  C  CB  . CYS A 1 76  ? 7.894   7.079   -3.960  1.00 9.49  ? 76  CYS A CB  1 
ATOM   612  S  SG  . CYS A 1 76  ? 8.032   5.511   -3.066  1.00 9.37  ? 76  CYS A SG  1 
ATOM   613  N  N   . ASN A 1 77  ? 9.737   9.858   -5.060  1.00 10.07 ? 77  ASN A N   1 
ATOM   614  C  CA  . ASN A 1 77  ? 9.783   10.986  -5.994  1.00 11.89 ? 77  ASN A CA  1 
ATOM   615  C  C   . ASN A 1 77  ? 8.437   11.374  -6.516  1.00 10.82 ? 77  ASN A C   1 
ATOM   616  O  O   . ASN A 1 77  ? 8.231   11.436  -7.708  1.00 14.04 ? 77  ASN A O   1 
ATOM   617  C  CB  . ASN A 1 77  ? 10.781  10.766  -7.154  1.00 14.01 ? 77  ASN A CB  1 
ATOM   618  C  CG  . ASN A 1 77  ? 12.167  10.312  -6.663  1.00 15.85 ? 77  ASN A CG  1 
ATOM   619  O  OD1 . ASN A 1 77  ? 12.613  9.138   -6.888  1.00 20.12 ? 77  ASN A OD1 1 
ATOM   620  N  ND2 . ASN A 1 77  ? 12.768  11.140  -5.958  1.00 15.44 ? 77  ASN A ND2 1 
ATOM   621  N  N   . ILE A 1 78  ? 7.465   11.566  -5.573  1.00 11.09 ? 78  ILE A N   1 
ATOM   622  C  CA  . ILE A 1 78  ? 6.091   11.857  -5.911  1.00 12.12 ? 78  ILE A CA  1 
ATOM   623  C  C   . ILE A 1 78  ? 5.447   12.714  -4.903  1.00 10.94 ? 78  ILE A C   1 
ATOM   624  O  O   . ILE A 1 78  ? 5.723   12.596  -3.693  1.00 9.72  ? 78  ILE A O   1 
ATOM   625  C  CB  . ILE A 1 78  ? 5.231   10.571  -6.061  1.00 14.27 ? 78  ILE A CB  1 
ATOM   626  C  CG1 . ILE A 1 78  ? 5.292   9.764   -4.763  1.00 13.42 ? 78  ILE A CG1 1 
ATOM   627  C  CG2 . ILE A 1 78  ? 5.618   9.796   -7.335  1.00 16.84 ? 78  ILE A CG2 1 
ATOM   628  C  CD1 . ILE A 1 78  ? 4.319   8.610   -4.702  1.00 16.33 ? 78  ILE A CD1 1 
ATOM   629  N  N   . PRO A 1 79  ? 4.480   13.544  -5.312  1.00 9.91  ? 79  PRO A N   1 
ATOM   630  C  CA  . PRO A 1 79  ? 3.653   14.206  -4.328  1.00 8.83  ? 79  PRO A CA  1 
ATOM   631  C  C   . PRO A 1 79  ? 2.784   13.150  -3.631  1.00 7.20  ? 79  PRO A C   1 
ATOM   632  O  O   . PRO A 1 79  ? 2.268   12.202  -4.282  1.00 8.06  ? 79  PRO A O   1 
ATOM   633  C  CB  . PRO A 1 79  ? 2.758   15.144  -5.125  1.00 9.30  ? 79  PRO A CB  1 
ATOM   634  C  CG  . PRO A 1 79  ? 2.878   14.765  -6.507  1.00 14.52 ? 79  PRO A CG  1 
ATOM   635  C  CD  . PRO A 1 79  ? 4.101   13.923  -6.691  1.00 11.62 ? 79  PRO A CD  1 
ATOM   636  N  N   . CYS A 1 80  ? 2.557   13.305  -2.334  1.00 6.74  ? 80  CYS A N   1 
ATOM   637  C  CA  . CYS A 1 80  ? 1.741   12.339  -1.615  1.00 7.27  ? 80  CYS A CA  1 
ATOM   638  C  C   . CYS A 1 80  ? 0.331   12.248  -2.196  1.00 7.49  ? 80  CYS A C   1 
ATOM   639  O  O   . CYS A 1 80  ? -0.325  11.223  -2.171  1.00 7.48  ? 80  CYS A O   1 
ATOM   640  C  CB  . CYS A 1 80  ? 1.682   12.659  -0.142  1.00 7.23  ? 80  CYS A CB  1 
ATOM   641  S  SG  . CYS A 1 80  ? 3.312   12.572  0.706   1.00 7.18  ? 80  CYS A SG  1 
ATOM   642  N  N   . SER A 1 81  ? -0.158  13.354  -2.738  1.00 8.37  ? 81  SER A N   1 
ATOM   643  C  CA  . SER A 1 81  ? -1.486  13.368  -3.390  1.00 9.23  ? 81  SER A CA  1 
ATOM   644  C  C   . SER A 1 81  ? -1.623  12.364  -4.498  1.00 8.79  ? 81  SER A C   1 
ATOM   645  O  O   . SER A 1 81  ? -2.696  11.845  -4.761  1.00 10.92 ? 81  SER A O   1 
ATOM   646  C  CB  . SER A 1 81  ? -1.830  14.779  -3.849  1.00 11.94 ? 81  SER A CB  1 
ATOM   647  O  OG  . SER A 1 81  ? -0.969  15.102  -4.890  1.00 12.05 ? 81  SER A OG  1 
ATOM   648  N  N   . ALA A 1 82  ? -0.545  12.078  -5.179  1.00 9.34  ? 82  ALA A N   1 
ATOM   649  C  CA  . ALA A 1 82  ? -0.562  11.028  -6.191  1.00 10.72 ? 82  ALA A CA  1 
ATOM   650  C  C   . ALA A 1 82  ? -0.942  9.718   -5.700  1.00 10.34 ? 82  ALA A C   1 
ATOM   651  O  O   . ALA A 1 82  ? -1.367  8.798   -6.490  1.00 10.54 ? 82  ALA A O   1 
ATOM   652  C  CB  . ALA A 1 82  ? 0.782   10.908  -6.936  1.00 11.54 ? 82  ALA A CB  1 
ATOM   653  N  N   . LEU A 1 83  ? -0.747  9.475   -4.410  1.00 9.01  ? 83  LEU A N   1 
ATOM   654  C  CA  . LEU A 1 83  ? -1.038  8.183   -3.797  1.00 9.22  ? 83  LEU A CA  1 
ATOM   655  C  C   . LEU A 1 83  ? -2.500  8.063   -3.429  1.00 10.49 ? 83  LEU A C   1 
ATOM   656  O  O   . LEU A 1 83  ? -2.927  7.052   -2.845  1.00 11.68 ? 83  LEU A O   1 
ATOM   657  C  CB  . LEU A 1 83  ? -0.239  8.040   -2.547  1.00 11.74 ? 83  LEU A CB  1 
ATOM   658  C  CG  . LEU A 1 83  ? 1.263   8.017   -2.777  1.00 11.70 ? 83  LEU A CG  1 
ATOM   659  C  CD1 . LEU A 1 83  ? 2.136   8.027   -1.510  1.00 12.42 ? 83  LEU A CD1 1 
ATOM   660  C  CD2 . LEU A 1 83  ? 1.582   6.637   -3.426  1.00 12.27 ? 83  LEU A CD2 1 
ATOM   661  N  N   . LEU A 1 84  ? -3.317  9.095   -3.772  1.00 10.77 ? 84  LEU A N   1 
ATOM   662  C  CA  . LEU A 1 84  ? -4.731  9.034   -3.435  1.00 9.86  ? 84  LEU A CA  1 
ATOM   663  C  C   . LEU A 1 84  ? -5.644  8.799   -4.679  1.00 10.63 ? 84  LEU A C   1 
ATOM   664  O  O   . LEU A 1 84  ? -6.920  8.752   -4.572  1.00 12.13 ? 84  LEU A O   1 
ATOM   665  C  CB  . LEU A 1 84  ? -5.176  10.360  -2.772  1.00 10.82 ? 84  LEU A CB  1 
ATOM   666  C  CG  . LEU A 1 84  ? -4.407  10.695  -1.536  1.00 9.91  ? 84  LEU A CG  1 
ATOM   667  C  CD1 . LEU A 1 84  ? -4.818  12.076  -1.059  1.00 12.53 ? 84  LEU A CD1 1 
ATOM   668  C  CD2 . LEU A 1 84  ? -4.549  9.612   -0.478  1.00 10.05 ? 84  LEU A CD2 1 
ATOM   669  N  N   A SER A 1 85  ? -5.014  8.688   -5.846  0.34 10.78 ? 85  SER A N   1 
ATOM   670  N  N   B SER A 1 85  ? -5.015  8.688   -5.834  0.66 10.20 ? 85  SER A N   1 
ATOM   671  C  CA  A SER A 1 85  ? -5.714  8.532   -7.109  0.34 11.56 ? 85  SER A CA  1 
ATOM   672  C  CA  B SER A 1 85  ? -5.720  8.570   -7.068  0.66 11.17 ? 85  SER A CA  1 
ATOM   673  C  C   A SER A 1 85  ? -6.583  7.290   -7.165  0.34 12.16 ? 85  SER A C   1 
ATOM   674  C  C   B SER A 1 85  ? -6.565  7.298   -7.185  0.66 12.28 ? 85  SER A C   1 
ATOM   675  O  O   A SER A 1 85  ? -6.303  6.287   -6.494  0.34 11.56 ? 85  SER A O   1 
ATOM   676  O  O   B SER A 1 85  ? -6.232  6.247   -6.597  0.66 10.95 ? 85  SER A O   1 
ATOM   677  C  CB  A SER A 1 85  ? -4.680  8.440   -8.223  0.34 11.60 ? 85  SER A CB  1 
ATOM   678  C  CB  B SER A 1 85  ? -4.660  8.662   -8.143  0.66 10.55 ? 85  SER A CB  1 
ATOM   679  O  OG  A SER A 1 85  ? -5.300  8.111   -9.470  0.34 12.75 ? 85  SER A OG  1 
ATOM   680  O  OG  B SER A 1 85  ? -3.606  7.706   -7.980  0.66 13.34 ? 85  SER A OG  1 
ATOM   681  N  N   . SER A 1 86  ? -7.574  7.296   -8.044  1.00 12.00 ? 86  SER A N   1 
ATOM   682  C  CA  . SER A 1 86  ? -8.249  6.057   -8.395  1.00 11.65 ? 86  SER A CA  1 
ATOM   683  C  C   . SER A 1 86  ? -7.407  5.035   -9.047  1.00 10.76 ? 86  SER A C   1 
ATOM   684  O  O   . SER A 1 86  ? -7.640  3.907   -8.803  1.00 14.39 ? 86  SER A O   1 
ATOM   685  C  CB  A SER A 1 86  ? -9.542  6.284   -9.177  0.52 13.94 ? 86  SER A CB  1 
ATOM   686  C  CB  B SER A 1 86  ? -9.386  6.372   -9.345  0.48 13.76 ? 86  SER A CB  1 
ATOM   687  O  OG  A SER A 1 86  ? -9.273  6.961   -10.357 0.52 15.72 ? 86  SER A OG  1 
ATOM   688  O  OG  B SER A 1 86  ? -10.348 7.053   -8.615  0.48 14.91 ? 86  SER A OG  1 
ATOM   689  N  N   . ASP A 1 87  ? -6.493  5.438   -9.846  1.00 10.40 ? 87  ASP A N   1 
ATOM   690  C  CA  . ASP A 1 87  ? -5.577  4.526   -10.480 1.00 12.06 ? 87  ASP A CA  1 
ATOM   691  C  C   . ASP A 1 87  ? -4.447  4.224   -9.472  1.00 9.98  ? 87  ASP A C   1 
ATOM   692  O  O   . ASP A 1 87  ? -3.810  5.188   -9.008  1.00 10.08 ? 87  ASP A O   1 
ATOM   693  C  CB  . ASP A 1 87  ? -5.020  5.196   -11.743 1.00 13.50 ? 87  ASP A CB  1 
ATOM   694  C  CG  . ASP A 1 87  ? -4.124  4.309   -12.492 1.00 17.28 ? 87  ASP A CG  1 
ATOM   695  O  OD1 . ASP A 1 87  ? -3.118  3.992   -11.966 1.00 14.70 ? 87  ASP A OD1 1 
ATOM   696  O  OD2 . ASP A 1 87  ? -4.434  3.936   -13.665 1.00 22.36 ? 87  ASP A OD2 1 
ATOM   697  N  N   . ILE A 1 88  ? -4.204  2.959   -9.210  1.00 9.42  ? 88  ILE A N   1 
ATOM   698  C  CA  . ILE A 1 88  ? -3.219  2.619   -8.146  1.00 8.84  ? 88  ILE A CA  1 
ATOM   699  C  C   . ILE A 1 88  ? -1.795  2.613   -8.614  1.00 8.85  ? 88  ILE A C   1 
ATOM   700  O  O   . ILE A 1 88  ? -0.897  2.228   -7.812  1.00 8.20  ? 88  ILE A O   1 
ATOM   701  C  CB  . ILE A 1 88  ? -3.558  1.324   -7.463  1.00 10.14 ? 88  ILE A CB  1 
ATOM   702  C  CG1 . ILE A 1 88  ? -3.425  0.126   -8.405  1.00 10.95 ? 88  ILE A CG1 1 
ATOM   703  C  CG2 . ILE A 1 88  ? -4.966  1.349   -6.890  1.00 11.29 ? 88  ILE A CG2 1 
ATOM   704  C  CD1 . ILE A 1 88  ? -3.579  -1.214  -7.711  1.00 11.55 ? 88  ILE A CD1 1 
ATOM   705  N  N   . THR A 1 89  ? -1.455  2.996   -9.821  1.00 8.59  ? 89  THR A N   1 
ATOM   706  C  CA  . THR A 1 89  ? -0.092  2.869   -10.331 1.00 10.28 ? 89  THR A CA  1 
ATOM   707  C  C   . THR A 1 89  ? 0.946   3.457   -9.396  1.00 8.92  ? 89  THR A C   1 
ATOM   708  O  O   . THR A 1 89  ? 1.961   2.822   -9.111  1.00 9.15  ? 89  THR A O   1 
ATOM   709  C  CB  . THR A 1 89  ? 0.082   3.500   -11.771 1.00 10.00 ? 89  THR A CB  1 
ATOM   710  O  OG1 . THR A 1 89  ? -0.850  2.804   -12.650 1.00 11.59 ? 89  THR A OG1 1 
ATOM   711  C  CG2 . THR A 1 89  ? 1.454   3.427   -12.273 1.00 12.49 ? 89  THR A CG2 1 
ATOM   712  N  N   . ALA A 1 90  ? 0.769   4.722   -9.010  1.00 8.87  ? 90  ALA A N   1 
ATOM   713  C  CA  . ALA A 1 90  ? 1.752   5.393   -8.188  1.00 8.45  ? 90  ALA A CA  1 
ATOM   714  C  C   . ALA A 1 90  ? 1.928   4.699   -6.819  1.00 8.33  ? 90  ALA A C   1 
ATOM   715  O  O   . ALA A 1 90  ? 3.061   4.489   -6.366  1.00 9.24  ? 90  ALA A O   1 
ATOM   716  C  CB  . ALA A 1 90  ? 1.394   6.853   -7.938  1.00 8.87  ? 90  ALA A CB  1 
ATOM   717  N  N   . SER A 1 91  ? 0.843   4.289   -6.204  1.00 8.32  ? 91  SER A N   1 
ATOM   718  C  CA  . SER A 1 91  ? 0.879   3.529   -4.966  1.00 7.73  ? 91  SER A CA  1 
ATOM   719  C  C   . SER A 1 91  ? 1.629   2.194   -5.101  1.00 7.82  ? 91  SER A C   1 
ATOM   720  O  O   . SER A 1 91  ? 2.431   1.822   -4.232  1.00 7.67  ? 91  SER A O   1 
ATOM   721  C  CB  . SER A 1 91  ? -0.443  3.257   -4.341  1.00 8.46  ? 91  SER A CB  1 
ATOM   722  O  OG  . SER A 1 91  ? -0.929  4.485   -3.702  1.00 8.00  ? 91  SER A OG  1 
ATOM   723  N  N   . VAL A 1 92  ? 1.443   1.497   -6.204  1.00 8.47  ? 92  VAL A N   1 
ATOM   724  C  CA  . VAL A 1 92  ? 2.101   0.222   -6.436  1.00 8.03  ? 92  VAL A CA  1 
ATOM   725  C  C   . VAL A 1 92  ? 3.559   0.476   -6.702  1.00 9.31  ? 92  VAL A C   1 
ATOM   726  O  O   . VAL A 1 92  ? 4.398   -0.252  -6.070  1.00 8.96  ? 92  VAL A O   1 
ATOM   727  C  CB  . VAL A 1 92  ? 1.424   -0.554  -7.636  1.00 9.60  ? 92  VAL A CB  1 
ATOM   728  C  CG1 . VAL A 1 92  ? 2.321   -1.701  -7.992  1.00 10.56 ? 92  VAL A CG1 1 
ATOM   729  C  CG2 . VAL A 1 92  ? 0.032   -0.978  -7.214  1.00 9.98  ? 92  VAL A CG2 1 
ATOM   730  N  N   . ASN A 1 93  ? 3.939   1.440   -7.478  1.00 9.59  ? 93  ASN A N   1 
ATOM   731  C  CA  . ASN A 1 93  ? 5.328   1.660   -7.728  1.00 11.00 ? 93  ASN A CA  1 
ATOM   732  C  C   . ASN A 1 93  ? 6.071   1.994   -6.489  1.00 10.19 ? 93  ASN A C   1 
ATOM   733  O  O   . ASN A 1 93  ? 7.214   1.560   -6.290  1.00 10.34 ? 93  ASN A O   1 
ATOM   734  C  CB  . ASN A 1 93  ? 5.527   2.703   -8.856  1.00 15.30 ? 93  ASN A CB  1 
ATOM   735  C  CG  . ASN A 1 93  ? 5.060   2.189   -10.227 1.00 19.22 ? 93  ASN A CG  1 
ATOM   736  O  OD1 . ASN A 1 93  ? 4.782   1.003   -10.362 1.00 22.87 ? 93  ASN A OD1 1 
ATOM   737  N  ND2 . ASN A 1 93  ? 4.826   3.086   -11.146 1.00 23.72 ? 93  ASN A ND2 1 
ATOM   738  N  N   . CYS A 1 94  ? 5.480   2.819   -5.670  1.00 8.55  ? 94  CYS A N   1 
ATOM   739  C  CA  . CYS A 1 94  ? 6.083   3.231   -4.389  1.00 8.11  ? 94  CYS A CA  1 
ATOM   740  C  C   . CYS A 1 94  ? 6.142   2.038   -3.398  1.00 7.41  ? 94  CYS A C   1 
ATOM   741  O  O   . CYS A 1 94  ? 7.186   1.796   -2.788  1.00 8.58  ? 94  CYS A O   1 
ATOM   742  C  CB  . CYS A 1 94  ? 5.335   4.425   -3.806  1.00 8.51  ? 94  CYS A CB  1 
ATOM   743  S  SG  . CYS A 1 94  ? 6.172   5.165   -2.430  1.00 9.04  ? 94  CYS A SG  1 
ATOM   744  N  N   . ALA A 1 95  ? 5.105   1.233   -3.370  1.00 7.58  ? 95  ALA A N   1 
ATOM   745  C  CA  . ALA A 1 95  ? 5.103   0.068   -2.491  1.00 7.10  ? 95  ALA A CA  1 
ATOM   746  C  C   . ALA A 1 95  ? 6.196   -0.926  -2.869  1.00 7.66  ? 95  ALA A C   1 
ATOM   747  O  O   . ALA A 1 95  ? 6.798   -1.519  -2.014  1.00 7.22  ? 95  ALA A O   1 
ATOM   748  C  CB  . ALA A 1 95  ? 3.776   -0.626  -2.533  1.00 8.77  ? 95  ALA A CB  1 
ATOM   749  N  N   . LYS A 1 96  ? 6.518   -1.016  -4.149  1.00 7.23  ? 96  LYS A N   1 
ATOM   750  C  CA  . LYS A 1 96  ? 7.633   -1.839  -4.549  1.00 8.03  ? 96  LYS A CA  1 
ATOM   751  C  C   . LYS A 1 96  ? 8.906   -1.360  -4.007  1.00 7.87  ? 96  LYS A C   1 
ATOM   752  O  O   . LYS A 1 96  ? 9.733   -2.200  -3.619  1.00 8.89  ? 96  LYS A O   1 
ATOM   753  C  CB  . LYS A 1 96  ? 7.684   -1.898  -6.141  1.00 8.24  ? 96  LYS A CB  1 
ATOM   754  C  CG  . LYS A 1 96  ? 6.573   -2.749  -6.733  1.00 9.67  ? 96  LYS A CG  1 
ATOM   755  C  CD  . LYS A 1 96  ? 6.665   -2.658  -8.291  1.00 10.89 ? 96  LYS A CD  1 
ATOM   756  C  CE  . LYS A 1 96  ? 5.602   -3.479  -8.930  1.00 11.58 ? 96  LYS A CE  1 
ATOM   757  N  NZ  . LYS A 1 96  ? 5.581   -3.374  -10.425 1.00 13.64 ? 96  LYS A NZ  1 
ATOM   758  N  N   . LYS A 1 97  ? 9.125   -0.034  -3.915  1.00 8.34  ? 97  LYS A N   1 
ATOM   759  C  CA  . LYS A 1 97  ? 10.311  0.453   -3.300  1.00 7.94  ? 97  LYS A CA  1 
ATOM   760  C  C   . LYS A 1 97  ? 10.327  0.146   -1.805  1.00 7.70  ? 97  LYS A C   1 
ATOM   761  O  O   . LYS A 1 97  ? 11.344  -0.229  -1.241  1.00 8.06  ? 97  LYS A O   1 
ATOM   762  C  CB  . LYS A 1 97  ? 10.452  1.899   -3.495  1.00 8.81  ? 97  LYS A CB  1 
ATOM   763  C  CG  . LYS A 1 97  ? 10.686  2.298   -4.858  1.00 12.21 ? 97  LYS A CG  1 
ATOM   764  C  CD  . LYS A 1 97  ? 11.002  3.814   -4.998  1.00 14.61 ? 97  LYS A CD  1 
ATOM   765  C  CE  . LYS A 1 97  ? 11.354  4.203   -6.464  1.00 17.52 ? 97  LYS A CE  1 
ATOM   766  N  NZ  . LYS A 1 97  ? 12.761  3.883   -6.648  1.00 22.84 ? 97  LYS A NZ  1 
ATOM   767  N  N   . ILE A 1 98  ? 9.225   0.347   -1.135  1.00 7.48  ? 98  ILE A N   1 
ATOM   768  C  CA  . ILE A 1 98  ? 9.112   0.174   0.294   1.00 7.33  ? 98  ILE A CA  1 
ATOM   769  C  C   . ILE A 1 98  ? 9.457   -1.271  0.635   1.00 7.03  ? 98  ILE A C   1 
ATOM   770  O  O   . ILE A 1 98  ? 10.236  -1.522  1.560   1.00 7.23  ? 98  ILE A O   1 
ATOM   771  C  CB  . ILE A 1 98  ? 7.744   0.597   0.845   1.00 7.51  ? 98  ILE A CB  1 
ATOM   772  C  CG1 . ILE A 1 98  ? 7.430   2.079   0.548   1.00 8.33  ? 98  ILE A CG1 1 
ATOM   773  C  CG2 . ILE A 1 98  ? 7.631   0.262   2.322   1.00 8.69  ? 98  ILE A CG2 1 
ATOM   774  C  CD1 . ILE A 1 98  ? 6.048   2.491   0.873   1.00 8.44  ? 98  ILE A CD1 1 
ATOM   775  N  N   . VAL A 1 99  ? 8.820   -2.222  -0.029  1.00 6.70  ? 99  VAL A N   1 
ATOM   776  C  CA  . VAL A 1 99  ? 8.996   -3.643  0.269   1.00 6.89  ? 99  VAL A CA  1 
ATOM   777  C  C   . VAL A 1 99  ? 10.354  -4.138  -0.077  1.00 7.96  ? 99  VAL A C   1 
ATOM   778  O  O   . VAL A 1 99  ? 10.748  -5.244  0.405   1.00 8.02  ? 99  VAL A O   1 
ATOM   779  C  CB  . VAL A 1 99  ? 7.876   -4.482  -0.349  1.00 6.97  ? 99  VAL A CB  1 
ATOM   780  C  CG1 . VAL A 1 99  ? 8.077   -4.661  -1.820  1.00 7.42  ? 99  VAL A CG1 1 
ATOM   781  C  CG2 . VAL A 1 99  ? 7.750   -5.771  0.410   1.00 7.02  ? 99  VAL A CG2 1 
ATOM   782  N  N   . SER A 1 100 ? 11.124  -3.380  -0.835  1.00 8.18  ? 100 SER A N   1 
ATOM   783  C  CA  . SER A 1 100 ? 12.496  -3.691  -1.198  1.00 9.61  ? 100 SER A CA  1 
ATOM   784  C  C   . SER A 1 100 ? 13.457  -3.048  -0.230  1.00 10.51 ? 100 SER A C   1 
ATOM   785  O  O   . SER A 1 100 ? 14.670  -3.216  -0.425  1.00 13.80 ? 100 SER A O   1 
ATOM   786  C  CB  . SER A 1 100 ? 12.775  -3.190  -2.656  1.00 10.24 ? 100 SER A CB  1 
ATOM   787  O  OG  . SER A 1 100 ? 11.906  -3.867  -3.516  1.00 10.65 ? 100 SER A OG  1 
ATOM   788  N  N   . ASP A 1 101 ? 13.044  -2.365  0.802   1.00 10.65 ? 101 ASP A N   1 
ATOM   789  C  CA  . ASP A 1 101 ? 13.955  -1.516  1.604   1.00 10.87 ? 101 ASP A CA  1 
ATOM   790  C  C   . ASP A 1 101 ? 14.725  -2.273  2.688   1.00 11.31 ? 101 ASP A C   1 
ATOM   791  O  O   . ASP A 1 101 ? 15.554  -1.657  3.325   1.00 10.96 ? 101 ASP A O   1 
ATOM   792  C  CB  . ASP A 1 101 ? 13.232  -0.290  2.176   1.00 12.14 ? 101 ASP A CB  1 
ATOM   793  C  CG  . ASP A 1 101 ? 12.395  -0.543  3.422   1.00 15.45 ? 101 ASP A CG  1 
ATOM   794  O  OD1 . ASP A 1 101 ? 12.382  -1.701  4.008   1.00 19.48 ? 101 ASP A OD1 1 
ATOM   795  O  OD2 . ASP A 1 101 ? 11.621  0.363   3.886   1.00 16.88 ? 101 ASP A OD2 1 
ATOM   796  N  N   . GLY A 1 102 ? 14.404  -3.572  2.874   1.00 10.50 ? 102 GLY A N   1 
ATOM   797  C  CA  . GLY A 1 102 ? 15.083  -4.458  3.874   1.00 10.88 ? 102 GLY A CA  1 
ATOM   798  C  C   . GLY A 1 102 ? 14.138  -5.148  4.788   1.00 10.66 ? 102 GLY A C   1 
ATOM   799  O  O   . GLY A 1 102 ? 14.483  -6.210  5.302   1.00 11.71 ? 102 GLY A O   1 
ATOM   800  N  N   . ASN A 1 103 ? 12.992  -4.562  5.113   1.00 9.50  ? 103 ASN A N   1 
ATOM   801  C  CA  . ASN A 1 103 ? 12.032  -5.058  6.062   1.00 10.46 ? 103 ASN A CA  1 
ATOM   802  C  C   . ASN A 1 103 ? 10.933  -5.846  5.453   1.00 8.69  ? 103 ASN A C   1 
ATOM   803  O  O   . ASN A 1 103 ? 10.053  -6.328  6.158   1.00 7.73  ? 103 ASN A O   1 
ATOM   804  C  CB  . ASN A 1 103 ? 11.351  -3.846  6.801   1.00 15.36 ? 103 ASN A CB  1 
ATOM   805  C  CG  . ASN A 1 103 ? 12.323  -3.154  7.707   1.00 21.06 ? 103 ASN A CG  1 
ATOM   806  O  OD1 . ASN A 1 103 ? 13.065  -3.841  8.374   1.00 20.44 ? 103 ASN A OD1 1 
ATOM   807  N  ND2 . ASN A 1 103 ? 12.425  -1.821  7.651   1.00 23.57 ? 103 ASN A ND2 1 
ATOM   808  N  N   . GLY A 1 104 ? 10.919  -6.020  4.143   1.00 7.15  ? 104 GLY A N   1 
ATOM   809  C  CA  . GLY A 1 104 ? 9.824   -6.652  3.517   1.00 7.17  ? 104 GLY A CA  1 
ATOM   810  C  C   . GLY A 1 104 ? 8.501   -5.995  3.834   1.00 6.63  ? 104 GLY A C   1 
ATOM   811  O  O   . GLY A 1 104 ? 8.411   -4.773  4.016   1.00 7.28  ? 104 GLY A O   1 
ATOM   812  N  N   . MET A 1 105 ? 7.474   -6.788  4.026   1.00 5.74  ? 105 MET A N   1 
ATOM   813  C  CA  . MET A 1 105 ? 6.130   -6.195  4.337   1.00 5.73  ? 105 MET A CA  1 
ATOM   814  C  C   . MET A 1 105 ? 5.995   -5.823  5.781   1.00 5.92  ? 105 MET A C   1 
ATOM   815  O  O   . MET A 1 105 ? 4.944   -5.209  6.084   1.00 5.95  ? 105 MET A O   1 
ATOM   816  C  CB  . MET A 1 105 ? 5.008   -7.096  3.853   1.00 6.53  ? 105 MET A CB  1 
ATOM   817  C  CG  . MET A 1 105 ? 4.866   -7.118  2.344   1.00 6.20  ? 105 MET A CG  1 
ATOM   818  S  SD  . MET A 1 105 ? 3.287   -7.814  1.754   1.00 7.31  ? 105 MET A SD  1 
ATOM   819  C  CE  . MET A 1 105 ? 2.197   -6.465  2.109   1.00 6.57  ? 105 MET A CE  1 
ATOM   820  N  N   . ASN A 1 106 ? 6.974   -6.047  6.637   1.00 6.73  ? 106 ASN A N   1 
ATOM   821  C  CA  . ASN A 1 106 ? 6.926   -5.561  7.990   1.00 6.41  ? 106 ASN A CA  1 
ATOM   822  C  C   . ASN A 1 106 ? 6.917   -4.010  7.983   1.00 7.10  ? 106 ASN A C   1 
ATOM   823  O  O   . ASN A 1 106 ? 6.564   -3.430  9.007   1.00 8.62  ? 106 ASN A O   1 
ATOM   824  C  CB  . ASN A 1 106 ? 8.079   -6.063  8.796   1.00 6.80  ? 106 ASN A CB  1 
ATOM   825  C  CG  . ASN A 1 106 ? 8.024   -7.560  9.002   1.00 7.10  ? 106 ASN A CG  1 
ATOM   826  O  OD1 . ASN A 1 106 ? 7.114   -8.129  9.666   1.00 7.97  ? 106 ASN A OD1 1 
ATOM   827  N  ND2 . ASN A 1 106 ? 8.947   -8.271  8.320   1.00 8.07  ? 106 ASN A ND2 1 
ATOM   828  N  N   . ALA A 1 107 ? 7.236   -3.358  6.890   1.00 8.31  ? 107 ALA A N   1 
ATOM   829  C  CA  . ALA A 1 107 ? 7.117   -1.893  6.793   1.00 9.31  ? 107 ALA A CA  1 
ATOM   830  C  C   . ALA A 1 107 ? 5.675   -1.461  7.060   1.00 8.96  ? 107 ALA A C   1 
ATOM   831  O  O   . ALA A 1 107 ? 5.389   -0.336  7.510   1.00 10.47 ? 107 ALA A O   1 
ATOM   832  C  CB  . ALA A 1 107 ? 7.574   -1.472  5.432   1.00 10.15 ? 107 ALA A CB  1 
ATOM   833  N  N   . TRP A 1 108 ? 4.696   -2.310  6.804   1.00 7.43  ? 108 TRP A N   1 
ATOM   834  C  CA  . TRP A 1 108 ? 3.281   -2.051  7.071   1.00 7.35  ? 108 TRP A CA  1 
ATOM   835  C  C   . TRP A 1 108 ? 2.973   -2.702  8.390   1.00 7.02  ? 108 TRP A C   1 
ATOM   836  O  O   . TRP A 1 108 ? 2.778   -3.918  8.482   1.00 7.12  ? 108 TRP A O   1 
ATOM   837  C  CB  . TRP A 1 108 ? 2.417   -2.546  5.920   1.00 7.20  ? 108 TRP A CB  1 
ATOM   838  C  CG  . TRP A 1 108 ? 2.544   -1.780  4.679   1.00 7.52  ? 108 TRP A CG  1 
ATOM   839  C  CD1 . TRP A 1 108 ? 1.849   -0.622  4.386   1.00 7.74  ? 108 TRP A CD1 1 
ATOM   840  C  CD2 . TRP A 1 108 ? 3.421   -1.996  3.576   1.00 7.16  ? 108 TRP A CD2 1 
ATOM   841  N  NE1 . TRP A 1 108 ? 2.252   -0.172  3.160   1.00 7.99  ? 108 TRP A NE1 1 
ATOM   842  C  CE2 . TRP A 1 108 ? 3.223   -0.976  2.620   1.00 7.43  ? 108 TRP A CE2 1 
ATOM   843  C  CE3 . TRP A 1 108 ? 4.322   -3.016  3.258   1.00 7.65  ? 108 TRP A CE3 1 
ATOM   844  C  CZ2 . TRP A 1 108 ? 3.866   -0.929  1.395   1.00 7.61  ? 108 TRP A CZ2 1 
ATOM   845  C  CZ3 . TRP A 1 108 ? 5.031   -2.951  2.060   1.00 7.66  ? 108 TRP A CZ3 1 
ATOM   846  C  CH2 . TRP A 1 108 ? 4.801   -1.897  1.142   1.00 7.64  ? 108 TRP A CH2 1 
ATOM   847  N  N   . VAL A 1 109 ? 2.831   -1.950  9.441   1.00 8.90  ? 109 VAL A N   1 
ATOM   848  C  CA  . VAL A 1 109 ? 2.558   -2.463  10.772  1.00 10.13 ? 109 VAL A CA  1 
ATOM   849  C  C   . VAL A 1 109 ? 1.234   -3.296  10.798  1.00 8.53  ? 109 VAL A C   1 
ATOM   850  O  O   . VAL A 1 109 ? 1.190   -4.304  11.382  1.00 9.10  ? 109 VAL A O   1 
ATOM   851  C  CB  . VAL A 1 109 ? 2.536   -1.315  11.851  1.00 12.04 ? 109 VAL A CB  1 
ATOM   852  C  CG1 . VAL A 1 109 ? 1.954   -1.793  13.171  1.00 12.74 ? 109 VAL A CG1 1 
ATOM   853  C  CG2 . VAL A 1 109 ? 3.929   -0.755  12.028  1.00 16.09 ? 109 VAL A CG2 1 
ATOM   854  N  N   . ALA A 1 110 ? 0.226   -2.856  10.060  1.00 8.54  ? 110 ALA A N   1 
ATOM   855  C  CA  . ALA A 1 110 ? -1.034  -3.568  10.011  1.00 8.60  ? 110 ALA A CA  1 
ATOM   856  C  C   . ALA A 1 110 ? -0.809  -4.933  9.305   1.00 7.24  ? 110 ALA A C   1 
ATOM   857  O  O   . ALA A 1 110 ? -1.507  -5.889  9.648   1.00 6.61  ? 110 ALA A O   1 
ATOM   858  C  CB  . ALA A 1 110 ? -2.144  -2.821  9.394   1.00 9.87  ? 110 ALA A CB  1 
ATOM   859  N  N   . TRP A 1 111 ? 0.051   -5.013  8.281   1.00 5.72  ? 111 TRP A N   1 
ATOM   860  C  CA  . TRP A 1 111 ? 0.380   -6.330  7.747   1.00 5.77  ? 111 TRP A CA  1 
ATOM   861  C  C   . TRP A 1 111 ? 1.007   -7.245  8.761   1.00 5.67  ? 111 TRP A C   1 
ATOM   862  O  O   . TRP A 1 111 ? 0.587   -8.401  8.933   1.00 5.94  ? 111 TRP A O   1 
ATOM   863  C  CB  . TRP A 1 111 ? 1.230   -6.177  6.498   1.00 6.27  ? 111 TRP A CB  1 
ATOM   864  C  CG  . TRP A 1 111 ? 1.597   -7.502  5.953   1.00 6.09  ? 111 TRP A CG  1 
ATOM   865  C  CD1 . TRP A 1 111 ? 0.904   -8.251  5.048   1.00 6.31  ? 111 TRP A CD1 1 
ATOM   866  C  CD2 . TRP A 1 111 ? 2.774   -8.296  6.298   1.00 6.08  ? 111 TRP A CD2 1 
ATOM   867  N  NE1 . TRP A 1 111 ? 1.574   -9.460  4.820   1.00 5.74  ? 111 TRP A NE1 1 
ATOM   868  C  CE2 . TRP A 1 111 ? 2.690   -9.493  5.595   1.00 5.54  ? 111 TRP A CE2 1 
ATOM   869  C  CE3 . TRP A 1 111 ? 3.886   -8.112  7.111   1.00 5.80  ? 111 TRP A CE3 1 
ATOM   870  C  CZ2 . TRP A 1 111 ? 3.698   -10.522 5.665   1.00 6.08  ? 111 TRP A CZ2 1 
ATOM   871  C  CZ3 . TRP A 1 111 ? 4.817   -9.041  7.177   1.00 6.01  ? 111 TRP A CZ3 1 
ATOM   872  C  CH2 . TRP A 1 111 ? 4.726   -10.264 6.455   1.00 6.74  ? 111 TRP A CH2 1 
ATOM   873  N  N   . ARG A 1 112 ? 1.985   -6.750  9.484   1.00 6.27  ? 112 ARG A N   1 
ATOM   874  C  CA  . ARG A 1 112 ? 2.619   -7.582  10.492  1.00 6.92  ? 112 ARG A CA  1 
ATOM   875  C  C   . ARG A 1 112 ? 1.628   -8.036  11.539  1.00 5.48  ? 112 ARG A C   1 
ATOM   876  O  O   . ARG A 1 112 ? 1.609   -9.183  11.911  1.00 7.39  ? 112 ARG A O   1 
ATOM   877  C  CB  . ARG A 1 112 ? 3.805   -6.854  11.153  1.00 7.74  ? 112 ARG A CB  1 
ATOM   878  C  CG  . ARG A 1 112 ? 4.468   -7.589  12.260  1.00 10.53 ? 112 ARG A CG  1 
ATOM   879  C  CD  . ARG A 1 112 ? 5.772   -6.877  12.679  1.00 12.79 ? 112 ARG A CD  1 
ATOM   880  N  NE  . ARG A 1 112 ? 5.605   -5.509  13.158  1.00 15.14 ? 112 ARG A NE  1 
ATOM   881  C  CZ  . ARG A 1 112 ? 5.002   -5.066  14.280  1.00 15.56 ? 112 ARG A CZ  1 
ATOM   882  N  NH1 . ARG A 1 112 ? 4.449   -5.955  15.133  1.00 16.96 ? 112 ARG A NH1 1 
ATOM   883  N  NH2 . ARG A 1 112 ? 5.002   -3.757  14.545  1.00 15.18 ? 112 ARG A NH2 1 
ATOM   884  N  N   . ASN A 1 113 ? 0.768   -7.127  11.967  1.00 5.95  ? 113 ASN A N   1 
ATOM   885  C  CA  . ASN A 1 113 ? -0.133  -7.458  13.076  1.00 6.22  ? 113 ASN A CA  1 
ATOM   886  C  C   . ASN A 1 113 ? -1.405  -8.197  12.666  1.00 6.14  ? 113 ASN A C   1 
ATOM   887  O  O   . ASN A 1 113 ? -2.016  -8.837  13.526  1.00 7.31  ? 113 ASN A O   1 
ATOM   888  C  CB  . ASN A 1 113 ? -0.490  -6.186  13.857  1.00 7.24  ? 113 ASN A CB  1 
ATOM   889  C  CG  . ASN A 1 113 ? 0.628   -5.687  14.713  1.00 7.87  ? 113 ASN A CG  1 
ATOM   890  O  OD1 . ASN A 1 113 ? 1.444   -6.494  15.138  1.00 10.12 ? 113 ASN A OD1 1 
ATOM   891  N  ND2 . ASN A 1 113 ? 0.745   -4.400  14.845  1.00 7.57  ? 113 ASN A ND2 1 
ATOM   892  N  N   . ARG A 1 114 ? -1.840  -8.097  11.413  1.00 6.55  ? 114 ARG A N   1 
ATOM   893  C  CA  . ARG A 1 114 ? -3.105  -8.601  11.024  1.00 6.44  ? 114 ARG A CA  1 
ATOM   894  C  C   . ARG A 1 114 ? -3.106  -9.499  9.825   1.00 6.40  ? 114 ARG A C   1 
ATOM   895  O  O   . ARG A 1 114 ? -4.110  -10.120 9.525   1.00 8.53  ? 114 ARG A O   1 
ATOM   896  C  CB  . ARG A 1 114 ? -4.077  -7.468  10.794  1.00 6.40  ? 114 ARG A CB  1 
ATOM   897  C  CG  . ARG A 1 114 ? -4.193  -6.515  11.999  1.00 7.21  ? 114 ARG A CG  1 
ATOM   898  C  CD  . ARG A 1 114 ? -5.049  -5.311  11.821  1.00 7.82  ? 114 ARG A CD  1 
ATOM   899  N  NE  . ARG A 1 114 ? -6.461  -5.685  11.833  1.00 7.65  ? 114 ARG A NE  1 
ATOM   900  C  CZ  . ARG A 1 114 ? -7.429  -4.813  11.709  1.00 8.57  ? 114 ARG A CZ  1 
ATOM   901  N  NH1 . ARG A 1 114 ? -7.172  -3.512  11.622  1.00 8.09  ? 114 ARG A NH1 1 
ATOM   902  N  NH2 . ARG A 1 114 ? -8.664  -5.182  11.834  1.00 8.80  ? 114 ARG A NH2 1 
ATOM   903  N  N   . CYS A 1 115 ? -2.005  -9.660  9.146   1.00 6.00  ? 115 CYS A N   1 
ATOM   904  C  CA  . CYS A 1 115 ? -1.897  -10.501 7.930   1.00 6.78  ? 115 CYS A CA  1 
ATOM   905  C  C   . CYS A 1 115 ? -0.779  -11.518 8.027   1.00 5.89  ? 115 CYS A C   1 
ATOM   906  O  O   . CYS A 1 115 ? -1.038  -12.695 7.690   1.00 7.14  ? 115 CYS A O   1 
ATOM   907  C  CB  . CYS A 1 115 ? -1.624  -9.612  6.707   1.00 6.04  ? 115 CYS A CB  1 
ATOM   908  S  SG  . CYS A 1 115 ? -2.857  -8.328  6.427   1.00 6.94  ? 115 CYS A SG  1 
ATOM   909  N  N   . LYS A 1 116 ? 0.405   -11.182 8.472   1.00 6.10  ? 116 LYS A N   1 
ATOM   910  C  CA  . LYS A 1 116 ? 1.550   -12.073 8.646   1.00 7.24  ? 116 LYS A CA  1 
ATOM   911  C  C   . LYS A 1 116 ? 1.121   -13.298 9.419   1.00 8.21  ? 116 LYS A C   1 
ATOM   912  O  O   . LYS A 1 116 ? 0.578   -13.229 10.454  1.00 8.23  ? 116 LYS A O   1 
ATOM   913  C  CB  . LYS A 1 116 ? 2.647   -11.299 9.333   1.00 6.95  ? 116 LYS A CB  1 
ATOM   914  C  CG  . LYS A 1 116 ? 3.997   -12.054 9.467   1.00 6.32  ? 116 LYS A CG  1 
ATOM   915  C  CD  . LYS A 1 116 ? 4.988   -11.197 10.211  1.00 7.18  ? 116 LYS A CD  1 
ATOM   916  C  CE  . LYS A 1 116 ? 6.391   -11.740 10.100  1.00 6.81  ? 116 LYS A CE  1 
ATOM   917  N  NZ  . LYS A 1 116 ? 7.346   -10.853 10.785  1.00 7.29  ? 116 LYS A NZ  1 
ATOM   918  N  N   . GLY A 1 117 ? 1.366   -14.463 8.824   1.00 10.31 ? 117 GLY A N   1 
ATOM   919  C  CA  . GLY A 1 117 ? 1.121   -15.739 9.449   1.00 11.83 ? 117 GLY A CA  1 
ATOM   920  C  C   . GLY A 1 117 ? -0.319  -16.109 9.505   1.00 13.17 ? 117 GLY A C   1 
ATOM   921  O  O   . GLY A 1 117 ? -0.711  -17.056 10.318  1.00 19.65 ? 117 GLY A O   1 
ATOM   922  N  N   . THR A 1 118 ? -1.178  -15.463 8.725   1.00 10.22 ? 118 THR A N   1 
ATOM   923  C  CA  . THR A 1 118 ? -2.561  -15.854 8.621   1.00 9.54  ? 118 THR A CA  1 
ATOM   924  C  C   . THR A 1 118 ? -2.807  -16.446 7.252   1.00 10.91 ? 118 THR A C   1 
ATOM   925  O  O   . THR A 1 118 ? -1.954  -16.486 6.377   1.00 10.12 ? 118 THR A O   1 
ATOM   926  C  CB  . THR A 1 118 ? -3.513  -14.628 8.858   1.00 10.12 ? 118 THR A CB  1 
ATOM   927  O  OG1 . THR A 1 118 ? -3.452  -13.782 7.690   1.00 9.53  ? 118 THR A OG1 1 
ATOM   928  C  CG2 . THR A 1 118 ? -3.174  -13.824 10.115  1.00 10.82 ? 118 THR A CG2 1 
ATOM   929  N  N   . ASP A 1 119 ? -4.010  -16.987 7.072   1.00 11.24 ? 119 ASP A N   1 
ATOM   930  C  CA  . ASP A 1 119 ? -4.492  -17.427 5.733   1.00 13.97 ? 119 ASP A CA  1 
ATOM   931  C  C   . ASP A 1 119 ? -4.665  -16.301 4.773   1.00 16.07 ? 119 ASP A C   1 
ATOM   932  O  O   . ASP A 1 119 ? -5.822  -15.908 4.511   1.00 18.40 ? 119 ASP A O   1 
ATOM   933  C  CB  . ASP A 1 119 ? -5.932  -18.048 5.861   1.00 15.92 ? 119 ASP A CB  1 
ATOM   934  C  CG  . ASP A 1 119 ? -6.418  -18.585 4.560   1.00 17.55 ? 119 ASP A CG  1 
ATOM   935  O  OD1 . ASP A 1 119 ? -5.748  -18.397 3.517   1.00 19.07 ? 119 ASP A OD1 1 
ATOM   936  O  OD2 . ASP A 1 119 ? -7.517  -19.240 4.575   1.00 21.42 ? 119 ASP A OD2 1 
ATOM   937  N  N   . VAL A 1 120 ? -3.602  -15.716 4.232   1.00 11.88 ? 120 VAL A N   1 
ATOM   938  C  CA  . VAL A 1 120 ? -3.738  -14.578 3.389   1.00 10.96 ? 120 VAL A CA  1 
ATOM   939  C  C   . VAL A 1 120 ? -4.351  -14.887 2.038   1.00 9.82  ? 120 VAL A C   1 
ATOM   940  O  O   . VAL A 1 120 ? -4.912  -14.068 1.378   1.00 9.83  ? 120 VAL A O   1 
ATOM   941  C  CB  . VAL A 1 120 ? -2.418  -13.755 3.196   1.00 10.27 ? 120 VAL A CB  1 
ATOM   942  C  CG1 . VAL A 1 120 ? -1.928  -13.168 4.506   1.00 11.06 ? 120 VAL A CG1 1 
ATOM   943  C  CG2 . VAL A 1 120 ? -1.348  -14.672 2.557   1.00 10.55 ? 120 VAL A CG2 1 
ATOM   944  N  N   . GLN A 1 121 ? -4.261  -16.137 1.628   1.00 10.39 ? 121 GLN A N   1 
ATOM   945  C  CA  . GLN A 1 121 ? -4.894  -16.565 0.407   1.00 10.54 ? 121 GLN A CA  1 
ATOM   946  C  C   . GLN A 1 121 ? -6.411  -16.417 0.385   1.00 11.13 ? 121 GLN A C   1 
ATOM   947  O  O   . GLN A 1 121 ? -7.052  -16.208 -0.662  1.00 10.37 ? 121 GLN A O   1 
ATOM   948  C  CB  . GLN A 1 121 ? -4.466  -18.027 0.029   1.00 12.04 ? 121 GLN A CB  1 
ATOM   949  C  CG  . GLN A 1 121 ? -4.873  -18.458 -1.403  1.00 15.39 ? 121 GLN A CG  1 
ATOM   950  C  CD  . GLN A 1 121 ? -6.269  -18.965 -1.638  1.00 16.70 ? 121 GLN A CD  1 
ATOM   951  O  OE1 . GLN A 1 121 ? -6.951  -19.410 -0.703  1.00 18.75 ? 121 GLN A OE1 1 
ATOM   952  N  NE2 . GLN A 1 121 ? -6.745  -18.803 -2.897  1.00 18.10 ? 121 GLN A NE2 1 
ATOM   953  N  N   . ALA A 1 122 ? -6.992  -16.420 1.547   1.00 9.57  ? 122 ALA A N   1 
ATOM   954  C  CA  . ALA A 1 122 ? -8.396  -16.126 1.675   1.00 10.13 ? 122 ALA A CA  1 
ATOM   955  C  C   . ALA A 1 122 ? -8.762  -14.825 1.019   1.00 9.67  ? 122 ALA A C   1 
ATOM   956  O  O   . ALA A 1 122 ? -9.861  -14.706 0.461   1.00 9.96  ? 122 ALA A O   1 
ATOM   957  C  CB  . ALA A 1 122 ? -8.883  -16.069 3.097   1.00 11.36 ? 122 ALA A CB  1 
ATOM   958  N  N   . TRP A 1 123 ? -7.887  -13.826 1.070   1.00 10.18 ? 123 TRP A N   1 
ATOM   959  C  CA  . TRP A 1 123 ? -8.241  -12.534 0.454   1.00 9.32  ? 123 TRP A CA  1 
ATOM   960  C  C   . TRP A 1 123 ? -8.403  -12.527 -1.032  1.00 10.32 ? 123 TRP A C   1 
ATOM   961  O  O   . TRP A 1 123 ? -8.982  -11.585 -1.609  1.00 10.97 ? 123 TRP A O   1 
ATOM   962  C  CB  . TRP A 1 123 ? -7.167  -11.527 0.918   1.00 9.98  ? 123 TRP A CB  1 
ATOM   963  C  CG  . TRP A 1 123 ? -7.199  -11.276 2.411   1.00 9.76  ? 123 TRP A CG  1 
ATOM   964  C  CD1 . TRP A 1 123 ? -6.446  -11.875 3.331   1.00 10.06 ? 123 TRP A CD1 1 
ATOM   965  C  CD2 . TRP A 1 123 ? -8.051  -10.394 3.104   1.00 11.58 ? 123 TRP A CD2 1 
ATOM   966  N  NE1 . TRP A 1 123 ? -6.778  -11.481 4.561   1.00 10.08 ? 123 TRP A NE1 1 
ATOM   967  C  CE2 . TRP A 1 123 ? -7.750  -10.533 4.457   1.00 10.75 ? 123 TRP A CE2 1 
ATOM   968  C  CE3 . TRP A 1 123 ? -9.047  -9.507  2.709   1.00 12.47 ? 123 TRP A CE3 1 
ATOM   969  C  CZ2 . TRP A 1 123 ? -8.391  -9.785  5.462   1.00 13.20 ? 123 TRP A CZ2 1 
ATOM   970  C  CZ3 . TRP A 1 123 ? -9.694  -8.758  3.720   1.00 14.83 ? 123 TRP A CZ3 1 
ATOM   971  C  CH2 . TRP A 1 123 ? -9.312  -8.865  5.092   1.00 14.98 ? 123 TRP A CH2 1 
ATOM   972  N  N   . ILE A 1 124 ? -7.847  -13.528 -1.696  1.00 10.42 ? 124 ILE A N   1 
ATOM   973  C  CA  . ILE A 1 124 ? -7.998  -13.626 -3.125  1.00 11.56 ? 124 ILE A CA  1 
ATOM   974  C  C   . ILE A 1 124 ? -8.891  -14.814 -3.533  1.00 11.77 ? 124 ILE A C   1 
ATOM   975  O  O   . ILE A 1 124 ? -9.060  -15.042 -4.712  1.00 11.97 ? 124 ILE A O   1 
ATOM   976  C  CB  . ILE A 1 124 ? -6.647  -13.609 -3.868  1.00 12.60 ? 124 ILE A CB  1 
ATOM   977  C  CG1 . ILE A 1 124 ? -5.775  -14.837 -3.553  1.00 13.48 ? 124 ILE A CG1 1 
ATOM   978  C  CG2 . ILE A 1 124 ? -5.855  -12.336 -3.599  1.00 12.97 ? 124 ILE A CG2 1 
ATOM   979  C  CD1 . ILE A 1 124 ? -4.480  -14.911 -4.386  1.00 16.30 ? 124 ILE A CD1 1 
ATOM   980  N  N   . ARG A 1 125 ? -9.414  -15.516 -2.537  1.00 10.58 ? 125 ARG A N   1 
ATOM   981  C  CA  . ARG A 1 125 ? -10.177 -16.730 -2.805  1.00 13.09 ? 125 ARG A CA  1 
ATOM   982  C  C   . ARG A 1 125 ? -11.403 -16.374 -3.539  1.00 11.39 ? 125 ARG A C   1 
ATOM   983  O  O   . ARG A 1 125 ? -12.101 -15.479 -3.228  1.00 13.43 ? 125 ARG A O   1 
ATOM   984  C  CB  . ARG A 1 125 ? -10.437 -17.417 -1.443  1.00 13.19 ? 125 ARG A CB  1 
ATOM   985  C  CG  . ARG A 1 125 ? -10.967 -18.850 -1.527  1.00 13.37 ? 125 ARG A CG  1 
ATOM   986  C  CD  . ARG A 1 125 ? -10.916 -19.516 -0.195  1.00 16.20 ? 125 ARG A CD  1 
ATOM   987  N  NE  . ARG A 1 125 ? -9.567  -19.598 0.336   1.00 16.89 ? 125 ARG A NE  1 
ATOM   988  C  CZ  . ARG A 1 125 ? -9.276  -19.708 1.644   1.00 20.39 ? 125 ARG A CZ  1 
ATOM   989  N  NH1 . ARG A 1 125 ? -10.192 -19.839 2.605   1.00 23.42 ? 125 ARG A NH1 1 
ATOM   990  N  NH2 . ARG A 1 125 ? -8.027  -19.734 1.976   1.00 19.17 ? 125 ARG A NH2 1 
ATOM   991  N  N   . GLY A 1 126 ? -11.746 -17.244 -4.503  1.00 15.49 ? 126 GLY A N   1 
ATOM   992  C  CA  . GLY A 1 126 ? -12.909 -16.963 -5.334  1.00 17.84 ? 126 GLY A CA  1 
ATOM   993  C  C   . GLY A 1 126 ? -12.714 -15.999 -6.483  1.00 16.83 ? 126 GLY A C   1 
ATOM   994  O  O   . GLY A 1 126 ? -13.524 -15.946 -7.422  1.00 19.41 ? 126 GLY A O   1 
ATOM   995  N  N   . CYS A 1 127 ? -11.627 -15.231 -6.496  1.00 12.78 ? 127 CYS A N   1 
ATOM   996  C  CA  . CYS A 1 127 ? -11.471 -14.252 -7.470  1.00 12.11 ? 127 CYS A CA  1 
ATOM   997  C  C   . CYS A 1 127 ? -10.974 -14.826 -8.846  1.00 14.73 ? 127 CYS A C   1 
ATOM   998  O  O   . CYS A 1 127 ? -10.051 -15.593 -8.893  1.00 13.15 ? 127 CYS A O   1 
ATOM   999  C  CB  . CYS A 1 127 ? -10.421 -13.245 -7.015  1.00 11.75 ? 127 CYS A CB  1 
ATOM   1000 S  SG  . CYS A 1 127 ? -10.719 -12.365 -5.450  1.00 13.27 ? 127 CYS A SG  1 
ATOM   1001 N  N   . ARG A 1 128 ? -11.506 -14.201 -9.890  1.00 15.12 ? 128 ARG A N   1 
ATOM   1002 C  CA  . ARG A 1 128 ? -11.112 -14.575 -11.237 1.00 15.28 ? 128 ARG A CA  1 
ATOM   1003 C  C   . ARG A 1 128 ? -9.876  -13.739 -11.437 1.00 16.86 ? 128 ARG A C   1 
ATOM   1004 O  O   . ARG A 1 128 ? -9.963  -12.505 -11.469 1.00 20.39 ? 128 ARG A O   1 
ATOM   1005 C  CB  . ARG A 1 128 ? -12.187 -14.305 -12.286 1.00 13.69 ? 128 ARG A CB  1 
ATOM   1006 C  CG  . ARG A 1 128 ? -11.986 -14.889 -13.663 1.00 15.50 ? 128 ARG A CG  1 
ATOM   1007 C  CD  . ARG A 1 128 ? -13.156 -14.472 -14.529 1.00 15.57 ? 128 ARG A CD  1 
ATOM   1008 N  NE  . ARG A 1 128 ? -13.107 -15.152 -15.826 1.00 17.38 ? 128 ARG A NE  1 
ATOM   1009 C  CZ  . ARG A 1 128 ? -13.468 -16.408 -16.048 1.00 16.44 ? 128 ARG A CZ  1 
ATOM   1010 N  NH1 . ARG A 1 128 ? -13.927 -17.251 -15.129 1.00 16.15 ? 128 ARG A NH1 1 
ATOM   1011 N  NH2 . ARG A 1 128 ? -13.404 -16.868 -17.310 1.00 16.87 ? 128 ARG A NH2 1 
ATOM   1012 N  N   . LEU A 1 129 ? -8.737  -14.363 -11.477 1.00 21.10 ? 129 LEU A N   1 
ATOM   1013 C  CA  . LEU A 1 129 ? -7.492  -13.626 -11.533 1.00 22.41 ? 129 LEU A CA  1 
ATOM   1014 C  C   . LEU A 1 129 ? -6.583  -14.210 -12.549 1.00 29.11 ? 129 LEU A C   1 
ATOM   1015 O  O   . LEU A 1 129 ? -5.822  -13.443 -13.192 1.00 27.00 ? 129 LEU A O   1 
ATOM   1016 C  CB  . LEU A 1 129 ? -6.790  -13.699 -10.163 1.00 23.86 ? 129 LEU A CB  1 
ATOM   1017 C  CG  . LEU A 1 129 ? -6.579  -12.467 -9.256  1.00 30.39 ? 129 LEU A CG  1 
ATOM   1018 C  CD1 . LEU A 1 129 ? -7.402  -11.205 -9.512  1.00 27.21 ? 129 LEU A CD1 1 
ATOM   1019 C  CD2 . LEU A 1 129 ? -6.704  -12.951 -7.814  1.00 26.53 ? 129 LEU A CD2 1 
ATOM   1020 O  OXT . LEU A 1 129 ? -6.594  -15.435 -12.709 1.00 28.61 ? 129 LEU A OXT 1 
HETATM 1021 N  N3C . UTX B 2 .   ? 2.122   -23.699 8.706   1.00 19.16 ? 201 UTX A N3C 1 
HETATM 1022 C  C3C . UTX B 2 .   ? 1.615   -24.751 8.884   1.00 17.18 ? 201 UTX A C3C 1 
HETATM 1023 C  C2C . UTX B 2 .   ? 1.007   -26.097 9.121   1.00 15.13 ? 201 UTX A C2C 1 
HETATM 1024 C  C1C . UTX B 2 .   ? -0.165  -26.416 8.164   1.00 13.48 ? 201 UTX A C1C 1 
HETATM 1025 S  S   . UTX B 2 .   ? -0.997  -27.868 8.628   1.00 14.80 ? 201 UTX A S   1 
HETATM 1026 B  B12 . UTX B 2 .   ? -1.851  -27.631 10.238  1.00 13.95 ? 201 UTX A B12 1 
HETATM 1027 B  B7  . UTX B 2 .   ? -1.801  -28.788 11.401  1.00 16.04 ? 201 UTX A B7  1 
HETATM 1028 B  B8  . UTX B 2 .   ? -1.036  -27.438 11.631  1.00 15.42 ? 201 UTX A B8  1 
HETATM 1029 B  B2  . UTX B 2 .   ? -1.842  -28.141 12.865  1.00 15.84 ? 201 UTX A B2  1 
HETATM 1030 B  B9  . UTX B 2 .   ? -1.957  -26.247 11.087  1.00 15.39 ? 201 UTX A B9  1 
HETATM 1031 B  B3  . UTX B 2 .   ? -1.911  -26.610 12.678  1.00 14.51 ? 201 UTX A B3  1 
HETATM 1032 B  B10 . UTX B 2 .   ? -3.307  -26.881 10.482  1.00 14.61 ? 201 UTX A B10 1 
HETATM 1033 B  B4  . UTX B 2 .   ? -3.290  -26.243 11.992  1.00 15.28 ? 201 UTX A B4  1 
HETATM 1034 B  B11 . UTX B 2 .   ? -3.199  -28.467 10.663  1.00 14.93 ? 201 UTX A B11 1 
HETATM 1035 B  B5  . UTX B 2 .   ? -4.096  -27.579 11.709  1.00 16.05 ? 201 UTX A B5  1 
HETATM 1036 B  B6  . UTX B 2 .   ? -3.163  -28.763 12.248  1.00 16.79 ? 201 UTX A B6  1 
HETATM 1037 B  B1  . UTX B 2 .   ? -3.197  -27.412 12.984  1.00 16.95 ? 201 UTX A B1  1 
HETATM 1038 C  C2B . UTX B 2 .   ? -2.293  -27.955 7.526   1.00 14.19 ? 201 UTX A C2B 1 
HETATM 1039 C  C1B . UTX B 2 .   ? -1.861  -28.367 6.143   1.00 14.73 ? 201 UTX A C1B 1 
HETATM 1040 O  O1B . UTX B 2 .   ? -0.718  -28.788 5.906   1.00 16.85 ? 201 UTX A O1B 1 
HETATM 1041 N  N   . UTX B 2 .   ? -2.814  -28.220 5.213   1.00 16.89 ? 201 UTX A N   1 
HETATM 1042 C  C   . UTX B 2 .   ? -2.558  -28.177 3.801   1.00 17.81 ? 201 UTX A C   1 
HETATM 1043 O  O   . UTX B 2 .   ? -1.642  -29.096 3.335   1.00 15.54 ? 201 UTX A O   1 
HETATM 1044 O  O6A . UTX B 2 .   ? -3.749  -28.135 3.097   1.00 15.63 ? 201 UTX A O6A 1 
HETATM 1045 C  C6A . UTX B 2 .   ? -3.688  -28.311 1.639   1.00 19.09 ? 201 UTX A C6A 1 
HETATM 1046 C  C5A . UTX B 2 .   ? -4.781  -27.407 1.117   1.00 20.14 ? 201 UTX A C5A 1 
HETATM 1047 C  C4A . UTX B 2 .   ? -4.267  -25.981 1.031   1.00 18.70 ? 201 UTX A C4A 1 
HETATM 1048 C  C3A . UTX B 2 .   ? -5.364  -24.921 0.800   1.00 20.54 ? 201 UTX A C3A 1 
HETATM 1049 C  C2A . UTX B 2 .   ? -4.796  -23.518 1.012   1.00 22.63 ? 201 UTX A C2A 1 
HETATM 1050 C  C1A . UTX B 2 .   ? -5.878  -22.394 1.021   1.00 24.40 ? 201 UTX A C1A 1 
HETATM 1051 N  N3  . UTX B 2 .   ? -6.538  -22.281 2.322   1.00 24.55 ? 201 UTX A N3  1 
HETATM 1052 C  C3  . UTX B 2 .   ? -5.925  -21.816 3.470   1.00 27.78 ? 201 UTX A C3  1 
HETATM 1053 C  C2  . UTX B 2 .   ? -4.626  -21.305 3.571   1.00 24.18 ? 201 UTX A C2  1 
HETATM 1054 C  CC2 . UTX B 2 .   ? -3.910  -21.194 2.500   1.00 25.47 ? 201 UTX A CC2 1 
HETATM 1055 N  NC2 . UTX B 2 .   ? -3.264  -21.078 1.532   1.00 23.77 ? 201 UTX A NC2 1 
HETATM 1056 N  N4  . UTX B 2 .   ? -6.702  -21.950 4.525   1.00 26.39 ? 201 UTX A N4  1 
HETATM 1057 O  O4  . UTX B 2 .   ? -7.840  -22.445 4.315   1.00 27.79 ? 201 UTX A O4  1 
HETATM 1058 C  C5  . UTX B 2 .   ? -6.282  -21.536 5.815   1.00 25.83 ? 201 UTX A C5  1 
HETATM 1059 C  C10 . UTX B 2 .   ? -4.928  -20.981 5.988   1.00 25.27 ? 201 UTX A C10 1 
HETATM 1060 N  N1  . UTX B 2 .   ? -4.139  -20.883 4.806   1.00 25.31 ? 201 UTX A N1  1 
HETATM 1061 O  O1  . UTX B 2 .   ? -2.975  -20.432 4.973   1.00 28.12 ? 201 UTX A O1  1 
HETATM 1062 C  C9  . UTX B 2 .   ? -4.485  -20.561 7.288   1.00 27.85 ? 201 UTX A C9  1 
HETATM 1063 C  C8  . UTX B 2 .   ? -5.385  -20.706 8.343   1.00 28.08 ? 201 UTX A C8  1 
HETATM 1064 C  C7  . UTX B 2 .   ? -6.659  -21.234 8.160   1.00 28.47 ? 201 UTX A C7  1 
HETATM 1065 C  C6  . UTX B 2 .   ? -7.119  -21.667 6.914   1.00 26.15 ? 201 UTX A C6  1 
HETATM 1066 S  S   . UTX C 2 .   ? 1.461   -21.349 4.555   1.00 17.34 ? 202 UTX A S   1 
HETATM 1067 B  B12 . UTX C 2 .   ? 0.945   -23.020 3.820   1.00 15.28 ? 202 UTX A B12 1 
HETATM 1068 B  B7  . UTX C 2 .   ? 1.735   -24.409 4.205   1.00 15.48 ? 202 UTX A B7  1 
HETATM 1069 B  B8  . UTX C 2 .   ? 0.176   -24.279 4.557   1.00 15.64 ? 202 UTX A B8  1 
HETATM 1070 B  B2  . UTX C 2 .   ? 0.769   -25.658 3.945   1.00 16.22 ? 202 UTX A B2  1 
HETATM 1071 B  B9  . UTX C 2 .   ? -0.539  -23.491 3.328   1.00 14.96 ? 202 UTX A B9  1 
HETATM 1072 B  B3  . UTX C 2 .   ? -0.624  -25.113 3.446   1.00 15.73 ? 202 UTX A B3  1 
HETATM 1073 B  B10 . UTX C 2 .   ? 0.588   -23.159 2.239   1.00 15.74 ? 202 UTX A B10 1 
HETATM 1074 B  B4  . UTX C 2 .   ? -0.409  -24.437 2.043   1.00 16.45 ? 202 UTX A B4  1 
HETATM 1075 B  B11 . UTX C 2 .   ? 2.001   -23.727 2.763   1.00 16.45 ? 202 UTX A B11 1 
HETATM 1076 B  B5  . UTX C 2 .   ? 1.163   -24.531 1.694   1.00 16.28 ? 202 UTX A B5  1 
HETATM 1077 B  B6  . UTX C 2 .   ? 1.944   -25.334 2.880   1.00 14.59 ? 202 UTX A B6  1 
HETATM 1078 B  B1  . UTX C 2 .   ? 0.436   -25.692 2.461   1.00 14.77 ? 202 UTX A B1  1 
HETATM 1079 C  C2B . UTX C 2 .   ? 1.699   -21.755 6.215   1.00 16.04 ? 202 UTX A C2B 1 
HETATM 1080 C  C1B . UTX C 2 .   ? 2.092   -20.622 7.128   1.00 17.91 ? 202 UTX A C1B 1 
HETATM 1081 O  O1B . UTX C 2 .   ? 2.196   -19.314 6.644   1.00 16.37 ? 202 UTX A O1B 1 
HETATM 1082 N  N   . UTX C 2 .   ? 2.374   -20.903 8.408   1.00 18.16 ? 202 UTX A N   1 
HETATM 1083 C  C   . UTX C 2 .   ? 3.030   -20.089 9.376   1.00 21.83 ? 202 UTX A C   1 
HETATM 1084 O  O   . UTX C 2 .   ? 2.690   -18.753 9.228   1.00 21.18 ? 202 UTX A O   1 
HETATM 1085 O  O6A . UTX C 2 .   ? 2.989   -20.728 10.581  1.00 22.11 ? 202 UTX A O6A 1 
HETATM 1086 C  C6A . UTX C 2 .   ? 3.478   -19.959 11.713  1.00 21.43 ? 202 UTX A C6A 1 
HETATM 1087 C  C5A . UTX C 2 .   ? 2.231   -19.448 12.453  1.00 27.09 ? 202 UTX A C5A 1 
HETATM 1088 C  C4A . UTX C 2 .   ? 1.268   -20.604 12.816  1.00 26.03 ? 202 UTX A C4A 1 
HETATM 1089 C  C3A . UTX C 2 .   ? -0.018  -20.846 12.023  1.00 24.74 ? 202 UTX A C3A 1 
HETATM 1090 C  C2A . UTX C 2 .   ? -0.796  -22.085 12.542  1.00 21.96 ? 202 UTX A C2A 1 
HETATM 1091 C  C1A . UTX C 2 .   ? -2.214  -22.229 11.991  1.00 23.27 ? 202 UTX A C1A 1 
HETATM 1092 N  N3  . UTX C 2 .   ? -2.173  -22.543 10.565  1.00 22.86 ? 202 UTX A N3  1 
HETATM 1093 C  C3  . UTX C 2 .   ? -3.196  -23.021 9.813   1.00 21.21 ? 202 UTX A C3  1 
HETATM 1094 C  C2  . UTX C 2 .   ? -4.586  -23.223 10.147  1.00 22.06 ? 202 UTX A C2  1 
HETATM 1095 C  CC2 . UTX C 2 .   ? -5.039  -22.962 11.328  1.00 31.39 ? 202 UTX A CC2 1 
HETATM 1096 N  NC2 . UTX C 2 .   ? -5.465  -22.703 12.385  1.00 35.30 ? 202 UTX A NC2 1 
HETATM 1097 N  N4  . UTX C 2 .   ? -2.813  -23.275 8.550   1.00 20.73 ? 202 UTX A N4  1 
HETATM 1098 O  O4  . UTX C 2 .   ? -1.591  -23.149 8.247   1.00 20.99 ? 202 UTX A O4  1 
HETATM 1099 C  C5  . UTX C 2 .   ? -3.673  -23.823 7.617   1.00 21.26 ? 202 UTX A C5  1 
HETATM 1100 C  C10 . UTX C 2 .   ? -5.088  -24.071 7.958   1.00 22.35 ? 202 UTX A C10 1 
HETATM 1101 N  N1  . UTX C 2 .   ? -5.469  -23.755 9.279   1.00 23.16 ? 202 UTX A N1  1 
HETATM 1102 O  O1  . UTX C 2 .   ? -6.685  -23.931 9.593   1.00 25.96 ? 202 UTX A O1  1 
HETATM 1103 C  C9  . UTX C 2 .   ? -5.960  -24.556 7.007   1.00 23.58 ? 202 UTX A C9  1 
HETATM 1104 C  C8  . UTX C 2 .   ? -5.503  -24.905 5.760   1.00 20.84 ? 202 UTX A C8  1 
HETATM 1105 C  C7  . UTX C 2 .   ? -4.201  -24.621 5.422   1.00 22.00 ? 202 UTX A C7  1 
HETATM 1106 C  C6  . UTX C 2 .   ? -3.255  -24.133 6.307   1.00 19.83 ? 202 UTX A C6  1 
HETATM 1107 NA NA  . NA  D 3 .   ? 8.288   13.549  2.671   1.00 10.34 ? 203 NA  A NA  1 
HETATM 1108 NA NA  . NA  E 3 .   ? 8.835   -13.322 -7.227  1.00 24.62 ? 204 NA  A NA  1 
HETATM 1109 O  O   . HOH F 4 .   ? 16.099  -5.361  -1.395  1.00 26.40 ? 301 HOH A O   1 
HETATM 1110 O  O   . HOH F 4 .   ? 4.358   -17.979 8.493   1.00 21.02 ? 302 HOH A O   1 
HETATM 1111 O  O   . HOH F 4 .   ? 10.630  -2.953  3.921   1.00 16.88 ? 303 HOH A O   1 
HETATM 1112 O  O   . HOH F 4 .   ? -6.637  8.169   -11.218 1.00 18.14 ? 304 HOH A O   1 
HETATM 1113 O  O   . HOH F 4 .   ? -0.740  -20.181 4.871   1.00 33.70 ? 305 HOH A O   1 
HETATM 1114 O  O   . HOH F 4 .   ? 0.378   -0.036  9.410   1.00 13.93 ? 307 HOH A O   1 
HETATM 1115 O  O   . HOH F 4 .   ? 0.141   -17.627 12.659  1.00 32.36 ? 308 HOH A O   1 
HETATM 1116 O  O   . HOH F 4 .   ? -11.205 8.292   -6.541  1.00 16.01 ? 309 HOH A O   1 
HETATM 1117 O  O   . HOH F 4 .   ? -9.151  -19.052 6.547   1.00 29.03 ? 310 HOH A O   1 
HETATM 1118 O  O   . HOH F 4 .   ? -9.401  -10.490 -12.992 1.00 18.89 ? 311 HOH A O   1 
HETATM 1119 O  O   . HOH F 4 .   ? 6.520   -3.525  11.741  1.00 20.73 ? 312 HOH A O   1 
HETATM 1120 O  O   . HOH F 4 .   ? 4.329   9.147   14.668  1.00 19.35 ? 313 HOH A O   1 
HETATM 1121 O  O   . HOH F 4 .   ? -0.268  -14.105 -8.823  1.00 23.98 ? 314 HOH A O   1 
HETATM 1122 O  O   . HOH F 4 .   ? 1.627   -13.208 -12.356 1.00 24.22 ? 315 HOH A O   1 
HETATM 1123 O  O   A HOH F 4 .   ? -14.739 -2.755  -0.654  0.65 11.66 ? 316 HOH A O   1 
HETATM 1124 O  O   B HOH F 4 .   ? -15.127 -5.202  0.069   0.35 13.15 ? 316 HOH A O   1 
HETATM 1125 O  O   . HOH F 4 .   ? -2.853  1.880   -14.552 1.00 19.61 ? 317 HOH A O   1 
HETATM 1126 O  O   . HOH F 4 .   ? 9.168   1.134   -8.029  1.00 17.19 ? 318 HOH A O   1 
HETATM 1127 O  O   . HOH F 4 .   ? 7.234   5.526   7.741   1.00 34.56 ? 319 HOH A O   1 
HETATM 1128 O  O   . HOH F 4 .   ? 6.501   -1.029  -11.282 1.00 28.28 ? 320 HOH A O   1 
HETATM 1129 O  O   . HOH F 4 .   ? 12.896  -5.802  1.876   1.00 9.75  ? 321 HOH A O   1 
HETATM 1130 O  O   . HOH F 4 .   ? -6.487  -10.606 10.651  1.00 12.82 ? 322 HOH A O   1 
HETATM 1131 O  O   . HOH F 4 .   ? -4.204  4.750   -5.697  1.00 10.96 ? 323 HOH A O   1 
HETATM 1132 O  O   . HOH F 4 .   ? 2.093   15.353  7.061   1.00 7.19  ? 324 HOH A O   1 
HETATM 1133 O  O   . HOH F 4 .   ? -8.746  2.293   -10.638 1.00 23.66 ? 325 HOH A O   1 
HETATM 1134 O  O   . HOH F 4 .   ? -0.904  17.775  -5.159  1.00 17.21 ? 326 HOH A O   1 
HETATM 1135 O  O   . HOH F 4 .   ? 6.323   -8.267  -10.764 1.00 21.66 ? 327 HOH A O   1 
HETATM 1136 O  O   . HOH F 4 .   ? -12.856 7.013   -2.177  1.00 9.15  ? 328 HOH A O   1 
HETATM 1137 O  O   . HOH F 4 .   ? -4.432  9.318   13.295  1.00 33.95 ? 329 HOH A O   1 
HETATM 1138 O  O   . HOH F 4 .   ? -3.791  4.504   -3.150  1.00 18.38 ? 330 HOH A O   1 
HETATM 1139 O  O   . HOH F 4 .   ? -7.281  10.307  10.163  1.00 21.25 ? 331 HOH A O   1 
HETATM 1140 O  O   . HOH F 4 .   ? 6.664   8.265   10.886  1.00 29.84 ? 332 HOH A O   1 
HETATM 1141 O  O   . HOH F 4 .   ? -8.438  -0.567  8.928   1.00 13.84 ? 333 HOH A O   1 
HETATM 1142 O  O   A HOH F 4 .   ? -7.381  3.901   7.094   0.50 13.43 ? 334 HOH A O   1 
HETATM 1143 O  O   B HOH F 4 .   ? -6.710  3.100   8.489   0.50 14.81 ? 334 HOH A O   1 
HETATM 1144 O  O   . HOH F 4 .   ? -5.807  -12.680 6.895   1.00 15.58 ? 335 HOH A O   1 
HETATM 1145 O  O   . HOH F 4 .   ? -17.112 0.569   -3.846  1.00 25.06 ? 336 HOH A O   1 
HETATM 1146 O  O   . HOH F 4 .   ? -8.409  -16.546 -6.936  1.00 22.72 ? 337 HOH A O   1 
HETATM 1147 O  O   . HOH F 4 .   ? 1.369   2.453   6.857   1.00 15.47 ? 338 HOH A O   1 
HETATM 1148 O  O   . HOH F 4 .   ? 2.343   0.050   -11.132 1.00 24.82 ? 339 HOH A O   1 
HETATM 1149 O  O   . HOH F 4 .   ? -8.690  10.964  3.702   1.00 9.03  ? 340 HOH A O   1 
HETATM 1150 O  O   . HOH F 4 .   ? 2.552   -10.742 13.956  1.00 20.27 ? 341 HOH A O   1 
HETATM 1151 O  O   . HOH F 4 .   ? 13.811  0.889   -0.829  1.00 22.74 ? 342 HOH A O   1 
HETATM 1152 O  O   . HOH F 4 .   ? 2.782   -16.663 7.018   1.00 16.12 ? 343 HOH A O   1 
HETATM 1153 O  O   . HOH F 4 .   ? -9.535  -3.880  -11.150 1.00 17.82 ? 344 HOH A O   1 
HETATM 1154 O  O   . HOH F 4 .   ? -5.442  13.425  7.003   0.50 12.88 ? 345 HOH A O   1 
HETATM 1155 O  O   . HOH F 4 .   ? 14.624  7.015   -4.664  1.00 25.02 ? 346 HOH A O   1 
HETATM 1156 O  O   . HOH F 4 .   ? 9.454   -12.548 0.790   1.00 9.34  ? 347 HOH A O   1 
HETATM 1157 O  O   . HOH F 4 .   ? -4.323  0.104   10.003  1.00 10.85 ? 348 HOH A O   1 
HETATM 1158 O  O   . HOH F 4 .   ? -8.477  -17.095 -11.193 1.00 31.09 ? 349 HOH A O   1 
HETATM 1159 O  O   . HOH F 4 .   ? 0.673   6.423   13.493  1.00 40.99 ? 350 HOH A O   1 
HETATM 1160 O  O   . HOH F 4 .   ? -0.588  2.786   8.783   1.00 12.52 ? 351 HOH A O   1 
HETATM 1161 O  O   . HOH F 4 .   ? 9.624   5.611   10.186  1.00 39.08 ? 352 HOH A O   1 
HETATM 1162 O  O   . HOH F 4 .   ? -14.883 0.070   -7.096  1.00 17.58 ? 353 HOH A O   1 
HETATM 1163 O  O   . HOH F 4 .   ? 5.428   -14.734 -4.294  1.00 26.85 ? 354 HOH A O   1 
HETATM 1164 O  O   . HOH F 4 .   ? -13.593 1.878   2.624   1.00 17.40 ? 355 HOH A O   1 
HETATM 1165 O  O   . HOH F 4 .   ? -15.394 -3.681  6.165   1.00 34.61 ? 356 HOH A O   1 
HETATM 1166 O  O   . HOH F 4 .   ? -5.279  -8.346  -13.585 1.00 24.57 ? 357 HOH A O   1 
HETATM 1167 O  O   . HOH F 4 .   ? -10.319 -2.111  7.402   1.00 18.65 ? 358 HOH A O   1 
HETATM 1168 O  O   . HOH F 4 .   ? -1.191  9.058   -9.267  1.00 14.99 ? 359 HOH A O   1 
HETATM 1169 O  O   . HOH F 4 .   ? 4.675   18.068  10.602  1.00 23.20 ? 360 HOH A O   1 
HETATM 1170 O  O   . HOH F 4 .   ? -2.578  4.485   8.754   1.00 11.29 ? 361 HOH A O   1 
HETATM 1171 O  O   . HOH F 4 .   ? 17.049  -1.729  -0.449  1.00 25.29 ? 362 HOH A O   1 
HETATM 1172 O  O   . HOH F 4 .   ? 8.889   16.350  11.325  1.00 42.01 ? 363 HOH A O   1 
HETATM 1173 O  O   . HOH F 4 .   ? 0.733   -15.977 5.731   1.00 17.39 ? 364 HOH A O   1 
HETATM 1174 O  O   . HOH F 4 .   ? 1.095   -29.512 3.873   1.00 17.82 ? 365 HOH A O   1 
HETATM 1175 O  O   . HOH F 4 .   ? 7.925   -4.708  -11.273 1.00 24.37 ? 366 HOH A O   1 
HETATM 1176 O  O   . HOH F 4 .   ? 7.780   5.854   -7.091  1.00 16.48 ? 367 HOH A O   1 
HETATM 1177 O  O   . HOH F 4 .   ? 14.388  10.917  -3.650  1.00 23.23 ? 368 HOH A O   1 
HETATM 1178 O  O   . HOH F 4 .   ? -1.528  6.284   10.735  1.00 17.81 ? 369 HOH A O   1 
HETATM 1179 O  O   . HOH F 4 .   ? 2.497   4.996   9.933   1.00 20.62 ? 370 HOH A O   1 
HETATM 1180 O  O   . HOH F 4 .   ? -0.099  14.632  14.809  1.00 31.56 ? 371 HOH A O   1 
HETATM 1181 O  O   . HOH F 4 .   ? -1.094  -16.001 -13.350 1.00 28.50 ? 372 HOH A O   1 
HETATM 1182 O  O   . HOH F 4 .   ? 5.129   6.278   -7.132  1.00 15.08 ? 373 HOH A O   1 
HETATM 1183 O  O   . HOH F 4 .   ? 2.046   -13.689 5.393   1.00 15.13 ? 374 HOH A O   1 
HETATM 1184 O  O   . HOH F 4 .   ? -0.957  4.011   -0.893  1.00 8.90  ? 375 HOH A O   1 
HETATM 1185 O  O   . HOH F 4 .   ? -0.600  -11.192 12.062  1.00 9.05  ? 376 HOH A O   1 
HETATM 1186 O  O   . HOH F 4 .   ? -5.091  12.554  -6.136  1.00 16.87 ? 377 HOH A O   1 
HETATM 1187 O  O   . HOH F 4 .   ? -15.649 -0.544  -9.891  1.00 34.90 ? 378 HOH A O   1 
HETATM 1188 O  O   . HOH F 4 .   ? 0.389   -14.220 -5.993  1.00 13.40 ? 379 HOH A O   1 
HETATM 1189 O  O   . HOH F 4 .   ? 6.682   15.405  3.005   1.00 9.37  ? 380 HOH A O   1 
HETATM 1190 O  O   . HOH F 4 .   ? -10.830 -1.468  -11.306 1.00 32.80 ? 381 HOH A O   1 
HETATM 1191 O  O   . HOH F 4 .   ? 9.069   19.618  0.946   1.00 23.60 ? 382 HOH A O   1 
HETATM 1192 O  O   . HOH F 4 .   ? 10.809  -3.324  -9.535  1.00 29.93 ? 383 HOH A O   1 
HETATM 1193 O  O   . HOH F 4 .   ? -2.933  7.656   12.125  1.00 33.83 ? 384 HOH A O   1 
HETATM 1194 O  O   . HOH F 4 .   ? 6.341   -11.095 13.467  1.00 16.95 ? 385 HOH A O   1 
HETATM 1195 O  O   . HOH F 4 .   ? 12.248  19.662  5.629   0.50 14.60 ? 386 HOH A O   1 
HETATM 1196 O  O   . HOH F 4 .   ? 0.421   -14.610 12.970  1.00 23.28 ? 387 HOH A O   1 
HETATM 1197 O  O   . HOH F 4 .   ? -14.092 -1.808  1.841   1.00 19.97 ? 388 HOH A O   1 
HETATM 1198 O  O   . HOH F 4 .   ? -5.671  -17.417 9.388   1.00 15.58 ? 389 HOH A O   1 
HETATM 1199 O  O   . HOH F 4 .   ? 10.409  -9.231  -6.975  1.00 17.72 ? 390 HOH A O   1 
HETATM 1200 O  O   . HOH F 4 .   ? -5.101  -22.019 15.171  1.00 40.18 ? 391 HOH A O   1 
HETATM 1201 O  O   . HOH F 4 .   ? -13.272 2.738   -11.378 1.00 25.32 ? 392 HOH A O   1 
HETATM 1202 O  O   . HOH F 4 .   ? 10.327  0.417   6.476   1.00 26.02 ? 393 HOH A O   1 
HETATM 1203 O  O   . HOH F 4 .   ? -7.400  -8.416  12.183  1.00 8.85  ? 394 HOH A O   1 
HETATM 1204 O  O   . HOH F 4 .   ? -10.792 4.396   4.438   1.00 16.33 ? 395 HOH A O   1 
HETATM 1205 O  O   . HOH F 4 .   ? 3.011   0.926   8.985   1.00 19.62 ? 396 HOH A O   1 
HETATM 1206 O  O   . HOH F 4 .   ? -1.388  6.353   -10.150 1.00 12.31 ? 397 HOH A O   1 
HETATM 1207 O  O   . HOH F 4 .   ? -10.736 -3.213  11.233  1.00 10.60 ? 398 HOH A O   1 
HETATM 1208 O  O   . HOH F 4 .   ? -3.556  11.967  14.439  1.00 32.68 ? 399 HOH A O   1 
HETATM 1209 O  O   . HOH F 4 .   ? -5.634  11.699  11.119  1.00 20.01 ? 400 HOH A O   1 
HETATM 1210 O  O   . HOH F 4 .   ? 14.869  1.971   -5.981  1.00 46.27 ? 401 HOH A O   1 
HETATM 1211 O  O   . HOH F 4 .   ? -13.394 1.776   7.043   1.00 30.29 ? 402 HOH A O   1 
HETATM 1212 O  O   . HOH F 4 .   ? -0.880  -31.068 1.309   1.00 29.23 ? 403 HOH A O   1 
HETATM 1213 O  O   . HOH F 4 .   ? -15.237 -6.822  -1.885  1.00 22.20 ? 404 HOH A O   1 
HETATM 1214 O  O   . HOH F 4 .   ? 3.985   2.223   7.234   1.00 29.88 ? 405 HOH A O   1 
HETATM 1215 O  O   . HOH F 4 .   ? 9.126   15.239  1.229   1.00 12.37 ? 406 HOH A O   1 
HETATM 1216 O  O   . HOH F 4 .   ? 8.347   3.406   6.165   1.00 27.56 ? 407 HOH A O   1 
HETATM 1217 O  O   . HOH F 4 .   ? -16.300 -3.195  -7.068  1.00 24.00 ? 408 HOH A O   1 
HETATM 1218 O  O   . HOH F 4 .   ? -1.527  14.117  -7.611  1.00 20.18 ? 409 HOH A O   1 
HETATM 1219 O  O   . HOH F 4 .   ? 4.686   1.933   -13.857 1.00 32.05 ? 410 HOH A O   1 
HETATM 1220 O  O   . HOH F 4 .   ? -15.727 3.909   -5.288  1.00 16.85 ? 411 HOH A O   1 
HETATM 1221 O  O   . HOH F 4 .   ? 11.776  -6.308  9.375   1.00 26.50 ? 412 HOH A O   1 
HETATM 1222 O  O   . HOH F 4 .   ? -8.159  6.988   -13.098 1.00 25.96 ? 413 HOH A O   1 
HETATM 1223 O  O   . HOH F 4 .   ? -1.737  21.338  7.281   1.00 21.68 ? 414 HOH A O   1 
HETATM 1224 O  O   . HOH F 4 .   ? 7.795   1.382   7.364   1.00 37.03 ? 415 HOH A O   1 
HETATM 1225 O  O   . HOH F 4 .   ? 7.301   14.062  -8.733  1.00 26.83 ? 416 HOH A O   1 
HETATM 1226 O  O   . HOH F 4 .   ? 11.982  -1.645  -5.871  1.00 25.15 ? 417 HOH A O   1 
HETATM 1227 O  O   . HOH F 4 .   ? 1.514   -6.752  -19.053 1.00 18.56 ? 418 HOH A O   1 
HETATM 1228 O  O   . HOH F 4 .   ? 4.842   -3.684  -13.309 1.00 28.13 ? 419 HOH A O   1 
HETATM 1229 O  O   . HOH F 4 .   ? 8.734   9.053   -9.451  1.00 26.43 ? 420 HOH A O   1 
HETATM 1230 O  O   . HOH F 4 .   ? -2.900  -14.650 -9.832  1.00 33.79 ? 421 HOH A O   1 
HETATM 1231 O  O   . HOH F 4 .   ? 11.003  -10.542 2.817   1.00 2.00  ? 422 HOH A O   1 
HETATM 1232 O  O   A HOH F 4 .   ? 5.110   3.897   4.525   0.64 10.25 ? 423 HOH A O   1 
HETATM 1233 O  O   B HOH F 4 .   ? 6.028   2.173   5.257   0.36 10.11 ? 423 HOH A O   1 
HETATM 1234 O  O   . HOH F 4 .   ? 1.912   -15.833 2.104   1.00 28.67 ? 424 HOH A O   1 
HETATM 1235 O  O   . HOH F 4 .   ? 7.177   16.772  14.778  1.00 21.96 ? 425 HOH A O   1 
HETATM 1236 O  O   . HOH F 4 .   ? -2.133  -15.395 -1.515  1.00 4.24  ? 426 HOH A O   1 
HETATM 1237 O  O   A HOH F 4 .   ? 16.691  -7.300  -6.284  0.71 22.43 ? 427 HOH A O   1 
HETATM 1238 O  O   B HOH F 4 .   ? 14.949  -8.516  -6.677  0.29 16.84 ? 427 HOH A O   1 
HETATM 1239 O  O   . HOH F 4 .   ? 3.961   20.750  9.626   1.00 34.68 ? 428 HOH A O   1 
HETATM 1240 O  O   . HOH F 4 .   ? -14.656 -9.152  -4.490  1.00 18.42 ? 429 HOH A O   1 
HETATM 1241 O  O   . HOH F 4 .   ? 14.771  16.904  3.538   1.00 32.80 ? 430 HOH A O   1 
HETATM 1242 O  O   . HOH F 4 .   ? 11.105  7.340   -8.794  1.00 22.45 ? 431 HOH A O   1 
HETATM 1243 O  O   . HOH F 4 .   ? 12.037  15.625  0.930   1.00 23.48 ? 432 HOH A O   1 
HETATM 1244 O  O   . HOH F 4 .   ? 4.777   4.220   8.453   1.00 29.12 ? 433 HOH A O   1 
HETATM 1245 O  O   . HOH F 4 .   ? -1.963  4.963   -15.082 1.00 24.64 ? 434 HOH A O   1 
HETATM 1246 O  O   . HOH F 4 .   ? -8.154  10.019  -9.258  1.00 21.07 ? 435 HOH A O   1 
HETATM 1247 O  O   . HOH F 4 .   ? -1.850  5.710   -6.486  1.00 12.86 ? 436 HOH A O   1 
HETATM 1248 O  O   . HOH F 4 .   ? -13.135 4.044   3.937   1.00 17.67 ? 437 HOH A O   1 
HETATM 1249 O  O   A HOH F 4 .   ? -9.031  -19.848 -4.650  0.52 14.11 ? 438 HOH A O   1 
HETATM 1250 O  O   B HOH F 4 .   ? -9.798  -19.031 -5.932  0.48 14.78 ? 438 HOH A O   1 
HETATM 1251 O  O   . HOH F 4 .   ? 15.249  -9.194  -0.299  1.00 46.98 ? 439 HOH A O   1 
HETATM 1252 O  O   . HOH F 4 .   ? -2.161  -18.102 2.697   1.00 23.38 ? 440 HOH A O   1 
HETATM 1253 O  O   . HOH F 4 .   ? 9.426   -9.198  12.336  1.00 19.00 ? 441 HOH A O   1 
HETATM 1254 O  O   . HOH F 4 .   ? 14.379  11.949  -0.993  1.00 19.49 ? 442 HOH A O   1 
HETATM 1255 O  O   . HOH F 4 .   ? 0.511   -3.204  -19.772 1.00 26.19 ? 443 HOH A O   1 
HETATM 1256 O  O   . HOH F 4 .   ? 5.477   20.973  -1.250  1.00 9.88  ? 444 HOH A O   1 
HETATM 1257 O  O   . HOH F 4 .   ? 10.579  16.525  -2.753  1.00 15.25 ? 445 HOH A O   1 
HETATM 1258 O  O   . HOH F 4 .   ? 7.196   23.531  2.743   1.00 36.77 ? 446 HOH A O   1 
HETATM 1259 O  O   . HOH F 4 .   ? 12.115  -10.249 -0.021  1.00 20.40 ? 447 HOH A O   1 
HETATM 1260 O  O   . HOH F 4 .   ? 19.282  13.229  4.152   1.00 31.55 ? 448 HOH A O   1 
HETATM 1261 O  O   . HOH F 4 .   ? -0.221  20.234  11.842  1.00 35.83 ? 449 HOH A O   1 
HETATM 1262 O  O   . HOH F 4 .   ? 9.992   -2.857  9.372   1.00 36.71 ? 450 HOH A O   1 
HETATM 1263 O  O   . HOH F 4 .   ? 5.092   -9.031  15.469  1.00 35.17 ? 451 HOH A O   1 
HETATM 1264 O  O   . HOH F 4 .   ? 7.966   -1.152  10.691  1.00 39.42 ? 452 HOH A O   1 
HETATM 1265 O  O   . HOH F 4 .   ? 15.317  -6.995  0.957   1.00 22.64 ? 454 HOH A O   1 
HETATM 1266 O  O   . HOH F 4 .   ? -14.584 -7.144  -6.161  1.00 11.08 ? 455 HOH A O   1 
HETATM 1267 O  O   . HOH F 4 .   ? 11.052  17.545  3.737   1.00 23.41 ? 456 HOH A O   1 
HETATM 1268 O  O   . HOH F 4 .   ? 7.941   18.143  3.749   1.00 3.95  ? 457 HOH A O   1 
HETATM 1269 O  O   . HOH F 4 .   ? -2.130  17.082  13.372  1.00 32.64 ? 458 HOH A O   1 
HETATM 1270 O  O   . HOH F 4 .   ? 7.522   15.019  -5.985  1.00 19.27 ? 459 HOH A O   1 
HETATM 1271 O  O   . HOH F 4 .   ? 10.659  -12.181 -5.792  1.00 29.26 ? 460 HOH A O   1 
HETATM 1272 O  O   . HOH F 4 .   ? 5.744   17.207  -4.785  1.00 12.21 ? 461 HOH A O   1 
HETATM 1273 O  O   . HOH F 4 .   ? -17.045 -16.251 -14.831 1.00 38.82 ? 462 HOH A O   1 
HETATM 1274 O  O   . HOH F 4 .   ? -15.771 -15.334 -3.284  1.00 25.60 ? 463 HOH A O   1 
HETATM 1275 O  O   . HOH F 4 .   ? -5.967  0.847   -11.036 1.00 9.46  ? 464 HOH A O   1 
HETATM 1276 O  O   . HOH F 4 .   ? -11.883 -19.811 -17.106 1.00 33.79 ? 465 HOH A O   1 
HETATM 1277 O  O   . HOH F 4 .   ? -0.548  -17.379 0.469   1.00 26.53 ? 466 HOH A O   1 
HETATM 1278 O  O   . HOH F 4 .   ? 8.222   -14.932 -5.786  1.00 34.53 ? 467 HOH A O   1 
HETATM 1279 O  O   . HOH F 4 .   ? 8.108   13.254  10.734  1.00 26.82 ? 468 HOH A O   1 
HETATM 1280 O  O   . HOH F 4 .   ? -14.653 -20.092 -16.854 1.00 18.16 ? 469 HOH A O   1 
HETATM 1281 O  O   . HOH F 4 .   ? -12.398 9.404   -9.976  1.00 35.45 ? 470 HOH A O   1 
HETATM 1282 O  O   . HOH F 4 .   ? 12.287  -7.182  -7.176  1.00 23.89 ? 471 HOH A O   1 
HETATM 1283 O  O   . HOH F 4 .   ? -6.052  -1.626  -12.929 1.00 29.61 ? 472 HOH A O   1 
HETATM 1284 O  O   . HOH F 4 .   ? -1.813  0.915   10.711  1.00 18.21 ? 473 HOH A O   1 
HETATM 1285 O  O   . HOH F 4 .   ? 4.039   -15.783 10.841  1.00 21.50 ? 474 HOH A O   1 
HETATM 1286 O  O   . HOH F 4 .   ? -7.337  -4.826  -13.486 1.00 24.34 ? 475 HOH A O   1 
HETATM 1287 O  O   . HOH F 4 .   ? 2.936   -1.129  -13.415 1.00 29.37 ? 476 HOH A O   1 
HETATM 1288 O  O   . HOH F 4 .   ? -12.071 5.378   -12.053 1.00 36.24 ? 477 HOH A O   1 
HETATM 1289 O  O   . HOH F 4 .   ? 9.029   20.577  -2.401  1.00 37.01 ? 478 HOH A O   1 
HETATM 1290 O  O   . HOH F 4 .   ? 14.023  14.466  -0.654  1.00 27.34 ? 479 HOH A O   1 
HETATM 1291 O  O   . HOH F 4 .   ? -3.241  -24.048 15.058  1.00 26.24 ? 480 HOH A O   1 
HETATM 1292 O  O   . HOH F 4 .   ? 10.014  10.722  -10.936 1.00 42.72 ? 481 HOH A O   1 
HETATM 1293 O  O   . HOH F 4 .   ? -17.224 -3.692  -4.521  1.00 22.02 ? 482 HOH A O   1 
HETATM 1294 O  O   . HOH F 4 .   ? 9.104   20.507  5.308   1.00 21.28 ? 483 HOH A O   1 
HETATM 1295 O  O   . HOH F 4 .   ? -4.083  -19.244 10.763  1.00 29.36 ? 484 HOH A O   1 
HETATM 1296 O  O   . HOH F 4 .   ? 11.866  -13.693 -3.672  1.00 19.36 ? 485 HOH A O   1 
HETATM 1297 O  O   . HOH F 4 .   ? -14.937 -1.562  8.783   1.00 33.22 ? 486 HOH A O   1 
HETATM 1298 O  O   . HOH F 4 .   ? 8.472   0.199   -11.011 1.00 35.80 ? 487 HOH A O   1 
HETATM 1299 O  O   . HOH F 4 .   ? -10.675 10.867  -8.862  1.00 29.74 ? 488 HOH A O   1 
HETATM 1300 O  O   . HOH F 4 .   ? 4.945   6.749   -9.841  1.00 20.14 ? 489 HOH A O   1 
HETATM 1301 O  O   . HOH F 4 .   ? 16.920  7.496   3.736   1.00 28.88 ? 490 HOH A O   1 
HETATM 1302 O  O   . HOH F 4 .   ? -2.585  10.679  -10.739 1.00 28.60 ? 491 HOH A O   1 
HETATM 1303 O  O   . HOH F 4 .   ? -0.488  6.860   -12.808 1.00 37.00 ? 492 HOH A O   1 
HETATM 1304 O  O   . HOH F 4 .   ? 13.012  15.106  -3.417  1.00 28.99 ? 493 HOH A O   1 
HETATM 1305 O  O   . HOH F 4 .   ? -13.301 9.533   -7.533  1.00 35.42 ? 494 HOH A O   1 
HETATM 1306 O  O   . HOH F 4 .   ? 13.488  -10.704 -3.432  1.00 31.78 ? 495 HOH A O   1 
HETATM 1307 O  O   . HOH F 4 .   ? -6.170  11.941  -8.601  1.00 22.24 ? 496 HOH A O   1 
HETATM 1308 O  O   . HOH F 4 .   ? 5.769   21.168  -4.181  1.00 29.13 ? 497 HOH A O   1 
HETATM 1309 O  O   . HOH F 4 .   ? 11.350  18.150  -0.509  1.00 41.31 ? 498 HOH A O   1 
HETATM 1310 O  O   . HOH F 4 .   ? -15.773 2.315   -7.752  1.00 31.75 ? 499 HOH A O   1 
HETATM 1311 O  O   . HOH F 4 .   ? -10.384 2.110   -13.929 0.50 39.35 ? 500 HOH A O   1 
HETATM 1312 O  O   . HOH F 4 .   ? -17.422 -0.779  -7.824  1.00 29.31 ? 501 HOH A O   1 
HETATM 1313 O  O   . HOH F 4 .   ? 7.357   22.246  0.309   1.00 18.02 ? 502 HOH A O   1 
HETATM 1314 O  O   . HOH F 4 .   ? 14.371  -3.403  -8.670  1.00 49.77 ? 503 HOH A O   1 
HETATM 1315 O  O   . HOH F 4 .   ? 13.749  -0.338  -5.137  1.00 35.27 ? 504 HOH A O   1 
HETATM 1316 O  O   . HOH F 4 .   ? 3.487   22.750  7.586   1.00 38.02 ? 505 HOH A O   1 
HETATM 1317 O  O   . HOH F 4 .   ? 16.508  12.671  -4.339  1.00 31.39 ? 506 HOH A O   1 
HETATM 1318 O  O   A HOH F 4 .   ? 8.844   4.157   -9.480  0.51 15.72 ? 507 HOH A O   1 
HETATM 1319 O  O   B HOH F 4 .   ? 7.963   5.229   -10.158 0.49 24.06 ? 507 HOH A O   1 
HETATM 1320 O  O   . HOH F 4 .   ? -18.213 2.983   -3.948  1.00 34.86 ? 508 HOH A O   1 
HETATM 1321 O  O   . HOH F 4 .   ? 12.677  -1.410  -9.722  1.00 37.37 ? 509 HOH A O   1 
HETATM 1322 O  O   . HOH F 4 .   ? 12.555  12.333  13.834  1.00 23.07 ? 510 HOH A O   1 
HETATM 1323 O  O   . HOH F 4 .   ? 8.455   -9.323  -9.409  1.00 25.13 ? 511 HOH A O   1 
HETATM 1324 O  O   . HOH F 4 .   ? -17.194 -6.072  -3.520  1.00 32.43 ? 512 HOH A O   1 
HETATM 1325 O  O   . HOH F 4 .   ? -3.138  -32.710 0.958   1.00 19.09 ? 513 HOH A O   1 
HETATM 1326 O  O   A HOH F 4 .   ? 4.282   -12.912 13.493  0.64 15.63 ? 514 HOH A O   1 
HETATM 1327 O  O   B HOH F 4 .   ? 3.225   -14.916 13.016  0.36 10.83 ? 514 HOH A O   1 
HETATM 1328 O  O   . HOH F 4 .   ? -5.675  13.191  13.569  0.50 26.45 ? 515 HOH A O   1 
HETATM 1329 O  O   . HOH F 4 .   ? -12.376 7.786   -13.798 0.50 62.16 ? 516 HOH A O   1 
HETATM 1330 O  O   . HOH F 4 .   ? 2.594   12.577  -9.538  1.00 23.23 ? 517 HOH A O   1 
HETATM 1331 O  O   . HOH F 4 .   ? -8.216  -18.829 9.324   1.00 25.64 ? 518 HOH A O   1 
HETATM 1332 O  O   . HOH F 4 .   ? 3.275   8.354   -11.089 1.00 29.63 ? 519 HOH A O   1 
HETATM 1333 O  O   . HOH F 4 .   ? 1.110   9.868   -10.610 1.00 19.95 ? 520 HOH A O   1 
HETATM 1334 O  O   . HOH F 4 .   ? 0.468   14.386  -9.588  1.00 23.10 ? 521 HOH A O   1 
HETATM 1335 O  O   . HOH F 4 .   ? 5.472   2.872   11.540  1.00 40.20 ? 522 HOH A O   1 
HETATM 1336 O  O   . HOH F 4 .   ? -1.486  12.813  18.918  1.00 45.65 ? 523 HOH A O   1 
HETATM 1337 O  O   . HOH F 4 .   ? 0.672   11.403  -13.000 1.00 41.67 ? 524 HOH A O   1 
# 
